data_1XCE
# 
_entry.id   1XCE 
# 
_audit_conform.dict_name       mmcif_pdbx.dic 
_audit_conform.dict_version    5.391 
_audit_conform.dict_location   http://mmcif.pdb.org/dictionaries/ascii/mmcif_pdbx.dic 
# 
loop_
_database_2.database_id 
_database_2.database_code 
_database_2.pdbx_database_accession 
_database_2.pdbx_DOI 
PDB   1XCE         pdb_00001xce 10.2210/pdb1xce/pdb 
RCSB  RCSB030199   ?            ?                   
WWPDB D_1000030199 ?            ?                   
# 
loop_
_pdbx_audit_revision_history.ordinal 
_pdbx_audit_revision_history.data_content_type 
_pdbx_audit_revision_history.major_revision 
_pdbx_audit_revision_history.minor_revision 
_pdbx_audit_revision_history.revision_date 
1 'Structure model' 1 0 2005-02-08 
2 'Structure model' 1 1 2008-04-30 
3 'Structure model' 1 2 2011-07-13 
4 'Structure model' 1 3 2018-06-06 
5 'Structure model' 1 4 2024-05-01 
# 
_pdbx_audit_revision_details.ordinal             1 
_pdbx_audit_revision_details.revision_ordinal    1 
_pdbx_audit_revision_details.data_content_type   'Structure model' 
_pdbx_audit_revision_details.provider            repository 
_pdbx_audit_revision_details.type                'Initial release' 
_pdbx_audit_revision_details.description         ? 
_pdbx_audit_revision_details.details             ? 
# 
loop_
_pdbx_audit_revision_group.ordinal 
_pdbx_audit_revision_group.revision_ordinal 
_pdbx_audit_revision_group.data_content_type 
_pdbx_audit_revision_group.group 
1 2 'Structure model' 'Version format compliance' 
2 3 'Structure model' 'Version format compliance' 
3 4 'Structure model' Advisory                    
4 4 'Structure model' 'Data collection'           
5 4 'Structure model' 'Derived calculations'      
6 4 'Structure model' 'Experimental preparation'  
7 4 'Structure model' 'Source and taxonomy'       
8 5 'Structure model' 'Data collection'           
9 5 'Structure model' 'Database references'       
# 
loop_
_pdbx_audit_revision_category.ordinal 
_pdbx_audit_revision_category.revision_ordinal 
_pdbx_audit_revision_category.data_content_type 
_pdbx_audit_revision_category.category 
1  4 'Structure model' database_PDB_caveat              
2  4 'Structure model' ndb_struct_conf_na               
3  4 'Structure model' ndb_struct_na_base_pair          
4  4 'Structure model' ndb_struct_na_base_pair_step     
5  4 'Structure model' pdbx_entity_src_syn              
6  4 'Structure model' pdbx_nmr_exptl_sample_conditions 
7  4 'Structure model' pdbx_struct_assembly             
8  4 'Structure model' pdbx_struct_assembly_prop        
9  4 'Structure model' pdbx_struct_oper_list            
10 5 'Structure model' chem_comp_atom                   
11 5 'Structure model' chem_comp_bond                   
12 5 'Structure model' database_2                       
# 
loop_
_pdbx_audit_revision_item.ordinal 
_pdbx_audit_revision_item.revision_ordinal 
_pdbx_audit_revision_item.data_content_type 
_pdbx_audit_revision_item.item 
1 4 'Structure model' '_pdbx_entity_src_syn.ncbi_taxonomy_id'         
2 4 'Structure model' '_pdbx_entity_src_syn.organism_common_name'     
3 4 'Structure model' '_pdbx_entity_src_syn.organism_scientific'      
4 4 'Structure model' '_pdbx_nmr_exptl_sample_conditions.temperature' 
5 5 'Structure model' '_database_2.pdbx_DOI'                          
6 5 'Structure model' '_database_2.pdbx_database_accession'           
# 
loop_
_database_PDB_caveat.id 
_database_PDB_caveat.text 
1 
;DG A 4 HAS WRONG CHIRALITY AT ATOM C4'
;
2 
;DG B 4 HAS WRONG CHIRALITY AT ATOM C4'
;
3 
;DG C 4 HAS WRONG CHIRALITY AT ATOM C4'
;
4 
;DG D 4 HAS WRONG CHIRALITY AT ATOM C4'
;
5 'chirality error at G4'                  
# 
_pdbx_database_status.status_code                     REL 
_pdbx_database_status.entry_id                        1XCE 
_pdbx_database_status.recvd_initial_deposition_date   2004-09-01 
_pdbx_database_status.deposit_site                    RCSB 
_pdbx_database_status.process_site                    RCSB 
_pdbx_database_status.status_code_sf                  ? 
_pdbx_database_status.status_code_mr                  REL 
_pdbx_database_status.SG_entry                        ? 
_pdbx_database_status.pdb_format_compatible           Y 
_pdbx_database_status.status_code_cs                  ? 
_pdbx_database_status.methods_development_category    ? 
_pdbx_database_status.status_code_nmr_data            ? 
# 
_audit_author.name           'Webba da Silva, M.' 
_audit_author.pdbx_ordinal   1 
# 
_citation.id                        primary 
_citation.title                     
'Experimental Demonstration of T:(G:G:G):T Hexad and T:A:A:T Tetrad Alignments within a DNA Quadruplex Stem' 
_citation.journal_abbrev            Biochemistry 
_citation.journal_volume            44 
_citation.page_first                3754 
_citation.page_last                 3764 
_citation.year                      2005 
_citation.journal_id_ASTM           BICHAW 
_citation.country                   US 
_citation.journal_id_ISSN           0006-2960 
_citation.journal_id_CSD            0033 
_citation.book_publisher            ? 
_citation.pdbx_database_id_PubMed   15751952 
_citation.pdbx_database_id_DOI      10.1021/bi0478190 
# 
_citation_author.citation_id        primary 
_citation_author.name               'Webba da Silva, M.' 
_citation_author.ordinal            1 
_citation_author.identifier_ORCID   ? 
# 
_entity.id                         1 
_entity.type                       polymer 
_entity.src_method                 syn 
_entity.pdbx_description           "5'-D(*GP*CP*GP*GP*TP*TP*GP*GP*AP*T)-3'" 
_entity.formula_weight             3116.039 
_entity.pdbx_number_of_molecules   4 
_entity.pdbx_ec                    ? 
_entity.pdbx_mutation              ? 
_entity.pdbx_fragment              ? 
_entity.details                    ? 
# 
_entity_poly.entity_id                      1 
_entity_poly.type                           polydeoxyribonucleotide 
_entity_poly.nstd_linkage                   no 
_entity_poly.nstd_monomer                   no 
_entity_poly.pdbx_seq_one_letter_code       '(DG)(DC)(DG)(DG)(DT)(DT)(DG)(DG)(DA)(DT)' 
_entity_poly.pdbx_seq_one_letter_code_can   GCGGTTGGAT 
_entity_poly.pdbx_strand_id                 A,B,C,D 
_entity_poly.pdbx_target_identifier         ? 
# 
loop_
_entity_poly_seq.entity_id 
_entity_poly_seq.num 
_entity_poly_seq.mon_id 
_entity_poly_seq.hetero 
1 1  DG n 
1 2  DC n 
1 3  DG n 
1 4  DG n 
1 5  DT n 
1 6  DT n 
1 7  DG n 
1 8  DG n 
1 9  DA n 
1 10 DT n 
# 
_pdbx_entity_src_syn.entity_id              1 
_pdbx_entity_src_syn.pdbx_src_id            1 
_pdbx_entity_src_syn.pdbx_alt_source_flag   sample 
_pdbx_entity_src_syn.pdbx_beg_seq_num       ? 
_pdbx_entity_src_syn.pdbx_end_seq_num       ? 
_pdbx_entity_src_syn.organism_scientific    'homo sapiens' 
_pdbx_entity_src_syn.organism_common_name   human 
_pdbx_entity_src_syn.ncbi_taxonomy_id       9606 
_pdbx_entity_src_syn.details                'This sequence occurs naturally in homo sapiens (humans)' 
# 
loop_
_chem_comp.id 
_chem_comp.type 
_chem_comp.mon_nstd_flag 
_chem_comp.name 
_chem_comp.pdbx_synonyms 
_chem_comp.formula 
_chem_comp.formula_weight 
DA 'DNA linking' y "2'-DEOXYADENOSINE-5'-MONOPHOSPHATE" ? 'C10 H14 N5 O6 P' 331.222 
DC 'DNA linking' y "2'-DEOXYCYTIDINE-5'-MONOPHOSPHATE"  ? 'C9 H14 N3 O7 P'  307.197 
DG 'DNA linking' y "2'-DEOXYGUANOSINE-5'-MONOPHOSPHATE" ? 'C10 H14 N5 O7 P' 347.221 
DT 'DNA linking' y "THYMIDINE-5'-MONOPHOSPHATE"         ? 'C10 H15 N2 O8 P' 322.208 
# 
loop_
_pdbx_poly_seq_scheme.asym_id 
_pdbx_poly_seq_scheme.entity_id 
_pdbx_poly_seq_scheme.seq_id 
_pdbx_poly_seq_scheme.mon_id 
_pdbx_poly_seq_scheme.ndb_seq_num 
_pdbx_poly_seq_scheme.pdb_seq_num 
_pdbx_poly_seq_scheme.auth_seq_num 
_pdbx_poly_seq_scheme.pdb_mon_id 
_pdbx_poly_seq_scheme.auth_mon_id 
_pdbx_poly_seq_scheme.pdb_strand_id 
_pdbx_poly_seq_scheme.pdb_ins_code 
_pdbx_poly_seq_scheme.hetero 
A 1 1  DG 1  1  1  DG G A . n 
A 1 2  DC 2  2  2  DC C A . n 
A 1 3  DG 3  3  3  DG G A . n 
A 1 4  DG 4  4  4  DG G A . n 
A 1 5  DT 5  5  5  DT T A . n 
A 1 6  DT 6  6  6  DT T A . n 
A 1 7  DG 7  7  7  DG G A . n 
A 1 8  DG 8  8  8  DG G A . n 
A 1 9  DA 9  9  9  DA A A . n 
A 1 10 DT 10 10 10 DT T A . n 
B 1 1  DG 1  1  1  DG G B . n 
B 1 2  DC 2  2  2  DC C B . n 
B 1 3  DG 3  3  3  DG G B . n 
B 1 4  DG 4  4  4  DG G B . n 
B 1 5  DT 5  5  5  DT T B . n 
B 1 6  DT 6  6  6  DT T B . n 
B 1 7  DG 7  7  7  DG G B . n 
B 1 8  DG 8  8  8  DG G B . n 
B 1 9  DA 9  9  9  DA A B . n 
B 1 10 DT 10 10 10 DT T B . n 
C 1 1  DG 1  1  1  DG G C . n 
C 1 2  DC 2  2  2  DC C C . n 
C 1 3  DG 3  3  3  DG G C . n 
C 1 4  DG 4  4  4  DG G C . n 
C 1 5  DT 5  5  5  DT T C . n 
C 1 6  DT 6  6  6  DT T C . n 
C 1 7  DG 7  7  7  DG G C . n 
C 1 8  DG 8  8  8  DG G C . n 
C 1 9  DA 9  9  9  DA A C . n 
C 1 10 DT 10 10 10 DT T C . n 
D 1 1  DG 1  1  1  DG G D . n 
D 1 2  DC 2  2  2  DC C D . n 
D 1 3  DG 3  3  3  DG G D . n 
D 1 4  DG 4  4  4  DG G D . n 
D 1 5  DT 5  5  5  DT T D . n 
D 1 6  DT 6  6  6  DT T D . n 
D 1 7  DG 7  7  7  DG G D . n 
D 1 8  DG 8  8  8  DG G D . n 
D 1 9  DA 9  9  9  DA A D . n 
D 1 10 DT 10 10 10 DT T D . n 
# 
_exptl.entry_id          1XCE 
_exptl.method            'SOLUTION NMR' 
_exptl.crystals_number   ? 
# 
_exptl_crystal.id                    1 
_exptl_crystal.density_meas          ? 
_exptl_crystal.density_Matthews      ? 
_exptl_crystal.density_percent_sol   ? 
_exptl_crystal.description           ? 
_exptl_crystal.F_000                 ? 
_exptl_crystal.preparation           ? 
# 
_diffrn.id                     1 
_diffrn.ambient_temp           ? 
_diffrn.ambient_temp_details   ? 
_diffrn.crystal_id             1 
# 
_diffrn_radiation.diffrn_id                        1 
_diffrn_radiation.wavelength_id                    1 
_diffrn_radiation.pdbx_monochromatic_or_laue_m_l   M 
_diffrn_radiation.monochromator                    ? 
_diffrn_radiation.pdbx_diffrn_protocol             'SINGLE WAVELENGTH' 
_diffrn_radiation.pdbx_scattering_type             ? 
_diffrn_radiation.collimation                      ? 
_diffrn_radiation.filter_edge                      ? 
_diffrn_radiation.inhomogeneity                    ? 
_diffrn_radiation.pdbx_analyzer                    ? 
_diffrn_radiation.pdbx_wavelength                  ? 
_diffrn_radiation.pdbx_wavelength_list             ? 
_diffrn_radiation.polarisn_norm                    ? 
_diffrn_radiation.polarisn_ratio                   ? 
_diffrn_radiation.probe                            ? 
_diffrn_radiation.type                             ? 
_diffrn_radiation.xray_symbol                      ? 
# 
_diffrn_radiation_wavelength.id           1 
_diffrn_radiation_wavelength.wavelength   . 
_diffrn_radiation_wavelength.wt           1.0 
# 
_struct.entry_id                  1XCE 
_struct.title                     'Helica Structure of DNA by Design: The T(GGGG)T Hexad Alignment' 
_struct.pdbx_model_details        ? 
_struct.pdbx_CASP_flag            ? 
_struct.pdbx_model_type_details   ? 
# 
_struct_keywords.entry_id        1XCE 
_struct_keywords.pdbx_keywords   DNA 
_struct_keywords.text            'DNA Quadruplex, hexad, DNA' 
# 
loop_
_struct_asym.id 
_struct_asym.pdbx_blank_PDB_chainid_flag 
_struct_asym.pdbx_modified 
_struct_asym.entity_id 
_struct_asym.details 
A N N 1 ? 
B N N 1 ? 
C N N 1 ? 
D N N 1 ? 
# 
_struct_ref.id                         1 
_struct_ref.entity_id                  1 
_struct_ref.db_name                    PDB 
_struct_ref.db_code                    1XCE 
_struct_ref.pdbx_db_accession          1XCE 
_struct_ref.pdbx_db_isoform            ? 
_struct_ref.pdbx_seq_one_letter_code   ? 
_struct_ref.pdbx_align_begin           ? 
# 
loop_
_struct_ref_seq.align_id 
_struct_ref_seq.ref_id 
_struct_ref_seq.pdbx_PDB_id_code 
_struct_ref_seq.pdbx_strand_id 
_struct_ref_seq.seq_align_beg 
_struct_ref_seq.pdbx_seq_align_beg_ins_code 
_struct_ref_seq.seq_align_end 
_struct_ref_seq.pdbx_seq_align_end_ins_code 
_struct_ref_seq.pdbx_db_accession 
_struct_ref_seq.db_align_beg 
_struct_ref_seq.pdbx_db_align_beg_ins_code 
_struct_ref_seq.db_align_end 
_struct_ref_seq.pdbx_db_align_end_ins_code 
_struct_ref_seq.pdbx_auth_seq_align_beg 
_struct_ref_seq.pdbx_auth_seq_align_end 
1 1 1XCE A 1 ? 10 ? 1XCE 1 ? 10 ? 1 10 
2 1 1XCE B 1 ? 10 ? 1XCE 1 ? 10 ? 1 10 
3 1 1XCE C 1 ? 10 ? 1XCE 1 ? 10 ? 1 10 
4 1 1XCE D 1 ? 10 ? 1XCE 1 ? 10 ? 1 10 
# 
_pdbx_struct_assembly.id                   1 
_pdbx_struct_assembly.details              author_defined_assembly 
_pdbx_struct_assembly.method_details       ? 
_pdbx_struct_assembly.oligomeric_details   tetrameric 
_pdbx_struct_assembly.oligomeric_count     4 
# 
loop_
_pdbx_struct_assembly_prop.biol_id 
_pdbx_struct_assembly_prop.type 
_pdbx_struct_assembly_prop.value 
_pdbx_struct_assembly_prop.details 
1 'ABSA (A^2)' 3920 ? 
1 MORE         10   ? 
1 'SSA (A^2)'  4160 ? 
# 
_pdbx_struct_assembly_gen.assembly_id       1 
_pdbx_struct_assembly_gen.oper_expression   1 
_pdbx_struct_assembly_gen.asym_id_list      A,B,C,D 
# 
_pdbx_struct_oper_list.id                   1 
_pdbx_struct_oper_list.type                 'identity operation' 
_pdbx_struct_oper_list.name                 1_555 
_pdbx_struct_oper_list.symmetry_operation   ? 
_pdbx_struct_oper_list.matrix[1][1]         1.0000000000 
_pdbx_struct_oper_list.matrix[1][2]         0.0000000000 
_pdbx_struct_oper_list.matrix[1][3]         0.0000000000 
_pdbx_struct_oper_list.vector[1]            0.0000000000 
_pdbx_struct_oper_list.matrix[2][1]         0.0000000000 
_pdbx_struct_oper_list.matrix[2][2]         1.0000000000 
_pdbx_struct_oper_list.matrix[2][3]         0.0000000000 
_pdbx_struct_oper_list.vector[2]            0.0000000000 
_pdbx_struct_oper_list.matrix[3][1]         0.0000000000 
_pdbx_struct_oper_list.matrix[3][2]         0.0000000000 
_pdbx_struct_oper_list.matrix[3][3]         1.0000000000 
_pdbx_struct_oper_list.vector[3]            0.0000000000 
# 
loop_
_struct_conn.id 
_struct_conn.conn_type_id 
_struct_conn.pdbx_leaving_atom_flag 
_struct_conn.pdbx_PDB_id 
_struct_conn.ptnr1_label_asym_id 
_struct_conn.ptnr1_label_comp_id 
_struct_conn.ptnr1_label_seq_id 
_struct_conn.ptnr1_label_atom_id 
_struct_conn.pdbx_ptnr1_label_alt_id 
_struct_conn.pdbx_ptnr1_PDB_ins_code 
_struct_conn.pdbx_ptnr1_standard_comp_id 
_struct_conn.ptnr1_symmetry 
_struct_conn.ptnr2_label_asym_id 
_struct_conn.ptnr2_label_comp_id 
_struct_conn.ptnr2_label_seq_id 
_struct_conn.ptnr2_label_atom_id 
_struct_conn.pdbx_ptnr2_label_alt_id 
_struct_conn.pdbx_ptnr2_PDB_ins_code 
_struct_conn.ptnr1_auth_asym_id 
_struct_conn.ptnr1_auth_comp_id 
_struct_conn.ptnr1_auth_seq_id 
_struct_conn.ptnr2_auth_asym_id 
_struct_conn.ptnr2_auth_comp_id 
_struct_conn.ptnr2_auth_seq_id 
_struct_conn.ptnr2_symmetry 
_struct_conn.pdbx_ptnr3_label_atom_id 
_struct_conn.pdbx_ptnr3_label_seq_id 
_struct_conn.pdbx_ptnr3_label_comp_id 
_struct_conn.pdbx_ptnr3_label_asym_id 
_struct_conn.pdbx_ptnr3_label_alt_id 
_struct_conn.pdbx_ptnr3_PDB_ins_code 
_struct_conn.details 
_struct_conn.pdbx_dist_value 
_struct_conn.pdbx_value_order 
_struct_conn.pdbx_role 
hydrog1  hydrog ? ? A DG 1  N1 ? ? ? 1_555 C DC 2  N3 ? ? A DG 1  C DC 2  1_555 ? ? ? ? ? ? WATSON-CRICK    ? ? ? 
hydrog2  hydrog ? ? A DG 1  N2 ? ? ? 1_555 C DC 2  O2 ? ? A DG 1  C DC 2  1_555 ? ? ? ? ? ? WATSON-CRICK    ? ? ? 
hydrog3  hydrog ? ? A DG 1  O6 ? ? ? 1_555 C DC 2  N4 ? ? A DG 1  C DC 2  1_555 ? ? ? ? ? ? WATSON-CRICK    ? ? ? 
hydrog4  hydrog ? ? A DG 1  O6 ? ? ? 1_555 D DC 2  N4 ? ? A DG 1  D DC 2  1_555 ? ? ? ? ? ? 'DG-DC PAIR'    ? ? ? 
hydrog5  hydrog ? ? A DC 2  N3 ? ? ? 1_555 C DG 1  N1 ? ? A DC 2  C DG 1  1_555 ? ? ? ? ? ? WATSON-CRICK    ? ? ? 
hydrog6  hydrog ? ? A DC 2  N4 ? ? ? 1_555 C DG 1  O6 ? ? A DC 2  C DG 1  1_555 ? ? ? ? ? ? WATSON-CRICK    ? ? ? 
hydrog7  hydrog ? ? A DC 2  O2 ? ? ? 1_555 C DG 1  N2 ? ? A DC 2  C DG 1  1_555 ? ? ? ? ? ? WATSON-CRICK    ? ? ? 
hydrog8  hydrog ? ? A DC 2  N4 ? ? ? 1_555 D DG 1  O6 ? ? A DC 2  D DG 1  1_555 ? ? ? ? ? ? 'DC-DG PAIR'    ? ? ? 
hydrog9  hydrog ? ? A DG 3  N2 ? ? ? 1_555 A DT 6  O2 ? ? A DG 3  A DT 6  1_555 ? ? ? ? ? ? 'DG-DT MISPAIR' ? ? ? 
hydrog10 hydrog ? ? A DG 3  N1 ? ? ? 1_555 A DG 7  O6 ? ? A DG 3  A DG 7  1_555 ? ? ? ? ? ? TYPE_6_PAIR     ? ? ? 
hydrog11 hydrog ? ? A DG 3  N2 ? ? ? 1_555 A DG 7  N7 ? ? A DG 3  A DG 7  1_555 ? ? ? ? ? ? TYPE_6_PAIR     ? ? ? 
hydrog12 hydrog ? ? A DG 3  N7 ? ? ? 1_555 B DG 7  N2 ? ? A DG 3  B DG 7  1_555 ? ? ? ? ? ? TYPE_6_PAIR     ? ? ? 
hydrog13 hydrog ? ? A DG 3  O6 ? ? ? 1_555 B DG 7  N1 ? ? A DG 3  B DG 7  1_555 ? ? ? ? ? ? TYPE_6_PAIR     ? ? ? 
hydrog14 hydrog ? ? A DG 4  N1 ? ? ? 1_555 A DG 8  O6 ? ? A DG 4  A DG 8  1_555 ? ? ? ? ? ? TYPE_6_PAIR     ? ? ? 
hydrog15 hydrog ? ? A DG 4  N2 ? ? ? 1_555 A DG 8  N7 ? ? A DG 4  A DG 8  1_555 ? ? ? ? ? ? TYPE_6_PAIR     ? ? ? 
hydrog16 hydrog ? ? A DG 4  N7 ? ? ? 1_555 B DG 8  N2 ? ? A DG 4  B DG 8  1_555 ? ? ? ? ? ? TYPE_6_PAIR     ? ? ? 
hydrog17 hydrog ? ? A DG 4  O6 ? ? ? 1_555 B DG 8  N1 ? ? A DG 4  B DG 8  1_555 ? ? ? ? ? ? TYPE_6_PAIR     ? ? ? 
hydrog18 hydrog ? ? A DT 5  O4 ? ? ? 1_555 A DA 9  N6 ? ? A DT 5  A DA 9  1_555 ? ? ? ? ? ? 'DT-DA PAIR'    ? ? ? 
hydrog19 hydrog ? ? A DG 7  N1 ? ? ? 1_555 B DG 3  O6 ? ? A DG 7  B DG 3  1_555 ? ? ? ? ? ? TYPE_6_PAIR     ? ? ? 
hydrog20 hydrog ? ? A DG 7  N2 ? ? ? 1_555 B DG 3  N7 ? ? A DG 7  B DG 3  1_555 ? ? ? ? ? ? TYPE_6_PAIR     ? ? ? 
hydrog21 hydrog ? ? A DG 8  N1 ? ? ? 1_555 B DG 3  O6 ? ? A DG 8  B DG 3  1_555 ? ? ? ? ? ? TYPE_6_PAIR     ? ? ? 
hydrog22 hydrog ? ? A DG 8  N2 ? ? ? 1_555 B DG 3  N7 ? ? A DG 8  B DG 3  1_555 ? ? ? ? ? ? TYPE_6_PAIR     ? ? ? 
hydrog23 hydrog ? ? A DG 8  N1 ? ? ? 1_555 B DG 4  O6 ? ? A DG 8  B DG 4  1_555 ? ? ? ? ? ? TYPE_6_PAIR     ? ? ? 
hydrog24 hydrog ? ? A DG 8  N2 ? ? ? 1_555 B DG 4  N7 ? ? A DG 8  B DG 4  1_555 ? ? ? ? ? ? TYPE_6_PAIR     ? ? ? 
hydrog25 hydrog ? ? A DA 9  N1 ? ? ? 1_555 B DA 9  N6 ? ? A DA 9  B DA 9  1_555 ? ? ? ? ? ? TYPE_1_PAIR     ? ? ? 
hydrog26 hydrog ? ? A DA 9  N6 ? ? ? 1_555 B DA 9  N1 ? ? A DA 9  B DA 9  1_555 ? ? ? ? ? ? TYPE_1_PAIR     ? ? ? 
hydrog27 hydrog ? ? A DT 10 N3 ? ? ? 1_555 B DT 10 O4 ? ? A DT 10 B DT 10 1_555 ? ? ? ? ? ? TYPE_12_PAIR    ? ? ? 
hydrog28 hydrog ? ? A DT 10 O4 ? ? ? 1_555 B DT 10 N3 ? ? A DT 10 B DT 10 1_555 ? ? ? ? ? ? TYPE_12_PAIR    ? ? ? 
hydrog29 hydrog ? ? B DG 1  O6 ? ? ? 1_555 C DC 2  N4 ? ? B DG 1  C DC 2  1_555 ? ? ? ? ? ? 'DG-DC PAIR'    ? ? ? 
hydrog30 hydrog ? ? B DG 1  N1 ? ? ? 1_555 D DC 2  N3 ? ? B DG 1  D DC 2  1_555 ? ? ? ? ? ? WATSON-CRICK    ? ? ? 
hydrog31 hydrog ? ? B DG 1  N2 ? ? ? 1_555 D DC 2  O2 ? ? B DG 1  D DC 2  1_555 ? ? ? ? ? ? WATSON-CRICK    ? ? ? 
hydrog32 hydrog ? ? B DG 1  O6 ? ? ? 1_555 D DC 2  N4 ? ? B DG 1  D DC 2  1_555 ? ? ? ? ? ? WATSON-CRICK    ? ? ? 
hydrog33 hydrog ? ? B DC 2  N4 ? ? ? 1_555 C DG 1  O6 ? ? B DC 2  C DG 1  1_555 ? ? ? ? ? ? 'DC-DG PAIR'    ? ? ? 
hydrog34 hydrog ? ? B DC 2  N3 ? ? ? 1_555 D DG 1  N1 ? ? B DC 2  D DG 1  1_555 ? ? ? ? ? ? WATSON-CRICK    ? ? ? 
hydrog35 hydrog ? ? B DC 2  N4 ? ? ? 1_555 D DG 1  O6 ? ? B DC 2  D DG 1  1_555 ? ? ? ? ? ? WATSON-CRICK    ? ? ? 
hydrog36 hydrog ? ? B DC 2  O2 ? ? ? 1_555 D DG 1  N2 ? ? B DC 2  D DG 1  1_555 ? ? ? ? ? ? WATSON-CRICK    ? ? ? 
hydrog37 hydrog ? ? B DG 3  N2 ? ? ? 1_555 B DT 6  O2 ? ? B DG 3  B DT 6  1_555 ? ? ? ? ? ? 'DG-DT MISPAIR' ? ? ? 
hydrog38 hydrog ? ? B DG 3  N1 ? ? ? 1_555 B DG 7  O6 ? ? B DG 3  B DG 7  1_555 ? ? ? ? ? ? TYPE_6_PAIR     ? ? ? 
hydrog39 hydrog ? ? B DG 3  N2 ? ? ? 1_555 B DG 7  N7 ? ? B DG 3  B DG 7  1_555 ? ? ? ? ? ? TYPE_6_PAIR     ? ? ? 
hydrog40 hydrog ? ? B DG 4  N1 ? ? ? 1_555 B DG 7  O6 ? ? B DG 4  B DG 7  1_555 ? ? ? ? ? ? TYPE_6_PAIR     ? ? ? 
hydrog41 hydrog ? ? B DG 4  N2 ? ? ? 1_555 B DG 7  N7 ? ? B DG 4  B DG 7  1_555 ? ? ? ? ? ? TYPE_6_PAIR     ? ? ? 
hydrog42 hydrog ? ? B DG 4  N1 ? ? ? 1_555 B DG 8  O6 ? ? B DG 4  B DG 8  1_555 ? ? ? ? ? ? TYPE_6_PAIR     ? ? ? 
hydrog43 hydrog ? ? B DG 4  N2 ? ? ? 1_555 B DG 8  N7 ? ? B DG 4  B DG 8  1_555 ? ? ? ? ? ? TYPE_6_PAIR     ? ? ? 
hydrog44 hydrog ? ? B DT 5  O4 ? ? ? 1_555 B DA 9  N6 ? ? B DT 5  B DA 9  1_555 ? ? ? ? ? ? 'DT-DA PAIR'    ? ? ? 
hydrog45 hydrog ? ? C DG 3  N2 ? ? ? 1_555 C DT 6  O2 ? ? C DG 3  C DT 6  1_555 ? ? ? ? ? ? 'DG-DT MISPAIR' ? ? ? 
hydrog46 hydrog ? ? C DG 3  N1 ? ? ? 1_555 C DG 7  O6 ? ? C DG 3  C DG 7  1_555 ? ? ? ? ? ? TYPE_6_PAIR     ? ? ? 
hydrog47 hydrog ? ? C DG 3  N2 ? ? ? 1_555 C DG 7  N7 ? ? C DG 3  C DG 7  1_555 ? ? ? ? ? ? TYPE_6_PAIR     ? ? ? 
hydrog48 hydrog ? ? C DG 3  N7 ? ? ? 1_555 D DG 7  N2 ? ? C DG 3  D DG 7  1_555 ? ? ? ? ? ? TYPE_6_PAIR     ? ? ? 
hydrog49 hydrog ? ? C DG 3  O6 ? ? ? 1_555 D DG 7  N1 ? ? C DG 3  D DG 7  1_555 ? ? ? ? ? ? TYPE_6_PAIR     ? ? ? 
hydrog50 hydrog ? ? C DG 3  N7 ? ? ? 1_555 D DG 8  N2 ? ? C DG 3  D DG 8  1_555 ? ? ? ? ? ? TYPE_6_PAIR     ? ? ? 
hydrog51 hydrog ? ? C DG 3  O6 ? ? ? 1_555 D DG 8  N1 ? ? C DG 3  D DG 8  1_555 ? ? ? ? ? ? TYPE_6_PAIR     ? ? ? 
hydrog52 hydrog ? ? C DG 4  N1 ? ? ? 1_555 C DG 8  O6 ? ? C DG 4  C DG 8  1_555 ? ? ? ? ? ? TYPE_6_PAIR     ? ? ? 
hydrog53 hydrog ? ? C DG 4  N2 ? ? ? 1_555 C DG 8  N7 ? ? C DG 4  C DG 8  1_555 ? ? ? ? ? ? TYPE_6_PAIR     ? ? ? 
hydrog54 hydrog ? ? C DG 4  N7 ? ? ? 1_555 D DG 8  N2 ? ? C DG 4  D DG 8  1_555 ? ? ? ? ? ? TYPE_6_PAIR     ? ? ? 
hydrog55 hydrog ? ? C DG 4  O6 ? ? ? 1_555 D DG 8  N1 ? ? C DG 4  D DG 8  1_555 ? ? ? ? ? ? TYPE_6_PAIR     ? ? ? 
hydrog56 hydrog ? ? C DT 5  O4 ? ? ? 1_555 C DA 9  N6 ? ? C DT 5  C DA 9  1_555 ? ? ? ? ? ? 'DT-DA PAIR'    ? ? ? 
hydrog57 hydrog ? ? C DG 7  N1 ? ? ? 1_555 D DG 3  O6 ? ? C DG 7  D DG 3  1_555 ? ? ? ? ? ? TYPE_6_PAIR     ? ? ? 
hydrog58 hydrog ? ? C DG 7  N2 ? ? ? 1_555 D DG 3  N7 ? ? C DG 7  D DG 3  1_555 ? ? ? ? ? ? TYPE_6_PAIR     ? ? ? 
hydrog59 hydrog ? ? C DG 8  N1 ? ? ? 1_555 D DG 3  O6 ? ? C DG 8  D DG 3  1_555 ? ? ? ? ? ? TYPE_6_PAIR     ? ? ? 
hydrog60 hydrog ? ? C DG 8  N2 ? ? ? 1_555 D DG 3  N7 ? ? C DG 8  D DG 3  1_555 ? ? ? ? ? ? TYPE_6_PAIR     ? ? ? 
hydrog61 hydrog ? ? C DG 8  N1 ? ? ? 1_555 D DG 4  O6 ? ? C DG 8  D DG 4  1_555 ? ? ? ? ? ? TYPE_6_PAIR     ? ? ? 
hydrog62 hydrog ? ? C DG 8  N2 ? ? ? 1_555 D DG 4  N7 ? ? C DG 8  D DG 4  1_555 ? ? ? ? ? ? TYPE_6_PAIR     ? ? ? 
hydrog63 hydrog ? ? C DA 9  N1 ? ? ? 1_555 D DA 9  N6 ? ? C DA 9  D DA 9  1_555 ? ? ? ? ? ? TYPE_1_PAIR     ? ? ? 
hydrog64 hydrog ? ? C DA 9  N6 ? ? ? 1_555 D DA 9  N1 ? ? C DA 9  D DA 9  1_555 ? ? ? ? ? ? TYPE_1_PAIR     ? ? ? 
hydrog65 hydrog ? ? C DT 10 N3 ? ? ? 1_555 D DT 10 O4 ? ? C DT 10 D DT 10 1_555 ? ? ? ? ? ? TYPE_12_PAIR    ? ? ? 
hydrog66 hydrog ? ? C DT 10 O4 ? ? ? 1_555 D DT 10 N3 ? ? C DT 10 D DT 10 1_555 ? ? ? ? ? ? TYPE_12_PAIR    ? ? ? 
hydrog67 hydrog ? ? D DG 3  N2 ? ? ? 1_555 D DT 6  O2 ? ? D DG 3  D DT 6  1_555 ? ? ? ? ? ? 'DG-DT MISPAIR' ? ? ? 
hydrog68 hydrog ? ? D DG 3  N1 ? ? ? 1_555 D DG 7  O6 ? ? D DG 3  D DG 7  1_555 ? ? ? ? ? ? TYPE_6_PAIR     ? ? ? 
hydrog69 hydrog ? ? D DG 3  N2 ? ? ? 1_555 D DG 7  N7 ? ? D DG 3  D DG 7  1_555 ? ? ? ? ? ? TYPE_6_PAIR     ? ? ? 
hydrog70 hydrog ? ? D DG 4  N1 ? ? ? 1_555 D DG 8  O6 ? ? D DG 4  D DG 8  1_555 ? ? ? ? ? ? TYPE_6_PAIR     ? ? ? 
hydrog71 hydrog ? ? D DG 4  N2 ? ? ? 1_555 D DG 8  N7 ? ? D DG 4  D DG 8  1_555 ? ? ? ? ? ? TYPE_6_PAIR     ? ? ? 
hydrog72 hydrog ? ? D DT 5  O4 ? ? ? 1_555 D DA 9  N6 ? ? D DT 5  D DA 9  1_555 ? ? ? ? ? ? 'DT-DA PAIR'    ? ? ? 
# 
_struct_conn_type.id          hydrog 
_struct_conn_type.criteria    ? 
_struct_conn_type.reference   ? 
# 
loop_
_pdbx_validate_close_contact.id 
_pdbx_validate_close_contact.PDB_model_num 
_pdbx_validate_close_contact.auth_atom_id_1 
_pdbx_validate_close_contact.auth_asym_id_1 
_pdbx_validate_close_contact.auth_comp_id_1 
_pdbx_validate_close_contact.auth_seq_id_1 
_pdbx_validate_close_contact.PDB_ins_code_1 
_pdbx_validate_close_contact.label_alt_id_1 
_pdbx_validate_close_contact.auth_atom_id_2 
_pdbx_validate_close_contact.auth_asym_id_2 
_pdbx_validate_close_contact.auth_comp_id_2 
_pdbx_validate_close_contact.auth_seq_id_2 
_pdbx_validate_close_contact.PDB_ins_code_2 
_pdbx_validate_close_contact.label_alt_id_2 
_pdbx_validate_close_contact.dist 
1 1 "O3'"  A DT 6  ? ? "H5'"  A DG 7  ? ? 1.37 
2 1 "O5'"  B DG 1  ? ? "HO5'" C DG 1  ? ? 1.38 
3 1 "HO5'" A DG 1  ? ? "O5'"  D DG 1  ? ? 1.45 
4 1 H3     A DT 10 ? ? O4     B DT 10 ? ? 1.57 
5 1 H22    C DG 7  ? ? OP2    D DC 2  ? ? 1.60 
# 
loop_
_pdbx_validate_rmsd_bond.id 
_pdbx_validate_rmsd_bond.PDB_model_num 
_pdbx_validate_rmsd_bond.auth_atom_id_1 
_pdbx_validate_rmsd_bond.auth_asym_id_1 
_pdbx_validate_rmsd_bond.auth_comp_id_1 
_pdbx_validate_rmsd_bond.auth_seq_id_1 
_pdbx_validate_rmsd_bond.PDB_ins_code_1 
_pdbx_validate_rmsd_bond.label_alt_id_1 
_pdbx_validate_rmsd_bond.auth_atom_id_2 
_pdbx_validate_rmsd_bond.auth_asym_id_2 
_pdbx_validate_rmsd_bond.auth_comp_id_2 
_pdbx_validate_rmsd_bond.auth_seq_id_2 
_pdbx_validate_rmsd_bond.PDB_ins_code_2 
_pdbx_validate_rmsd_bond.label_alt_id_2 
_pdbx_validate_rmsd_bond.bond_value 
_pdbx_validate_rmsd_bond.bond_target_value 
_pdbx_validate_rmsd_bond.bond_deviation 
_pdbx_validate_rmsd_bond.bond_standard_deviation 
_pdbx_validate_rmsd_bond.linker_flag 
1  1 "C2'" A DG 1  ? ? "C1'" A DG 1  ? ? 1.431 1.518 -0.087 0.010 N 
2  1 C8    A DG 1  ? ? N9    A DG 1  ? ? 1.313 1.374 -0.061 0.007 N 
3  1 N1    A DC 2  ? ? C6    A DC 2  ? ? 1.328 1.367 -0.039 0.006 N 
4  1 C8    A DG 3  ? ? N9    A DG 3  ? ? 1.329 1.374 -0.045 0.007 N 
5  1 "C4'" A DG 4  ? ? "C3'" A DG 4  ? ? 1.441 1.521 -0.080 0.010 N 
6  1 "C3'" A DG 4  ? ? "C2'" A DG 4  ? ? 1.462 1.516 -0.054 0.008 N 
7  1 N9    A DG 4  ? ? C4    A DG 4  ? ? 1.428 1.375 0.053  0.008 N 
8  1 "C4'" A DT 5  ? ? "C3'" A DT 5  ? ? 1.459 1.521 -0.062 0.010 N 
9  1 C2    A DT 6  ? ? N3    A DT 6  ? ? 1.427 1.373 0.054  0.008 N 
10 1 C5    A DT 6  ? ? C6    A DT 6  ? ? 1.258 1.339 -0.081 0.007 N 
11 1 C6    A DT 6  ? ? N1    A DT 6  ? ? 1.247 1.378 -0.131 0.007 N 
12 1 C5    A DT 6  ? ? C7    A DT 6  ? ? 1.402 1.496 -0.094 0.006 N 
13 1 C8    A DG 7  ? ? N9    A DG 7  ? ? 1.307 1.374 -0.067 0.007 N 
14 1 "C2'" A DG 8  ? ? "C1'" A DG 8  ? ? 1.450 1.518 -0.068 0.010 N 
15 1 C8    A DG 8  ? ? N9    A DG 8  ? ? 1.307 1.374 -0.067 0.007 N 
16 1 "C3'" A DA 9  ? ? "C2'" A DA 9  ? ? 1.459 1.516 -0.057 0.008 N 
17 1 "C4'" A DT 10 ? ? "C3'" A DT 10 ? ? 1.441 1.521 -0.080 0.010 N 
18 1 C5    A DT 10 ? ? C6    A DT 10 ? ? 1.265 1.339 -0.074 0.007 N 
19 1 C6    A DT 10 ? ? N1    A DT 10 ? ? 1.326 1.378 -0.052 0.007 N 
20 1 C5    B DT 5  ? ? C7    B DT 5  ? ? 1.545 1.496 0.049  0.006 N 
21 1 C6    B DT 6  ? ? N1    B DT 6  ? ? 1.322 1.378 -0.056 0.007 N 
22 1 "C2'" C DT 6  ? ? "C1'" C DT 6  ? ? 1.457 1.518 -0.061 0.010 N 
23 1 C6    C DT 6  ? ? N1    C DT 6  ? ? 1.295 1.378 -0.083 0.007 N 
24 1 C6    D DT 6  ? ? N1    D DT 6  ? ? 1.324 1.378 -0.054 0.007 N 
# 
loop_
_pdbx_validate_rmsd_angle.id 
_pdbx_validate_rmsd_angle.PDB_model_num 
_pdbx_validate_rmsd_angle.auth_atom_id_1 
_pdbx_validate_rmsd_angle.auth_asym_id_1 
_pdbx_validate_rmsd_angle.auth_comp_id_1 
_pdbx_validate_rmsd_angle.auth_seq_id_1 
_pdbx_validate_rmsd_angle.PDB_ins_code_1 
_pdbx_validate_rmsd_angle.label_alt_id_1 
_pdbx_validate_rmsd_angle.auth_atom_id_2 
_pdbx_validate_rmsd_angle.auth_asym_id_2 
_pdbx_validate_rmsd_angle.auth_comp_id_2 
_pdbx_validate_rmsd_angle.auth_seq_id_2 
_pdbx_validate_rmsd_angle.PDB_ins_code_2 
_pdbx_validate_rmsd_angle.label_alt_id_2 
_pdbx_validate_rmsd_angle.auth_atom_id_3 
_pdbx_validate_rmsd_angle.auth_asym_id_3 
_pdbx_validate_rmsd_angle.auth_comp_id_3 
_pdbx_validate_rmsd_angle.auth_seq_id_3 
_pdbx_validate_rmsd_angle.PDB_ins_code_3 
_pdbx_validate_rmsd_angle.label_alt_id_3 
_pdbx_validate_rmsd_angle.angle_value 
_pdbx_validate_rmsd_angle.angle_target_value 
_pdbx_validate_rmsd_angle.angle_deviation 
_pdbx_validate_rmsd_angle.angle_standard_deviation 
_pdbx_validate_rmsd_angle.linker_flag 
1   1 "C4'" A DG 1  ? ? "C3'" A DG 1  ? ? "C2'" A DG 1  ? ? 91.72  102.20 -10.48 0.70 N 
2   1 "O4'" A DG 1  ? ? "C1'" A DG 1  ? ? N9    A DG 1  ? ? 112.37 108.30 4.07   0.30 N 
3   1 C5    A DG 1  ? ? N7    A DG 1  ? ? C8    A DG 1  ? ? 99.65  104.30 -4.65  0.50 N 
4   1 "C3'" A DG 1  ? ? "O3'" A DG 1  ? ? P     A DC 2  ? ? 135.65 119.70 15.95  1.20 Y 
5   1 "O4'" A DC 2  ? ? "C4'" A DC 2  ? ? "C3'" A DC 2  ? ? 99.44  104.50 -5.06  0.40 N 
6   1 "C4'" A DC 2  ? ? "C3'" A DC 2  ? ? "C2'" A DC 2  ? ? 96.53  102.20 -5.67  0.70 N 
7   1 "O4'" A DC 2  ? ? "C1'" A DC 2  ? ? "C2'" A DC 2  ? ? 97.53  105.90 -8.37  0.80 N 
8   1 "O4'" A DC 2  ? ? "C1'" A DC 2  ? ? N1    A DC 2  ? ? 113.92 108.30 5.62   0.30 N 
9   1 C2    A DC 2  ? ? N3    A DC 2  ? ? C4    A DC 2  ? ? 123.29 119.90 3.39   0.50 N 
10  1 N3    A DC 2  ? ? C4    A DC 2  ? ? C5    A DC 2  ? ? 116.56 121.90 -5.34  0.40 N 
11  1 N1    A DC 2  ? ? C2    A DC 2  ? ? O2    A DC 2  ? ? 122.59 118.90 3.69   0.60 N 
12  1 C5    A DC 2  ? ? C4    A DC 2  ? ? N4    A DC 2  ? ? 124.89 120.20 4.69   0.70 N 
13  1 "C5'" A DG 3  ? ? "C4'" A DG 3  ? ? "O4'" A DG 3  ? ? 116.99 109.80 7.19   1.10 N 
14  1 "C1'" A DG 3  ? ? "O4'" A DG 3  ? ? "C4'" A DG 3  ? ? 101.82 110.10 -8.28  1.00 N 
15  1 "O4'" A DG 3  ? ? "C1'" A DG 3  ? ? "C2'" A DG 3  ? ? 97.51  105.90 -8.39  0.80 N 
16  1 "O4'" A DG 3  ? ? "C1'" A DG 3  ? ? N9    A DG 3  ? ? 100.80 108.00 -7.20  0.70 N 
17  1 C2    A DG 3  ? ? N3    A DG 3  ? ? C4    A DG 3  ? ? 108.74 111.90 -3.16  0.50 N 
18  1 C5    A DG 3  ? ? N7    A DG 3  ? ? C8    A DG 3  ? ? 100.98 104.30 -3.32  0.50 N 
19  1 N7    A DG 3  ? ? C8    A DG 3  ? ? N9    A DG 3  ? ? 116.69 113.10 3.59   0.50 N 
20  1 C6    A DG 3  ? ? C5    A DG 3  ? ? N7    A DG 3  ? ? 126.75 130.40 -3.65  0.60 N 
21  1 "C4'" A DG 4  ? ? "C3'" A DG 4  ? ? "C2'" A DG 4  ? ? 93.79  102.20 -8.41  0.70 N 
22  1 "O4'" A DG 4  ? ? "C1'" A DG 4  ? ? "C2'" A DG 4  ? ? 93.13  105.90 -12.77 0.80 N 
23  1 "O4'" A DG 4  ? ? "C1'" A DG 4  ? ? N9    A DG 4  ? ? 113.64 108.30 5.34   0.30 N 
24  1 N3    A DG 4  ? ? C4    A DG 4  ? ? C5    A DG 4  ? ? 125.09 128.60 -3.51  0.50 N 
25  1 N3    A DG 4  ? ? C4    A DG 4  ? ? N9    A DG 4  ? ? 130.30 126.00 4.30   0.60 N 
26  1 C4    A DG 4  ? ? N9    A DG 4  ? ? "C1'" A DG 4  ? ? 135.09 126.50 8.59   1.30 N 
27  1 "C3'" A DG 4  ? ? "O3'" A DG 4  ? ? P     A DT 5  ? ? 109.35 119.70 -10.35 1.20 Y 
28  1 P     A DT 5  ? ? "O5'" A DT 5  ? ? "C5'" A DT 5  ? ? 103.77 120.90 -17.13 1.60 N 
29  1 "C1'" A DT 5  ? ? "O4'" A DT 5  ? ? "C4'" A DT 5  ? ? 103.93 110.10 -6.17  1.00 N 
30  1 "C4'" A DT 5  ? ? "C3'" A DT 5  ? ? "C2'" A DT 5  ? ? 96.92  102.20 -5.28  0.70 N 
31  1 "C3'" A DT 5  ? ? "C2'" A DT 5  ? ? "C1'" A DT 5  ? ? 92.83  102.40 -9.57  0.80 N 
32  1 "O4'" A DT 5  ? ? "C1'" A DT 5  ? ? "C2'" A DT 5  ? ? 97.85  105.90 -8.05  0.80 N 
33  1 "O4'" A DT 5  ? ? "C1'" A DT 5  ? ? N1    A DT 5  ? ? 115.02 108.30 6.71   0.30 N 
34  1 C6    A DT 5  ? ? C5    A DT 5  ? ? C7    A DT 5  ? ? 118.42 122.90 -4.48  0.60 N 
35  1 "O4'" A DT 6  ? ? "C4'" A DT 6  ? ? "C3'" A DT 6  ? ? 93.95  104.50 -10.55 0.40 N 
36  1 "C4'" A DT 6  ? ? "C3'" A DT 6  ? ? "C2'" A DT 6  ? ? 96.87  102.20 -5.33  0.70 N 
37  1 "C3'" A DT 6  ? ? "C2'" A DT 6  ? ? "C1'" A DT 6  ? ? 111.07 102.50 8.57   1.20 N 
38  1 "O4'" A DT 6  ? ? "C1'" A DT 6  ? ? "C2'" A DT 6  ? ? 77.44  105.90 -28.46 0.80 N 
39  1 N1    A DT 6  ? ? "C1'" A DT 6  ? ? "C2'" A DT 6  ? ? 95.04  112.60 -17.56 1.90 N 
40  1 "O4'" A DT 6  ? ? "C1'" A DT 6  ? ? N1    A DT 6  ? ? 121.36 108.30 13.06  0.30 N 
41  1 C2    A DT 6  ? ? N3    A DT 6  ? ? C4    A DT 6  ? ? 122.67 127.20 -4.53  0.60 N 
42  1 N3    A DT 6  ? ? C4    A DT 6  ? ? C5    A DT 6  ? ? 111.05 115.20 -4.15  0.60 N 
43  1 C4    A DT 6  ? ? C5    A DT 6  ? ? C6    A DT 6  ? ? 125.68 118.00 7.68   0.60 N 
44  1 N3    A DT 6  ? ? C4    A DT 6  ? ? O4    A DT 6  ? ? 123.95 119.90 4.05   0.60 N 
45  1 C4    A DT 6  ? ? C5    A DT 6  ? ? C7    A DT 6  ? ? 129.50 119.00 10.50  0.60 N 
46  1 C6    A DT 6  ? ? C5    A DT 6  ? ? C7    A DT 6  ? ? 104.45 122.90 -18.45 0.60 N 
47  1 C6    A DT 6  ? ? N1    A DT 6  ? ? "C1'" A DT 6  ? ? 104.85 120.40 -15.55 1.50 N 
48  1 C2    A DT 6  ? ? N1    A DT 6  ? ? "C1'" A DT 6  ? ? 132.76 118.20 14.56  1.60 N 
49  1 P     A DG 7  ? ? "O5'" A DG 7  ? ? "C5'" A DG 7  ? ? 104.84 120.90 -16.06 1.60 N 
50  1 "C4'" A DG 7  ? ? "C3'" A DG 7  ? ? "C2'" A DG 7  ? ? 96.28  102.20 -5.92  0.70 N 
51  1 "O4'" A DG 7  ? ? "C1'" A DG 7  ? ? N9    A DG 7  ? ? 119.14 108.30 10.84  0.30 N 
52  1 "O4'" A DG 8  ? ? "C4'" A DG 8  ? ? "C3'" A DG 8  ? ? 100.15 104.50 -4.35  0.40 N 
53  1 "C3'" A DG 8  ? ? "C2'" A DG 8  ? ? "C1'" A DG 8  ? ? 96.41  102.40 -5.99  0.80 N 
54  1 "O4'" A DG 8  ? ? "C1'" A DG 8  ? ? "C2'" A DG 8  ? ? 100.46 105.90 -5.44  0.80 N 
55  1 N9    A DG 8  ? ? "C1'" A DG 8  ? ? "C2'" A DG 8  ? ? 94.03  112.60 -18.57 1.90 N 
56  1 "O4'" A DG 8  ? ? "C1'" A DG 8  ? ? N9    A DG 8  ? ? 118.52 108.30 10.22  0.30 N 
57  1 C5    A DG 8  ? ? N7    A DG 8  ? ? C8    A DG 8  ? ? 100.93 104.30 -3.37  0.50 N 
58  1 N7    A DG 8  ? ? C8    A DG 8  ? ? N9    A DG 8  ? ? 116.22 113.10 3.12   0.50 N 
59  1 N1    A DG 8  ? ? C2    A DG 8  ? ? N2    A DG 8  ? ? 122.83 116.20 6.63   0.90 N 
60  1 N3    A DG 8  ? ? C2    A DG 8  ? ? N2    A DG 8  ? ? 114.04 119.90 -5.86  0.70 N 
61  1 "C3'" A DA 9  ? ? "C2'" A DA 9  ? ? "C1'" A DA 9  ? ? 113.49 102.50 10.99  1.20 N 
62  1 "O4'" A DA 9  ? ? "C1'" A DA 9  ? ? N9    A DA 9  ? ? 117.04 108.30 8.74   0.30 N 
63  1 "C3'" A DA 9  ? ? "O3'" A DA 9  ? ? P     A DT 10 ? ? 127.57 119.70 7.87   1.20 Y 
64  1 "O4'" A DT 10 ? ? "C4'" A DT 10 ? ? "C3'" A DT 10 ? ? 98.16  104.50 -6.34  0.40 N 
65  1 "C3'" A DT 10 ? ? "C2'" A DT 10 ? ? "C1'" A DT 10 ? ? 96.78  102.40 -5.62  0.80 N 
66  1 "O4'" A DT 10 ? ? "C1'" A DT 10 ? ? N1    A DT 10 ? ? 120.96 108.30 12.66  0.30 N 
67  1 N3    A DT 10 ? ? C4    A DT 10 ? ? C5    A DT 10 ? ? 110.99 115.20 -4.21  0.60 N 
68  1 C4    A DT 10 ? ? C5    A DT 10 ? ? C6    A DT 10 ? ? 123.42 118.00 5.42   0.60 N 
69  1 C4    A DT 10 ? ? C5    A DT 10 ? ? C7    A DT 10 ? ? 131.87 119.00 12.87  0.60 N 
70  1 C6    A DT 10 ? ? C5    A DT 10 ? ? C7    A DT 10 ? ? 104.63 122.90 -18.27 0.60 N 
71  1 "C4'" B DG 1  ? ? "C3'" B DG 1  ? ? "C2'" B DG 1  ? ? 88.04  102.20 -14.16 0.70 N 
72  1 "C3'" B DG 1  ? ? "O3'" B DG 1  ? ? P     B DC 2  ? ? 139.03 119.70 19.33  1.20 Y 
73  1 "O4'" B DC 2  ? ? "C4'" B DC 2  ? ? "C3'" B DC 2  ? ? 102.07 104.50 -2.43  0.40 N 
74  1 "O4'" B DC 2  ? ? "C1'" B DC 2  ? ? N1    B DC 2  ? ? 112.12 108.30 3.82   0.30 N 
75  1 C2    B DC 2  ? ? N3    B DC 2  ? ? C4    B DC 2  ? ? 123.18 119.90 3.28   0.50 N 
76  1 N3    B DC 2  ? ? C4    B DC 2  ? ? C5    B DC 2  ? ? 118.39 121.90 -3.51  0.40 N 
77  1 "C3'" B DC 2  ? ? "O3'" B DC 2  ? ? P     B DG 3  ? ? 107.98 119.70 -11.72 1.20 Y 
78  1 "C1'" B DG 3  ? ? "O4'" B DG 3  ? ? "C4'" B DG 3  ? ? 102.39 110.10 -7.71  1.00 N 
79  1 "O4'" B DG 3  ? ? "C1'" B DG 3  ? ? "C2'" B DG 3  ? ? 94.69  105.90 -11.21 0.80 N 
80  1 "C4'" B DG 4  ? ? "C3'" B DG 4  ? ? "C2'" B DG 4  ? ? 94.80  102.20 -7.40  0.70 N 
81  1 "O4'" B DG 4  ? ? "C1'" B DG 4  ? ? "C2'" B DG 4  ? ? 98.50  105.90 -7.40  0.80 N 
82  1 "O4'" B DG 4  ? ? "C1'" B DG 4  ? ? N9    B DG 4  ? ? 113.56 108.30 5.26   0.30 N 
83  1 P     B DT 5  ? ? "O5'" B DT 5  ? ? "C5'" B DT 5  ? ? 111.16 120.90 -9.74  1.60 N 
84  1 "C3'" B DT 5  ? ? "C2'" B DT 5  ? ? "C1'" B DT 5  ? ? 97.16  102.40 -5.24  0.80 N 
85  1 "O4'" B DT 5  ? ? "C1'" B DT 5  ? ? "C2'" B DT 5  ? ? 100.06 105.90 -5.84  0.80 N 
86  1 "O4'" B DT 5  ? ? "C1'" B DT 5  ? ? N1    B DT 5  ? ? 113.07 108.30 4.77   0.30 N 
87  1 "O4'" B DT 6  ? ? "C4'" B DT 6  ? ? "C3'" B DT 6  ? ? 93.50  104.50 -11.00 0.40 N 
88  1 "C1'" B DT 6  ? ? "O4'" B DT 6  ? ? "C4'" B DT 6  ? ? 99.00  110.10 -11.10 1.00 N 
89  1 "O4'" B DT 6  ? ? "C1'" B DT 6  ? ? "C2'" B DT 6  ? ? 92.36  105.90 -13.54 0.80 N 
90  1 "O4'" B DT 6  ? ? "C1'" B DT 6  ? ? N1    B DT 6  ? ? 115.47 108.30 7.17   0.30 N 
91  1 P     B DG 7  ? ? "O5'" B DG 7  ? ? "C5'" B DG 7  ? ? 110.36 120.90 -10.54 1.60 N 
92  1 "C4'" B DG 7  ? ? "C3'" B DG 7  ? ? "C2'" B DG 7  ? ? 97.53  102.20 -4.67  0.70 N 
93  1 "C3'" B DG 7  ? ? "C2'" B DG 7  ? ? "C1'" B DG 7  ? ? 97.00  102.40 -5.40  0.80 N 
94  1 "O4'" B DG 7  ? ? "C1'" B DG 7  ? ? N9    B DG 7  ? ? 115.10 108.30 6.80   0.30 N 
95  1 "C4'" B DG 8  ? ? "C3'" B DG 8  ? ? "C2'" B DG 8  ? ? 97.43  102.20 -4.77  0.70 N 
96  1 "C3'" B DG 8  ? ? "C2'" B DG 8  ? ? "C1'" B DG 8  ? ? 97.33  102.40 -5.07  0.80 N 
97  1 "O4'" B DG 8  ? ? "C1'" B DG 8  ? ? N9    B DG 8  ? ? 115.90 108.30 7.60   0.30 N 
98  1 "C4'" B DA 9  ? ? "C3'" B DA 9  ? ? "C2'" B DA 9  ? ? 97.85  102.20 -4.35  0.70 N 
99  1 "C3'" B DA 9  ? ? "C2'" B DA 9  ? ? "C1'" B DA 9  ? ? 95.27  102.40 -7.13  0.80 N 
100 1 "O4'" B DA 9  ? ? "C1'" B DA 9  ? ? N9    B DA 9  ? ? 110.63 108.30 2.33   0.30 N 
101 1 "O4'" B DT 10 ? ? "C4'" B DT 10 ? ? "C3'" B DT 10 ? ? 96.01  104.50 -8.49  0.40 N 
102 1 "C4'" B DT 10 ? ? "C3'" B DT 10 ? ? "C2'" B DT 10 ? ? 95.12  102.20 -7.08  0.70 N 
103 1 "O4'" B DT 10 ? ? "C1'" B DT 10 ? ? N1    B DT 10 ? ? 115.98 108.30 7.68   0.30 N 
104 1 C4    B DT 10 ? ? C5    B DT 10 ? ? C6    B DT 10 ? ? 121.96 118.00 3.96   0.60 N 
105 1 "C5'" C DG 1  ? ? "C4'" C DG 1  ? ? "O4'" C DG 1  ? ? 117.13 109.80 7.33   1.10 N 
106 1 "C4'" C DG 1  ? ? "C3'" C DG 1  ? ? "C2'" C DG 1  ? ? 90.47  102.20 -11.73 0.70 N 
107 1 "C3'" C DG 1  ? ? "C2'" C DG 1  ? ? "C1'" C DG 1  ? ? 96.97  102.40 -5.43  0.80 N 
108 1 "O4'" C DG 1  ? ? "C1'" C DG 1  ? ? N9    C DG 1  ? ? 103.08 108.00 -4.92  0.70 N 
109 1 N1    C DG 1  ? ? C6    C DG 1  ? ? O6    C DG 1  ? ? 123.77 119.90 3.87   0.60 N 
110 1 C5    C DG 1  ? ? C6    C DG 1  ? ? O6    C DG 1  ? ? 121.86 128.60 -6.74  0.60 N 
111 1 "C3'" C DG 1  ? ? "O3'" C DG 1  ? ? P     C DC 2  ? ? 136.73 119.70 17.03  1.20 Y 
112 1 "O4'" C DC 2  ? ? "C4'" C DC 2  ? ? "C3'" C DC 2  ? ? 102.05 104.50 -2.45  0.40 N 
113 1 "O4'" C DC 2  ? ? "C1'" C DC 2  ? ? N1    C DC 2  ? ? 113.32 108.30 5.02   0.30 N 
114 1 C2    C DC 2  ? ? N3    C DC 2  ? ? C4    C DC 2  ? ? 123.41 119.90 3.51   0.50 N 
115 1 N3    C DC 2  ? ? C4    C DC 2  ? ? C5    C DC 2  ? ? 117.91 121.90 -3.99  0.40 N 
116 1 "C3'" C DC 2  ? ? "O3'" C DC 2  ? ? P     C DG 3  ? ? 109.80 119.70 -9.90  1.20 Y 
117 1 "C1'" C DG 3  ? ? "O4'" C DG 3  ? ? "C4'" C DG 3  ? ? 100.39 110.10 -9.71  1.00 N 
118 1 "O4'" C DG 3  ? ? "C1'" C DG 3  ? ? "C2'" C DG 3  ? ? 98.42  105.90 -7.48  0.80 N 
119 1 "O4'" C DG 4  ? ? "C4'" C DG 4  ? ? "C3'" C DG 4  ? ? 101.21 104.50 -3.29  0.40 N 
120 1 "C4'" C DG 4  ? ? "C3'" C DG 4  ? ? "C2'" C DG 4  ? ? 96.69  102.20 -5.51  0.70 N 
121 1 "O4'" C DG 4  ? ? "C1'" C DG 4  ? ? "C2'" C DG 4  ? ? 101.01 105.90 -4.89  0.80 N 
122 1 "O4'" C DG 4  ? ? "C1'" C DG 4  ? ? N9    C DG 4  ? ? 112.01 108.30 3.71   0.30 N 
123 1 P     C DT 5  ? ? "O5'" C DT 5  ? ? "C5'" C DT 5  ? ? 111.09 120.90 -9.81  1.60 N 
124 1 "C3'" C DT 5  ? ? "C2'" C DT 5  ? ? "C1'" C DT 5  ? ? 94.46  102.40 -7.94  0.80 N 
125 1 "O4'" C DT 5  ? ? "C1'" C DT 5  ? ? "C2'" C DT 5  ? ? 100.31 105.90 -5.59  0.80 N 
126 1 "O4'" C DT 5  ? ? "C1'" C DT 5  ? ? N1    C DT 5  ? ? 113.88 108.30 5.58   0.30 N 
127 1 "O4'" C DT 6  ? ? "C4'" C DT 6  ? ? "C3'" C DT 6  ? ? 93.87  104.50 -10.63 0.40 N 
128 1 "C1'" C DT 6  ? ? "O4'" C DT 6  ? ? "C4'" C DT 6  ? ? 97.63  110.10 -12.47 1.00 N 
129 1 "C3'" C DT 6  ? ? "C2'" C DT 6  ? ? "C1'" C DT 6  ? ? 96.81  102.40 -5.59  0.80 N 
130 1 "O4'" C DT 6  ? ? "C1'" C DT 6  ? ? N1    C DT 6  ? ? 120.44 108.30 12.14  0.30 N 
131 1 C6    C DT 6  ? ? N1    C DT 6  ? ? "C1'" C DT 6  ? ? 109.63 120.40 -10.77 1.50 N 
132 1 C2    C DT 6  ? ? N1    C DT 6  ? ? "C1'" C DT 6  ? ? 128.87 118.20 10.67  1.60 N 
133 1 P     C DG 7  ? ? "O5'" C DG 7  ? ? "C5'" C DG 7  ? ? 109.52 120.90 -11.38 1.60 N 
134 1 "C4'" C DG 7  ? ? "C3'" C DG 7  ? ? "C2'" C DG 7  ? ? 97.17  102.20 -5.03  0.70 N 
135 1 "C3'" C DG 7  ? ? "C2'" C DG 7  ? ? "C1'" C DG 7  ? ? 97.55  102.40 -4.85  0.80 N 
136 1 "O4'" C DG 7  ? ? "C1'" C DG 7  ? ? N9    C DG 7  ? ? 115.50 108.30 7.20   0.30 N 
137 1 "C4'" C DG 8  ? ? "C3'" C DG 8  ? ? "C2'" C DG 8  ? ? 97.24  102.20 -4.96  0.70 N 
138 1 "C3'" C DG 8  ? ? "C2'" C DG 8  ? ? "C1'" C DG 8  ? ? 97.03  102.40 -5.37  0.80 N 
139 1 "O4'" C DG 8  ? ? "C1'" C DG 8  ? ? N9    C DG 8  ? ? 117.02 108.30 8.72   0.30 N 
140 1 "C4'" C DA 9  ? ? "C3'" C DA 9  ? ? "C2'" C DA 9  ? ? 97.52  102.20 -4.68  0.70 N 
141 1 "C3'" C DA 9  ? ? "C2'" C DA 9  ? ? "C1'" C DA 9  ? ? 94.43  102.40 -7.97  0.80 N 
142 1 "O4'" C DA 9  ? ? "C1'" C DA 9  ? ? N9    C DA 9  ? ? 112.65 108.30 4.35   0.30 N 
143 1 "O4'" C DT 10 ? ? "C4'" C DT 10 ? ? "C3'" C DT 10 ? ? 99.71  104.50 -4.79  0.40 N 
144 1 "C4'" C DT 10 ? ? "C3'" C DT 10 ? ? "C2'" C DT 10 ? ? 96.11  102.20 -6.09  0.70 N 
145 1 "O4'" C DT 10 ? ? "C1'" C DT 10 ? ? N1    C DT 10 ? ? 113.67 108.30 5.37   0.30 N 
146 1 C4    C DT 10 ? ? C5    C DT 10 ? ? C6    C DT 10 ? ? 122.10 118.00 4.10   0.60 N 
147 1 C6    C DT 10 ? ? C5    C DT 10 ? ? C7    C DT 10 ? ? 119.06 122.90 -3.84  0.60 N 
148 1 "C4'" D DG 1  ? ? "C3'" D DG 1  ? ? "C2'" D DG 1  ? ? 90.42  102.20 -11.78 0.70 N 
149 1 "O4'" D DG 1  ? ? "C1'" D DG 1  ? ? N9    D DG 1  ? ? 110.56 108.30 2.26   0.30 N 
150 1 C5    D DG 1  ? ? C6    D DG 1  ? ? O6    D DG 1  ? ? 124.53 128.60 -4.07  0.60 N 
151 1 "C3'" D DG 1  ? ? "O3'" D DG 1  ? ? P     D DC 2  ? ? 135.61 119.70 15.91  1.20 Y 
152 1 C2    D DC 2  ? ? N3    D DC 2  ? ? C4    D DC 2  ? ? 123.68 119.90 3.78   0.50 N 
153 1 N3    D DC 2  ? ? C4    D DC 2  ? ? C5    D DC 2  ? ? 117.90 121.90 -4.00  0.40 N 
154 1 "C3'" D DC 2  ? ? "O3'" D DC 2  ? ? P     D DG 3  ? ? 110.03 119.70 -9.67  1.20 Y 
155 1 "C1'" D DG 3  ? ? "O4'" D DG 3  ? ? "C4'" D DG 3  ? ? 102.96 110.10 -7.14  1.00 N 
156 1 "O4'" D DG 3  ? ? "C1'" D DG 3  ? ? "C2'" D DG 3  ? ? 95.17  105.90 -10.73 0.80 N 
157 1 "C4'" D DG 4  ? ? "C3'" D DG 4  ? ? "C2'" D DG 4  ? ? 96.93  102.20 -5.27  0.70 N 
158 1 "O4'" D DG 4  ? ? "C1'" D DG 4  ? ? "C2'" D DG 4  ? ? 101.07 105.90 -4.83  0.80 N 
159 1 "O4'" D DG 4  ? ? "C1'" D DG 4  ? ? N9    D DG 4  ? ? 112.33 108.30 4.03   0.30 N 
160 1 P     D DT 5  ? ? "O5'" D DT 5  ? ? "C5'" D DT 5  ? ? 111.05 120.90 -9.85  1.60 N 
161 1 "C3'" D DT 5  ? ? "C2'" D DT 5  ? ? "C1'" D DT 5  ? ? 96.08  102.40 -6.32  0.80 N 
162 1 "O4'" D DT 5  ? ? "C1'" D DT 5  ? ? "C2'" D DT 5  ? ? 100.35 105.90 -5.55  0.80 N 
163 1 "O4'" D DT 5  ? ? "C1'" D DT 5  ? ? N1    D DT 5  ? ? 112.71 108.30 4.41   0.30 N 
164 1 "O4'" D DT 6  ? ? "C4'" D DT 6  ? ? "C3'" D DT 6  ? ? 92.78  104.50 -11.72 0.40 N 
165 1 "C5'" D DT 6  ? ? "C4'" D DT 6  ? ? "O4'" D DT 6  ? ? 116.47 109.80 6.67   1.10 N 
166 1 "C1'" D DT 6  ? ? "O4'" D DT 6  ? ? "C4'" D DT 6  ? ? 99.05  110.10 -11.05 1.00 N 
167 1 "O4'" D DT 6  ? ? "C1'" D DT 6  ? ? "C2'" D DT 6  ? ? 91.78  105.90 -14.12 0.80 N 
168 1 "O4'" D DT 6  ? ? "C1'" D DT 6  ? ? N1    D DT 6  ? ? 116.69 108.30 8.39   0.30 N 
169 1 P     D DG 7  ? ? "O5'" D DG 7  ? ? "C5'" D DG 7  ? ? 110.18 120.90 -10.72 1.60 N 
170 1 "C4'" D DG 7  ? ? "C3'" D DG 7  ? ? "C2'" D DG 7  ? ? 97.46  102.20 -4.74  0.70 N 
171 1 "C3'" D DG 7  ? ? "C2'" D DG 7  ? ? "C1'" D DG 7  ? ? 97.14  102.40 -5.26  0.80 N 
172 1 "O4'" D DG 7  ? ? "C1'" D DG 7  ? ? N9    D DG 7  ? ? 113.81 108.30 5.51   0.30 N 
173 1 "C4'" D DG 8  ? ? "C3'" D DG 8  ? ? "C2'" D DG 8  ? ? 97.20  102.20 -5.00  0.70 N 
174 1 "C3'" D DG 8  ? ? "C2'" D DG 8  ? ? "C1'" D DG 8  ? ? 97.07  102.40 -5.33  0.80 N 
175 1 "O4'" D DG 8  ? ? "C1'" D DG 8  ? ? N9    D DG 8  ? ? 116.65 108.30 8.35   0.30 N 
176 1 "C4'" D DA 9  ? ? "C3'" D DA 9  ? ? "C2'" D DA 9  ? ? 97.65  102.20 -4.55  0.70 N 
177 1 "C3'" D DA 9  ? ? "C2'" D DA 9  ? ? "C1'" D DA 9  ? ? 94.21  102.40 -8.19  0.80 N 
178 1 "O4'" D DA 9  ? ? "C1'" D DA 9  ? ? N9    D DA 9  ? ? 112.80 108.30 4.50   0.30 N 
179 1 "O4'" D DT 10 ? ? "C4'" D DT 10 ? ? "C3'" D DT 10 ? ? 99.61  104.50 -4.89  0.40 N 
180 1 "C4'" D DT 10 ? ? "C3'" D DT 10 ? ? "C2'" D DT 10 ? ? 96.08  102.20 -6.12  0.70 N 
181 1 "O4'" D DT 10 ? ? "C1'" D DT 10 ? ? N1    D DT 10 ? ? 113.70 108.30 5.40   0.30 N 
182 1 C4    D DT 10 ? ? C5    D DT 10 ? ? C6    D DT 10 ? ? 122.07 118.00 4.07   0.60 N 
183 1 C6    D DT 10 ? ? C5    D DT 10 ? ? C7    D DT 10 ? ? 119.08 122.90 -3.82  0.60 N 
# 
loop_
_pdbx_validate_chiral.id 
_pdbx_validate_chiral.PDB_model_num 
_pdbx_validate_chiral.auth_atom_id 
_pdbx_validate_chiral.label_alt_id 
_pdbx_validate_chiral.auth_asym_id 
_pdbx_validate_chiral.auth_comp_id 
_pdbx_validate_chiral.auth_seq_id 
_pdbx_validate_chiral.PDB_ins_code 
_pdbx_validate_chiral.details 
_pdbx_validate_chiral.omega 
1 1 "C4'" ? A DG 4 ? 'WRONG HAND' . 
2 1 "C4'" ? B DG 4 ? 'WRONG HAND' . 
3 1 "C4'" ? C DG 4 ? 'WRONG HAND' . 
4 1 "C4'" ? D DG 4 ? 'WRONG HAND' . 
# 
_pdbx_nmr_ensemble.entry_id                                      1XCE 
_pdbx_nmr_ensemble.conformers_calculated_total_number            15 
_pdbx_nmr_ensemble.conformers_submitted_total_number             1 
_pdbx_nmr_ensemble.conformer_selection_criteria                  'structures with the lowest energy' 
_pdbx_nmr_ensemble.average_constraints_per_residue               ? 
_pdbx_nmr_ensemble.average_constraint_violations_per_residue     ? 
_pdbx_nmr_ensemble.maximum_distance_constraint_violation         ? 
_pdbx_nmr_ensemble.average_distance_constraint_violation         ? 
_pdbx_nmr_ensemble.maximum_upper_distance_constraint_violation   ? 
_pdbx_nmr_ensemble.maximum_lower_distance_constraint_violation   ? 
_pdbx_nmr_ensemble.distance_constraint_violation_method          ? 
_pdbx_nmr_ensemble.maximum_torsion_angle_constraint_violation    ? 
_pdbx_nmr_ensemble.average_torsion_angle_constraint_violation    ? 
_pdbx_nmr_ensemble.torsion_angle_constraint_violation_method     ? 
# 
_pdbx_nmr_representative.entry_id             1XCE 
_pdbx_nmr_representative.conformer_id         1 
_pdbx_nmr_representative.selection_criteria   'lowest energy' 
# 
_pdbx_nmr_sample_details.solution_id      1 
_pdbx_nmr_sample_details.contents         'synthesized by solid phase phosphoramidite methods, phosphate buffer pH 6.8, H2O' 
_pdbx_nmr_sample_details.solvent_system   H2O 
_pdbx_nmr_sample_details.label            ? 
_pdbx_nmr_sample_details.type             ? 
_pdbx_nmr_sample_details.details          ? 
# 
loop_
_pdbx_nmr_exptl_sample_conditions.conditions_id 
_pdbx_nmr_exptl_sample_conditions.temperature 
_pdbx_nmr_exptl_sample_conditions.pressure 
_pdbx_nmr_exptl_sample_conditions.pH 
_pdbx_nmr_exptl_sample_conditions.ionic_strength 
_pdbx_nmr_exptl_sample_conditions.pressure_units 
_pdbx_nmr_exptl_sample_conditions.temperature_units 
_pdbx_nmr_exptl_sample_conditions.label 
_pdbx_nmr_exptl_sample_conditions.pH_units 
_pdbx_nmr_exptl_sample_conditions.ionic_strength_units 
1 293 normal 6.8 '100 mM NaCl' ? K ? ? ? 
2 273 normal 6.8 '100 mM NaCl' ? K ? ? ? 
# 
loop_
_pdbx_nmr_exptl.experiment_id 
_pdbx_nmr_exptl.solution_id 
_pdbx_nmr_exptl.conditions_id 
_pdbx_nmr_exptl.type 
1 1 1 DQF-COSY        
2 1 1 '2D TOCSY'      
3 1 1 '2D NOESY'      
4 1 2 '1H,15N HSQC'   
5 1 1 '31P,1H HETCOR' 
6 1 2 JR-NOESY        
# 
_pdbx_nmr_details.entry_id   1XCE 
_pdbx_nmr_details.text       'The structure was determine using standard and non-standard homo- and heteronuclear NMR techniques' 
# 
_pdbx_nmr_refine.entry_id           1XCE 
_pdbx_nmr_refine.method             'simulated annealing, torsion angle dynamics, molecular dynamics' 
_pdbx_nmr_refine.details            ? 
_pdbx_nmr_refine.software_ordinal   1 
# 
loop_
_pdbx_nmr_software.name 
_pdbx_nmr_software.version 
_pdbx_nmr_software.classification 
_pdbx_nmr_software.authors 
_pdbx_nmr_software.ordinal 
X-PLOR    2.1   refinement Brunger            1 
XPLOR-NIH 2.9.7 refinement Brunger/Schwieters 2 
# 
loop_
_chem_comp_atom.comp_id 
_chem_comp_atom.atom_id 
_chem_comp_atom.type_symbol 
_chem_comp_atom.pdbx_aromatic_flag 
_chem_comp_atom.pdbx_stereo_config 
_chem_comp_atom.pdbx_ordinal 
DA OP3    O N N 1   
DA P      P N N 2   
DA OP1    O N N 3   
DA OP2    O N N 4   
DA "O5'"  O N N 5   
DA "C5'"  C N N 6   
DA "C4'"  C N R 7   
DA "O4'"  O N N 8   
DA "C3'"  C N S 9   
DA "O3'"  O N N 10  
DA "C2'"  C N N 11  
DA "C1'"  C N R 12  
DA N9     N Y N 13  
DA C8     C Y N 14  
DA N7     N Y N 15  
DA C5     C Y N 16  
DA C6     C Y N 17  
DA N6     N N N 18  
DA N1     N Y N 19  
DA C2     C Y N 20  
DA N3     N Y N 21  
DA C4     C Y N 22  
DA HOP3   H N N 23  
DA HOP2   H N N 24  
DA "H5'"  H N N 25  
DA "H5''" H N N 26  
DA "H4'"  H N N 27  
DA "H3'"  H N N 28  
DA "HO3'" H N N 29  
DA "H2'"  H N N 30  
DA "H2''" H N N 31  
DA "H1'"  H N N 32  
DA H8     H N N 33  
DA H61    H N N 34  
DA H62    H N N 35  
DA H2     H N N 36  
DC OP3    O N N 37  
DC P      P N N 38  
DC OP1    O N N 39  
DC OP2    O N N 40  
DC "O5'"  O N N 41  
DC "C5'"  C N N 42  
DC "C4'"  C N R 43  
DC "O4'"  O N N 44  
DC "C3'"  C N S 45  
DC "O3'"  O N N 46  
DC "C2'"  C N N 47  
DC "C1'"  C N R 48  
DC N1     N N N 49  
DC C2     C N N 50  
DC O2     O N N 51  
DC N3     N N N 52  
DC C4     C N N 53  
DC N4     N N N 54  
DC C5     C N N 55  
DC C6     C N N 56  
DC HOP3   H N N 57  
DC HOP2   H N N 58  
DC "H5'"  H N N 59  
DC "H5''" H N N 60  
DC "H4'"  H N N 61  
DC "H3'"  H N N 62  
DC "HO3'" H N N 63  
DC "H2'"  H N N 64  
DC "H2''" H N N 65  
DC "H1'"  H N N 66  
DC H41    H N N 67  
DC H42    H N N 68  
DC H5     H N N 69  
DC H6     H N N 70  
DG OP3    O N N 71  
DG P      P N N 72  
DG OP1    O N N 73  
DG OP2    O N N 74  
DG "O5'"  O N N 75  
DG "C5'"  C N N 76  
DG "C4'"  C N R 77  
DG "O4'"  O N N 78  
DG "C3'"  C N S 79  
DG "O3'"  O N N 80  
DG "C2'"  C N N 81  
DG "C1'"  C N R 82  
DG N9     N Y N 83  
DG C8     C Y N 84  
DG N7     N Y N 85  
DG C5     C Y N 86  
DG C6     C N N 87  
DG O6     O N N 88  
DG N1     N N N 89  
DG C2     C N N 90  
DG N2     N N N 91  
DG N3     N N N 92  
DG C4     C Y N 93  
DG HOP3   H N N 94  
DG HOP2   H N N 95  
DG "H5'"  H N N 96  
DG "H5''" H N N 97  
DG "H4'"  H N N 98  
DG "H3'"  H N N 99  
DG "HO3'" H N N 100 
DG "H2'"  H N N 101 
DG "H2''" H N N 102 
DG "H1'"  H N N 103 
DG H8     H N N 104 
DG H1     H N N 105 
DG H21    H N N 106 
DG H22    H N N 107 
DT OP3    O N N 108 
DT P      P N N 109 
DT OP1    O N N 110 
DT OP2    O N N 111 
DT "O5'"  O N N 112 
DT "C5'"  C N N 113 
DT "C4'"  C N R 114 
DT "O4'"  O N N 115 
DT "C3'"  C N S 116 
DT "O3'"  O N N 117 
DT "C2'"  C N N 118 
DT "C1'"  C N R 119 
DT N1     N N N 120 
DT C2     C N N 121 
DT O2     O N N 122 
DT N3     N N N 123 
DT C4     C N N 124 
DT O4     O N N 125 
DT C5     C N N 126 
DT C7     C N N 127 
DT C6     C N N 128 
DT HOP3   H N N 129 
DT HOP2   H N N 130 
DT "H5'"  H N N 131 
DT "H5''" H N N 132 
DT "H4'"  H N N 133 
DT "H3'"  H N N 134 
DT "HO3'" H N N 135 
DT "H2'"  H N N 136 
DT "H2''" H N N 137 
DT "H1'"  H N N 138 
DT H3     H N N 139 
DT H71    H N N 140 
DT H72    H N N 141 
DT H73    H N N 142 
DT H6     H N N 143 
# 
loop_
_chem_comp_bond.comp_id 
_chem_comp_bond.atom_id_1 
_chem_comp_bond.atom_id_2 
_chem_comp_bond.value_order 
_chem_comp_bond.pdbx_aromatic_flag 
_chem_comp_bond.pdbx_stereo_config 
_chem_comp_bond.pdbx_ordinal 
DA OP3   P      sing N N 1   
DA OP3   HOP3   sing N N 2   
DA P     OP1    doub N N 3   
DA P     OP2    sing N N 4   
DA P     "O5'"  sing N N 5   
DA OP2   HOP2   sing N N 6   
DA "O5'" "C5'"  sing N N 7   
DA "C5'" "C4'"  sing N N 8   
DA "C5'" "H5'"  sing N N 9   
DA "C5'" "H5''" sing N N 10  
DA "C4'" "O4'"  sing N N 11  
DA "C4'" "C3'"  sing N N 12  
DA "C4'" "H4'"  sing N N 13  
DA "O4'" "C1'"  sing N N 14  
DA "C3'" "O3'"  sing N N 15  
DA "C3'" "C2'"  sing N N 16  
DA "C3'" "H3'"  sing N N 17  
DA "O3'" "HO3'" sing N N 18  
DA "C2'" "C1'"  sing N N 19  
DA "C2'" "H2'"  sing N N 20  
DA "C2'" "H2''" sing N N 21  
DA "C1'" N9     sing N N 22  
DA "C1'" "H1'"  sing N N 23  
DA N9    C8     sing Y N 24  
DA N9    C4     sing Y N 25  
DA C8    N7     doub Y N 26  
DA C8    H8     sing N N 27  
DA N7    C5     sing Y N 28  
DA C5    C6     sing Y N 29  
DA C5    C4     doub Y N 30  
DA C6    N6     sing N N 31  
DA C6    N1     doub Y N 32  
DA N6    H61    sing N N 33  
DA N6    H62    sing N N 34  
DA N1    C2     sing Y N 35  
DA C2    N3     doub Y N 36  
DA C2    H2     sing N N 37  
DA N3    C4     sing Y N 38  
DC OP3   P      sing N N 39  
DC OP3   HOP3   sing N N 40  
DC P     OP1    doub N N 41  
DC P     OP2    sing N N 42  
DC P     "O5'"  sing N N 43  
DC OP2   HOP2   sing N N 44  
DC "O5'" "C5'"  sing N N 45  
DC "C5'" "C4'"  sing N N 46  
DC "C5'" "H5'"  sing N N 47  
DC "C5'" "H5''" sing N N 48  
DC "C4'" "O4'"  sing N N 49  
DC "C4'" "C3'"  sing N N 50  
DC "C4'" "H4'"  sing N N 51  
DC "O4'" "C1'"  sing N N 52  
DC "C3'" "O3'"  sing N N 53  
DC "C3'" "C2'"  sing N N 54  
DC "C3'" "H3'"  sing N N 55  
DC "O3'" "HO3'" sing N N 56  
DC "C2'" "C1'"  sing N N 57  
DC "C2'" "H2'"  sing N N 58  
DC "C2'" "H2''" sing N N 59  
DC "C1'" N1     sing N N 60  
DC "C1'" "H1'"  sing N N 61  
DC N1    C2     sing N N 62  
DC N1    C6     sing N N 63  
DC C2    O2     doub N N 64  
DC C2    N3     sing N N 65  
DC N3    C4     doub N N 66  
DC C4    N4     sing N N 67  
DC C4    C5     sing N N 68  
DC N4    H41    sing N N 69  
DC N4    H42    sing N N 70  
DC C5    C6     doub N N 71  
DC C5    H5     sing N N 72  
DC C6    H6     sing N N 73  
DG OP3   P      sing N N 74  
DG OP3   HOP3   sing N N 75  
DG P     OP1    doub N N 76  
DG P     OP2    sing N N 77  
DG P     "O5'"  sing N N 78  
DG OP2   HOP2   sing N N 79  
DG "O5'" "C5'"  sing N N 80  
DG "C5'" "C4'"  sing N N 81  
DG "C5'" "H5'"  sing N N 82  
DG "C5'" "H5''" sing N N 83  
DG "C4'" "O4'"  sing N N 84  
DG "C4'" "C3'"  sing N N 85  
DG "C4'" "H4'"  sing N N 86  
DG "O4'" "C1'"  sing N N 87  
DG "C3'" "O3'"  sing N N 88  
DG "C3'" "C2'"  sing N N 89  
DG "C3'" "H3'"  sing N N 90  
DG "O3'" "HO3'" sing N N 91  
DG "C2'" "C1'"  sing N N 92  
DG "C2'" "H2'"  sing N N 93  
DG "C2'" "H2''" sing N N 94  
DG "C1'" N9     sing N N 95  
DG "C1'" "H1'"  sing N N 96  
DG N9    C8     sing Y N 97  
DG N9    C4     sing Y N 98  
DG C8    N7     doub Y N 99  
DG C8    H8     sing N N 100 
DG N7    C5     sing Y N 101 
DG C5    C6     sing N N 102 
DG C5    C4     doub Y N 103 
DG C6    O6     doub N N 104 
DG C6    N1     sing N N 105 
DG N1    C2     sing N N 106 
DG N1    H1     sing N N 107 
DG C2    N2     sing N N 108 
DG C2    N3     doub N N 109 
DG N2    H21    sing N N 110 
DG N2    H22    sing N N 111 
DG N3    C4     sing N N 112 
DT OP3   P      sing N N 113 
DT OP3   HOP3   sing N N 114 
DT P     OP1    doub N N 115 
DT P     OP2    sing N N 116 
DT P     "O5'"  sing N N 117 
DT OP2   HOP2   sing N N 118 
DT "O5'" "C5'"  sing N N 119 
DT "C5'" "C4'"  sing N N 120 
DT "C5'" "H5'"  sing N N 121 
DT "C5'" "H5''" sing N N 122 
DT "C4'" "O4'"  sing N N 123 
DT "C4'" "C3'"  sing N N 124 
DT "C4'" "H4'"  sing N N 125 
DT "O4'" "C1'"  sing N N 126 
DT "C3'" "O3'"  sing N N 127 
DT "C3'" "C2'"  sing N N 128 
DT "C3'" "H3'"  sing N N 129 
DT "O3'" "HO3'" sing N N 130 
DT "C2'" "C1'"  sing N N 131 
DT "C2'" "H2'"  sing N N 132 
DT "C2'" "H2''" sing N N 133 
DT "C1'" N1     sing N N 134 
DT "C1'" "H1'"  sing N N 135 
DT N1    C2     sing N N 136 
DT N1    C6     sing N N 137 
DT C2    O2     doub N N 138 
DT C2    N3     sing N N 139 
DT N3    C4     sing N N 140 
DT N3    H3     sing N N 141 
DT C4    O4     doub N N 142 
DT C4    C5     sing N N 143 
DT C5    C7     sing N N 144 
DT C5    C6     doub N N 145 
DT C7    H71    sing N N 146 
DT C7    H72    sing N N 147 
DT C7    H73    sing N N 148 
DT C6    H6     sing N N 149 
# 
loop_
_ndb_struct_conf_na.entry_id 
_ndb_struct_conf_na.feature 
1XCE 'double helix'         
1XCE 'parallel strands'     
1XCE 'mismatched base pair' 
# 
loop_
_ndb_struct_na_base_pair.model_number 
_ndb_struct_na_base_pair.i_label_asym_id 
_ndb_struct_na_base_pair.i_label_comp_id 
_ndb_struct_na_base_pair.i_label_seq_id 
_ndb_struct_na_base_pair.i_symmetry 
_ndb_struct_na_base_pair.j_label_asym_id 
_ndb_struct_na_base_pair.j_label_comp_id 
_ndb_struct_na_base_pair.j_label_seq_id 
_ndb_struct_na_base_pair.j_symmetry 
_ndb_struct_na_base_pair.shear 
_ndb_struct_na_base_pair.stretch 
_ndb_struct_na_base_pair.stagger 
_ndb_struct_na_base_pair.buckle 
_ndb_struct_na_base_pair.propeller 
_ndb_struct_na_base_pair.opening 
_ndb_struct_na_base_pair.pair_number 
_ndb_struct_na_base_pair.pair_name 
_ndb_struct_na_base_pair.i_auth_asym_id 
_ndb_struct_na_base_pair.i_auth_seq_id 
_ndb_struct_na_base_pair.i_PDB_ins_code 
_ndb_struct_na_base_pair.j_auth_asym_id 
_ndb_struct_na_base_pair.j_auth_seq_id 
_ndb_struct_na_base_pair.j_PDB_ins_code 
_ndb_struct_na_base_pair.hbond_type_28 
_ndb_struct_na_base_pair.hbond_type_12 
1 B DT 10 1_555 A DT 10 1_555 1.878  -2.485 0.157  -3.192  11.089  167.231  1  B_DT10:DT10_A B 10 ? A 10 ? 12 2 
1 A DA 9  1_555 B DA 9  1_555 1.345  1.026  0.160  -3.019  -1.496  -173.897 2  A_DA9:DA9_B   A 9  ? B 9  ? 1  2 
1 A DG 4  1_555 B DG 8  1_555 -1.198 -3.609 -0.019 1.294   -0.027  88.889   3  A_DG4:DG8_B   A 4  ? B 8  ? 6  3 
1 B DG 7  1_555 A DG 3  1_555 2.493  2.721  0.136  -16.409 4.281   -89.834  4  B_DG7:DG3_A   B 7  ? A 3  ? 6  3 
1 B DG 3  1_555 A DG 7  1_555 -2.350 -2.776 0.144  19.078  -2.857  86.970   5  B_DG3:DG7_A   B 3  ? A 7  ? 6  3 
1 B DG 4  1_555 A DG 8  1_555 -1.201 -3.898 0.040  1.239   2.403   80.678   6  B_DG4:DG8_A   B 4  ? A 8  ? 6  3 
1 D DT 10 1_555 C DT 10 1_555 -1.822 2.710  -0.001 4.846   -24.356 -179.969 7  D_DT10:DT10_C D 10 ? C 10 ? 12 2 
1 C DA 9  1_555 D DA 9  1_555 -1.289 -1.034 -0.008 -0.103  3.469   179.955  8  C_DA9:DA9_D   C 9  ? D 9  ? 1  2 
1 D DG 4  1_555 D DG 8  1_555 1.195  3.548  -0.012 -0.178  -0.879  -96.207  9  D_DG4:DG8_D   D 4  ? D 8  ? 6  3 
1 D DG 7  1_555 D DG 3  1_555 -2.369 -2.702 0.255  12.193  -2.914  89.857   10 D_DG7:DG3_D   D 7  ? D 3  ? 6  3 
1 C DG 3  1_555 C DG 7  1_555 2.389  2.761  0.032  -14.572 -1.562  -86.507  11 C_DG3:DG7_C   C 3  ? C 7  ? 6  3 
1 C DG 4  1_555 C DG 8  1_555 1.217  3.553  -0.035 0.462   -0.748  -94.346  12 C_DG4:DG8_C   C 4  ? C 8  ? 6  3 
# 
loop_
_ndb_struct_na_base_pair_step.model_number 
_ndb_struct_na_base_pair_step.i_label_asym_id_1 
_ndb_struct_na_base_pair_step.i_label_comp_id_1 
_ndb_struct_na_base_pair_step.i_label_seq_id_1 
_ndb_struct_na_base_pair_step.i_symmetry_1 
_ndb_struct_na_base_pair_step.j_label_asym_id_1 
_ndb_struct_na_base_pair_step.j_label_comp_id_1 
_ndb_struct_na_base_pair_step.j_label_seq_id_1 
_ndb_struct_na_base_pair_step.j_symmetry_1 
_ndb_struct_na_base_pair_step.i_label_asym_id_2 
_ndb_struct_na_base_pair_step.i_label_comp_id_2 
_ndb_struct_na_base_pair_step.i_label_seq_id_2 
_ndb_struct_na_base_pair_step.i_symmetry_2 
_ndb_struct_na_base_pair_step.j_label_asym_id_2 
_ndb_struct_na_base_pair_step.j_label_comp_id_2 
_ndb_struct_na_base_pair_step.j_label_seq_id_2 
_ndb_struct_na_base_pair_step.j_symmetry_2 
_ndb_struct_na_base_pair_step.shift 
_ndb_struct_na_base_pair_step.slide 
_ndb_struct_na_base_pair_step.rise 
_ndb_struct_na_base_pair_step.tilt 
_ndb_struct_na_base_pair_step.roll 
_ndb_struct_na_base_pair_step.twist 
_ndb_struct_na_base_pair_step.x_displacement 
_ndb_struct_na_base_pair_step.y_displacement 
_ndb_struct_na_base_pair_step.helical_rise 
_ndb_struct_na_base_pair_step.inclination 
_ndb_struct_na_base_pair_step.tip 
_ndb_struct_na_base_pair_step.helical_twist 
_ndb_struct_na_base_pair_step.step_number 
_ndb_struct_na_base_pair_step.step_name 
_ndb_struct_na_base_pair_step.i_auth_asym_id_1 
_ndb_struct_na_base_pair_step.i_auth_seq_id_1 
_ndb_struct_na_base_pair_step.i_PDB_ins_code_1 
_ndb_struct_na_base_pair_step.j_auth_asym_id_1 
_ndb_struct_na_base_pair_step.j_auth_seq_id_1 
_ndb_struct_na_base_pair_step.j_PDB_ins_code_1 
_ndb_struct_na_base_pair_step.i_auth_asym_id_2 
_ndb_struct_na_base_pair_step.i_auth_seq_id_2 
_ndb_struct_na_base_pair_step.i_PDB_ins_code_2 
_ndb_struct_na_base_pair_step.j_auth_asym_id_2 
_ndb_struct_na_base_pair_step.j_auth_seq_id_2 
_ndb_struct_na_base_pair_step.j_PDB_ins_code_2 
1 B DT 10 1_555 A DT 10 1_555 A DA 9 1_555 B DA 9 1_555 -0.196 0.450  -2.765 -8.521 0.478   -23.607 -0.915 1.710 -2.679 -1.123 
-20.009 -25.082 1  BA_DT10DA9:DA9DT10_BA B 10 ? A 10 ? A 9 ? B 9 ? 
1 A DA 9  1_555 B DA 9  1_555 A DG 4 1_555 B DG 8 1_555 -1.369 -0.403 -3.091 1.033  -1.961  81.984  -0.354 1.019 -3.096 -1.495 
-0.787  82.008  2  AA_DA9DG4:DG8DA9_BB   A 9  ? B 9  ? A 4 ? B 8 ? 
1 A DG 4  1_555 B DG 8  1_555 B DG 7 1_555 A DG 3 1_555 0.395  0.941  -2.734 -3.266 -3.783  -14.140 -6.077 3.647 -2.258 14.777 
-12.759 -14.994 3  AB_DG4DG7:DG3DG8_AB   A 4  ? B 8  ? B 7 ? A 3 ? 
1 B DG 7  1_555 A DG 3  1_555 B DG 3 1_555 A DG 7 1_555 -2.054 -2.938 0.031  11.269 -3.975  177.584 -1.469 1.027 0.029  -1.988 
-5.636  177.597 4  BB_DG7DG3:DG7DG3_AA   B 7  ? A 3  ? B 3 ? A 7 ? 
1 B DG 3  1_555 A DG 7  1_555 B DG 4 1_555 A DG 8 1_555 -0.337 -0.620 2.774  3.082  5.703   15.639  -5.106 2.765 2.297  19.881 
-10.743 16.922  5  BB_DG3DG4:DG8DG7_AA   B 3  ? A 7  ? B 4 ? A 8 ? 
1 D DT 10 1_555 C DT 10 1_555 C DA 9 1_555 D DA 9 1_555 -0.004 0.006  -2.524 -0.252 0.047   -22.719 -0.002 0.059 -2.523 -0.120 
-0.639  -22.721 6  DC_DT10DA9:DA9DT10_DC D 10 ? C 10 ? C 9 ? D 9 ? 
1 C DA 9  1_555 D DA 9  1_555 D DG 4 1_555 D DG 8 1_555 -0.793 -1.829 -3.025 0.374  -0.366  173.145 -0.916 0.397 -3.025 -0.183 
-0.187  173.145 7  CD_DA9DG4:DG8DA9_DD   C 9  ? D 9  ? D 4 ? D 8 ? 
1 D DG 4  1_555 D DG 8  1_555 D DG 7 1_555 D DG 3 1_555 0.499  1.043  -2.737 -4.682 -8.542  -10.529 -9.625 4.984 -1.230 37.605 
-20.613 -14.335 8  DD_DG4DG7:DG3DG8_DD   D 4  ? D 8  ? D 7 ? D 3 ? 
1 D DG 7  1_555 D DG 3  1_555 C DG 3 1_555 C DG 7 1_555 -2.444 -2.609 -0.071 17.897 -10.103 179.390 -1.305 1.222 -0.071 -5.052 
-8.948  179.399 9  DC_DG7DG3:DG7DG3_CD   D 7  ? D 3  ? C 3 ? C 7 ? 
1 C DG 3  1_555 C DG 7  1_555 C DG 4 1_555 C DG 8 1_555 -0.607 -0.900 2.813  7.207  8.011   11.111  -7.909 6.359 1.277  32.899 
-29.595 15.467  10 CC_DG3DG4:DG8DG7_CC   C 3  ? C 7  ? C 4 ? C 8 ? 
# 
_pdbx_nmr_spectrometer.spectrometer_id   1 
_pdbx_nmr_spectrometer.type              ? 
_pdbx_nmr_spectrometer.manufacturer      Varian 
_pdbx_nmr_spectrometer.model             INOVA 
_pdbx_nmr_spectrometer.field_strength    600 
# 
_atom_sites.entry_id                    1XCE 
_atom_sites.fract_transf_matrix[1][1]   1.000000 
_atom_sites.fract_transf_matrix[1][2]   0.000000 
_atom_sites.fract_transf_matrix[1][3]   0.000000 
_atom_sites.fract_transf_matrix[2][1]   0.000000 
_atom_sites.fract_transf_matrix[2][2]   1.000000 
_atom_sites.fract_transf_matrix[2][3]   0.000000 
_atom_sites.fract_transf_matrix[3][1]   0.000000 
_atom_sites.fract_transf_matrix[3][2]   0.000000 
_atom_sites.fract_transf_matrix[3][3]   1.000000 
_atom_sites.fract_transf_vector[1]      0.00000 
_atom_sites.fract_transf_vector[2]      0.00000 
_atom_sites.fract_transf_vector[3]      0.00000 
# 
loop_
_atom_type.symbol 
C 
H 
N 
O 
P 
# 
loop_
_atom_site.group_PDB 
_atom_site.id 
_atom_site.type_symbol 
_atom_site.label_atom_id 
_atom_site.label_alt_id 
_atom_site.label_comp_id 
_atom_site.label_asym_id 
_atom_site.label_entity_id 
_atom_site.label_seq_id 
_atom_site.pdbx_PDB_ins_code 
_atom_site.Cartn_x 
_atom_site.Cartn_y 
_atom_site.Cartn_z 
_atom_site.occupancy 
_atom_site.B_iso_or_equiv 
_atom_site.pdbx_formal_charge 
_atom_site.auth_seq_id 
_atom_site.auth_comp_id 
_atom_site.auth_asym_id 
_atom_site.auth_atom_id 
_atom_site.pdbx_PDB_model_num 
ATOM 1    O "O5'"  . DG A 1 1  ? 4.071   3.734   4.796   1.00 0.00 ? 1  DG A "O5'"  1 
ATOM 2    C "C5'"  . DG A 1 1  ? 5.252   3.733   5.572   1.00 0.00 ? 1  DG A "C5'"  1 
ATOM 3    C "C4'"  . DG A 1 1  ? 5.843   2.388   5.444   1.00 0.00 ? 1  DG A "C4'"  1 
ATOM 4    O "O4'"  . DG A 1 1  ? 5.069   1.353   6.067   1.00 0.00 ? 1  DG A "O4'"  1 
ATOM 5    C "C3'"  . DG A 1 1  ? 6.109   1.986   4.006   1.00 0.00 ? 1  DG A "C3'"  1 
ATOM 6    O "O3'"  . DG A 1 1  ? 7.449   2.481   3.862   1.00 0.00 ? 1  DG A "O3'"  1 
ATOM 7    C "C2'"  . DG A 1 1  ? 6.292   0.573   4.388   1.00 0.00 ? 1  DG A "C2'"  1 
ATOM 8    C "C1'"  . DG A 1 1  ? 5.185   0.202   5.216   1.00 0.00 ? 1  DG A "C1'"  1 
ATOM 9    N N9     . DG A 1 1  ? 4.118   0.100   4.305   1.00 0.00 ? 1  DG A N9     1 
ATOM 10   C C8     . DG A 1 1  ? 3.094   0.919   4.240   1.00 0.00 ? 1  DG A C8     1 
ATOM 11   N N7     . DG A 1 1  ? 2.215   0.656   3.299   1.00 0.00 ? 1  DG A N7     1 
ATOM 12   C C5     . DG A 1 1  ? 2.814   -0.468  2.728   1.00 0.00 ? 1  DG A C5     1 
ATOM 13   C C6     . DG A 1 1  ? 2.395   -1.229  1.674   1.00 0.00 ? 1  DG A C6     1 
ATOM 14   O O6     . DG A 1 1  ? 1.404   -1.035  1.008   1.00 0.00 ? 1  DG A O6     1 
ATOM 15   N N1     . DG A 1 1  ? 3.247   -2.263  1.385   1.00 0.00 ? 1  DG A N1     1 
ATOM 16   C C2     . DG A 1 1  ? 4.425   -2.570  2.053   1.00 0.00 ? 1  DG A C2     1 
ATOM 17   N N2     . DG A 1 1  ? 5.176   -3.605  1.649   1.00 0.00 ? 1  DG A N2     1 
ATOM 18   N N3     . DG A 1 1  ? 4.834   -1.824  3.082   1.00 0.00 ? 1  DG A N3     1 
ATOM 19   C C4     . DG A 1 1  ? 3.978   -0.809  3.346   1.00 0.00 ? 1  DG A C4     1 
ATOM 20   H "H5'"  . DG A 1 1  ? 5.061   3.927   6.622   1.00 0.00 ? 1  DG A "H5'"  1 
ATOM 21   H "H5''" . DG A 1 1  ? 5.979   4.458   5.218   1.00 0.00 ? 1  DG A "H5''" 1 
ATOM 22   H "H4'"  . DG A 1 1  ? 6.793   2.421   5.948   1.00 0.00 ? 1  DG A "H4'"  1 
ATOM 23   H "H3'"  . DG A 1 1  ? 5.286   2.116   3.263   1.00 0.00 ? 1  DG A "H3'"  1 
ATOM 24   H "H2'"  . DG A 1 1  ? 6.609   -0.229  3.743   1.00 0.00 ? 1  DG A "H2'"  1 
ATOM 25   H "H2''" . DG A 1 1  ? 6.925   0.835   5.145   1.00 0.00 ? 1  DG A "H2''" 1 
ATOM 26   H "H1'"  . DG A 1 1  ? 5.407   -0.769  5.612   1.00 0.00 ? 1  DG A "H1'"  1 
ATOM 27   H H8     . DG A 1 1  ? 3.346   1.640   5.007   1.00 0.00 ? 1  DG A H8     1 
ATOM 28   H H1     . DG A 1 1  ? 2.890   -2.758  0.575   1.00 0.00 ? 1  DG A H1     1 
ATOM 29   H H21    . DG A 1 1  ? 4.846   -4.241  0.931   1.00 0.00 ? 1  DG A H21    1 
ATOM 30   H H22    . DG A 1 1  ? 6.089   -3.766  2.057   1.00 0.00 ? 1  DG A H22    1 
ATOM 31   H "HO5'" . DG A 1 1  ? 3.369   3.458   5.407   1.00 0.00 ? 1  DG A "HO5'" 1 
ATOM 32   P P      . DC A 1 2  ? 8.459   2.687   2.655   1.00 0.00 ? 2  DC A P      1 
ATOM 33   O OP1    . DC A 1 2  ? 9.786   3.040   3.208   1.00 0.00 ? 2  DC A OP1    1 
ATOM 34   O OP2    . DC A 1 2  ? 7.863   3.439   1.542   1.00 0.00 ? 2  DC A OP2    1 
ATOM 35   O "O5'"  . DC A 1 2  ? 8.491   1.169   2.231   1.00 0.00 ? 2  DC A "O5'"  1 
ATOM 36   C "C5'"  . DC A 1 2  ? 9.037   0.127   3.038   1.00 0.00 ? 2  DC A "C5'"  1 
ATOM 37   C "C4'"  . DC A 1 2  ? 8.769   -1.236  2.384   1.00 0.00 ? 2  DC A "C4'"  1 
ATOM 38   O "O4'"  . DC A 1 2  ? 7.388   -1.504  2.025   1.00 0.00 ? 2  DC A "O4'"  1 
ATOM 39   C "C3'"  . DC A 1 2  ? 9.389   -1.312  1.038   1.00 0.00 ? 2  DC A "C3'"  1 
ATOM 40   O "O3'"  . DC A 1 2  ? 9.471   -2.587  0.421   1.00 0.00 ? 2  DC A "O3'"  1 
ATOM 41   C "C2'"  . DC A 1 2  ? 8.366   -0.486  0.333   1.00 0.00 ? 2  DC A "C2'"  1 
ATOM 42   C "C1'"  . DC A 1 2  ? 7.165   -1.298  0.603   1.00 0.00 ? 2  DC A "C1'"  1 
ATOM 43   N N1     . DC A 1 2  ? 5.892   -0.637  0.290   1.00 0.00 ? 2  DC A N1     1 
ATOM 44   C C2     . DC A 1 2  ? 5.019   -1.124  -0.682  1.00 0.00 ? 2  DC A C2     1 
ATOM 45   O O2     . DC A 1 2  ? 5.276   -2.113  -1.369  1.00 0.00 ? 2  DC A O2     1 
ATOM 46   N N3     . DC A 1 2  ? 3.835   -0.470  -0.870  1.00 0.00 ? 2  DC A N3     1 
ATOM 47   C C4     . DC A 1 2  ? 3.471   0.621   -0.164  1.00 0.00 ? 2  DC A C4     1 
ATOM 48   N N4     . DC A 1 2  ? 2.221   1.165   -0.389  1.00 0.00 ? 2  DC A N4     1 
ATOM 49   C C5     . DC A 1 2  ? 4.426   1.103   0.836   1.00 0.00 ? 2  DC A C5     1 
ATOM 50   C C6     . DC A 1 2  ? 5.599   0.438   1.012   1.00 0.00 ? 2  DC A C6     1 
ATOM 51   H "H5'"  . DC A 1 2  ? 8.644   0.174   4.049   1.00 0.00 ? 2  DC A "H5'"  1 
ATOM 52   H "H5''" . DC A 1 2  ? 10.114  0.296   3.091   1.00 0.00 ? 2  DC A "H5''" 1 
ATOM 53   H "H4'"  . DC A 1 2  ? 9.144   -2.029  3.031   1.00 0.00 ? 2  DC A "H4'"  1 
ATOM 54   H "H3'"  . DC A 1 2  ? 10.330  -0.788  1.047   1.00 0.00 ? 2  DC A "H3'"  1 
ATOM 55   H "H2'"  . DC A 1 2  ? 8.302   0.498   0.792   1.00 0.00 ? 2  DC A "H2'"  1 
ATOM 56   H "H2''" . DC A 1 2  ? 8.537   -0.356  -0.677  1.00 0.00 ? 2  DC A "H2''" 1 
ATOM 57   H "H1'"  . DC A 1 2  ? 7.142   -2.186  0.000   1.00 0.00 ? 2  DC A "H1'"  1 
ATOM 58   H H41    . DC A 1 2  ? 1.502   0.549   -0.905  1.00 0.00 ? 2  DC A H41    1 
ATOM 59   H H42    . DC A 1 2  ? 1.945   2.099   -0.104  1.00 0.00 ? 2  DC A H42    1 
ATOM 60   H H5     . DC A 1 2  ? 4.277   1.951   1.465   1.00 0.00 ? 2  DC A H5     1 
ATOM 61   H H6     . DC A 1 2  ? 6.436   0.648   1.716   1.00 0.00 ? 2  DC A H6     1 
ATOM 62   P P      . DG A 1 3  ? 10.893  -2.907  -0.228  1.00 0.00 ? 3  DG A P      1 
ATOM 63   O OP1    . DG A 1 3  ? 11.852  -3.078  0.887   1.00 0.00 ? 3  DG A OP1    1 
ATOM 64   O OP2    . DG A 1 3  ? 11.168  -1.895  -1.268  1.00 0.00 ? 3  DG A OP2    1 
ATOM 65   O "O5'"  . DG A 1 3  ? 10.733  -4.333  -0.922  1.00 0.00 ? 3  DG A "O5'"  1 
ATOM 66   C "C5'"  . DG A 1 3  ? 9.586   -4.745  -1.654  1.00 0.00 ? 3  DG A "C5'"  1 
ATOM 67   C "C4'"  . DG A 1 3  ? 9.215   -3.870  -2.840  1.00 0.00 ? 3  DG A "C4'"  1 
ATOM 68   O "O4'"  . DG A 1 3  ? 8.531   -2.684  -2.563  1.00 0.00 ? 3  DG A "O4'"  1 
ATOM 69   C "C3'"  . DG A 1 3  ? 10.298  -3.447  -3.806  1.00 0.00 ? 3  DG A "C3'"  1 
ATOM 70   O "O3'"  . DG A 1 3  ? 10.429  -4.416  -4.844  1.00 0.00 ? 3  DG A "O3'"  1 
ATOM 71   C "C2'"  . DG A 1 3  ? 9.790   -2.040  -4.265  1.00 0.00 ? 3  DG A "C2'"  1 
ATOM 72   C "C1'"  . DG A 1 3  ? 8.346   -2.132  -3.888  1.00 0.00 ? 3  DG A "C1'"  1 
ATOM 73   N N9     . DG A 1 3  ? 7.577   -0.947  -3.582  1.00 0.00 ? 3  DG A N9     1 
ATOM 74   C C8     . DG A 1 3  ? 7.994   -0.001  -2.748  1.00 0.00 ? 3  DG A C8     1 
ATOM 75   N N7     . DG A 1 3  ? 7.164   0.965   -2.501  1.00 0.00 ? 3  DG A N7     1 
ATOM 76   C C5     . DG A 1 3  ? 6.086   0.589   -3.273  1.00 0.00 ? 3  DG A C5     1 
ATOM 77   C C6     . DG A 1 3  ? 4.887   1.260   -3.400  1.00 0.00 ? 3  DG A C6     1 
ATOM 78   O O6     . DG A 1 3  ? 4.551   2.306   -2.851  1.00 0.00 ? 3  DG A O6     1 
ATOM 79   N N1     . DG A 1 3  ? 4.060   0.594   -4.248  1.00 0.00 ? 3  DG A N1     1 
ATOM 80   C C2     . DG A 1 3  ? 4.321   -0.581  -4.914  1.00 0.00 ? 3  DG A C2     1 
ATOM 81   N N2     . DG A 1 3  ? 3.328   -1.007  -5.670  1.00 0.00 ? 3  DG A N2     1 
ATOM 82   N N3     . DG A 1 3  ? 5.472   -1.262  -4.818  1.00 0.00 ? 3  DG A N3     1 
ATOM 83   C C4     . DG A 1 3  ? 6.312   -0.592  -3.959  1.00 0.00 ? 3  DG A C4     1 
ATOM 84   H "H5'"  . DG A 1 3  ? 8.746   -4.767  -0.964  1.00 0.00 ? 3  DG A "H5'"  1 
ATOM 85   H "H5''" . DG A 1 3  ? 9.792   -5.750  -2.023  1.00 0.00 ? 3  DG A "H5''" 1 
ATOM 86   H "H4'"  . DG A 1 3  ? 8.479   -4.421  -3.398  1.00 0.00 ? 3  DG A "H4'"  1 
ATOM 87   H "H3'"  . DG A 1 3  ? 11.234  -3.276  -3.284  1.00 0.00 ? 3  DG A "H3'"  1 
ATOM 88   H "H2'"  . DG A 1 3  ? 10.304  -1.189  -3.858  1.00 0.00 ? 3  DG A "H2'"  1 
ATOM 89   H "H2''" . DG A 1 3  ? 9.846   -1.814  -5.297  1.00 0.00 ? 3  DG A "H2''" 1 
ATOM 90   H "H1'"  . DG A 1 3  ? 7.830   -2.632  -4.696  1.00 0.00 ? 3  DG A "H1'"  1 
ATOM 91   H H8     . DG A 1 3  ? 8.984   -0.173  -2.367  1.00 0.00 ? 3  DG A H8     1 
ATOM 92   H H1     . DG A 1 3  ? 3.164   1.039   -4.373  1.00 0.00 ? 3  DG A H1     1 
ATOM 93   H H21    . DG A 1 3  ? 2.538   -0.413  -5.899  1.00 0.00 ? 3  DG A H21    1 
ATOM 94   H H22    . DG A 1 3  ? 3.277   -1.940  -6.057  1.00 0.00 ? 3  DG A H22    1 
ATOM 95   P P      . DG A 1 4  ? 11.716  -4.331  -5.768  1.00 0.00 ? 4  DG A P      1 
ATOM 96   O OP1    . DG A 1 4  ? 11.632  -5.367  -6.823  1.00 0.00 ? 4  DG A OP1    1 
ATOM 97   O OP2    . DG A 1 4  ? 12.920  -4.227  -4.914  1.00 0.00 ? 4  DG A OP2    1 
ATOM 98   O "O5'"  . DG A 1 4  ? 11.405  -2.913  -6.412  1.00 0.00 ? 4  DG A "O5'"  1 
ATOM 99   C "C5'"  . DG A 1 4  ? 10.616  -2.901  -7.588  1.00 0.00 ? 4  DG A "C5'"  1 
ATOM 100  C "C4'"  . DG A 1 4  ? 9.942   -1.563  -7.784  1.00 0.00 ? 4  DG A "C4'"  1 
ATOM 101  O "O4'"  . DG A 1 4  ? 8.683   -1.401  -7.074  1.00 0.00 ? 4  DG A "O4'"  1 
ATOM 102  C "C3'"  . DG A 1 4  ? 9.612   -1.236  -9.149  1.00 0.00 ? 4  DG A "C3'"  1 
ATOM 103  O "O3'"  . DG A 1 4  ? 9.070   -2.254  -9.937  1.00 0.00 ? 4  DG A "O3'"  1 
ATOM 104  C "C2'"  . DG A 1 4  ? 8.732   -0.131  -8.773  1.00 0.00 ? 4  DG A "C2'"  1 
ATOM 105  C "C1'"  . DG A 1 4  ? 7.703   -0.759  -7.920  1.00 0.00 ? 4  DG A "C1'"  1 
ATOM 106  N N9     . DG A 1 4  ? 6.959   0.360   -7.239  1.00 0.00 ? 4  DG A N9     1 
ATOM 107  C C8     . DG A 1 4  ? 7.547   1.087   -6.264  1.00 0.00 ? 4  DG A C8     1 
ATOM 108  N N7     . DG A 1 4  ? 6.827   2.040   -5.765  1.00 0.00 ? 4  DG A N7     1 
ATOM 109  C C5     . DG A 1 4  ? 5.642   1.966   -6.456  1.00 0.00 ? 4  DG A C5     1 
ATOM 110  C C6     . DG A 1 4  ? 4.506   2.792   -6.293  1.00 0.00 ? 4  DG A C6     1 
ATOM 111  O O6     . DG A 1 4  ? 4.399   3.723   -5.495  1.00 0.00 ? 4  DG A O6     1 
ATOM 112  N N1     . DG A 1 4  ? 3.470   2.453   -7.146  1.00 0.00 ? 4  DG A N1     1 
ATOM 113  C C2     . DG A 1 4  ? 3.520   1.409   -8.079  1.00 0.00 ? 4  DG A C2     1 
ATOM 114  N N2     . DG A 1 4  ? 2.431   1.194   -8.867  1.00 0.00 ? 4  DG A N2     1 
ATOM 115  N N3     . DG A 1 4  ? 4.629   0.619   -8.219  1.00 0.00 ? 4  DG A N3     1 
ATOM 116  C C4     . DG A 1 4  ? 5.664   0.945   -7.379  1.00 0.00 ? 4  DG A C4     1 
ATOM 117  H "H5'"  . DG A 1 4  ? 9.891   -3.714  -7.585  1.00 0.00 ? 4  DG A "H5'"  1 
ATOM 118  H "H5''" . DG A 1 4  ? 11.327  -3.049  -8.399  1.00 0.00 ? 4  DG A "H5''" 1 
ATOM 119  H "H4'"  . DG A 1 4  ? 10.593  -0.760  -7.598  1.00 0.00 ? 4  DG A "H4'"  1 
ATOM 120  H "H3'"  . DG A 1 4  ? 10.385  -0.731  -9.724  1.00 0.00 ? 4  DG A "H3'"  1 
ATOM 121  H "H2'"  . DG A 1 4  ? 9.242   0.604   -8.155  1.00 0.00 ? 4  DG A "H2'"  1 
ATOM 122  H "H2''" . DG A 1 4  ? 8.485   0.265   -9.702  1.00 0.00 ? 4  DG A "H2''" 1 
ATOM 123  H "H1'"  . DG A 1 4  ? 7.212   -1.551  -8.456  1.00 0.00 ? 4  DG A "H1'"  1 
ATOM 124  H H8     . DG A 1 4  ? 8.553   0.845   -5.957  1.00 0.00 ? 4  DG A H8     1 
ATOM 125  H H1     . DG A 1 4  ? 2.655   3.054   -6.986  1.00 0.00 ? 4  DG A H1     1 
ATOM 126  H H21    . DG A 1 4  ? 1.598   1.766   -8.794  1.00 0.00 ? 4  DG A H21    1 
ATOM 127  H H22    . DG A 1 4  ? 2.431   0.440   -9.560  1.00 0.00 ? 4  DG A H22    1 
ATOM 128  P P      . DT A 1 5  ? 9.909   -2.381  -11.283 1.00 0.00 ? 5  DT A P      1 
ATOM 129  O OP1    . DT A 1 5  ? 10.528  -3.722  -11.371 1.00 0.00 ? 5  DT A OP1    1 
ATOM 130  O OP2    . DT A 1 5  ? 10.703  -1.151  -11.494 1.00 0.00 ? 5  DT A OP2    1 
ATOM 131  O "O5'"  . DT A 1 5  ? 8.628   -2.356  -12.179 1.00 0.00 ? 5  DT A "O5'"  1 
ATOM 132  C "C5'"  . DT A 1 5  ? 7.897   -3.476  -11.749 1.00 0.00 ? 5  DT A "C5'"  1 
ATOM 133  C "C4'"  . DT A 1 5  ? 6.437   -3.367  -12.040 1.00 0.00 ? 5  DT A "C4'"  1 
ATOM 134  O "O4'"  . DT A 1 5  ? 5.715   -2.437  -11.232 1.00 0.00 ? 5  DT A "O4'"  1 
ATOM 135  C "C3'"  . DT A 1 5  ? 6.208   -2.951  -13.420 1.00 0.00 ? 5  DT A "C3'"  1 
ATOM 136  O "O3'"  . DT A 1 5  ? 4.936   -3.325  -13.938 1.00 0.00 ? 5  DT A "O3'"  1 
ATOM 137  C "C2'"  . DT A 1 5  ? 6.229   -1.496  -13.172 1.00 0.00 ? 5  DT A "C2'"  1 
ATOM 138  C "C1'"  . DT A 1 5  ? 5.091   -1.571  -12.180 1.00 0.00 ? 5  DT A "C1'"  1 
ATOM 139  N N1     . DT A 1 5  ? 4.826   -0.210  -11.697 1.00 0.00 ? 5  DT A N1     1 
ATOM 140  C C2     . DT A 1 5  ? 3.583   0.408   -11.776 1.00 0.00 ? 5  DT A C2     1 
ATOM 141  O O2     . DT A 1 5  ? 2.578   -0.136  -12.229 1.00 0.00 ? 5  DT A O2     1 
ATOM 142  N N3     . DT A 1 5  ? 3.543   1.716   -11.291 1.00 0.00 ? 5  DT A N3     1 
ATOM 143  C C4     . DT A 1 5  ? 4.618   2.419   -10.745 1.00 0.00 ? 5  DT A C4     1 
ATOM 144  O O4     . DT A 1 5  ? 4.488   3.573   -10.328 1.00 0.00 ? 5  DT A O4     1 
ATOM 145  C C5     . DT A 1 5  ? 5.844   1.662   -10.720 1.00 0.00 ? 5  DT A C5     1 
ATOM 146  C C7     . DT A 1 5  ? 7.102   2.268   -10.152 1.00 0.00 ? 5  DT A C7     1 
ATOM 147  C C6     . DT A 1 5  ? 5.896   0.410   -11.184 1.00 0.00 ? 5  DT A C6     1 
ATOM 148  H "H5'"  . DT A 1 5  ? 8.077   -3.544  -10.682 1.00 0.00 ? 5  DT A "H5'"  1 
ATOM 149  H "H5''" . DT A 1 5  ? 8.313   -4.342  -12.258 1.00 0.00 ? 5  DT A "H5''" 1 
ATOM 150  H "H4'"  . DT A 1 5  ? 6.004   -4.351  -12.096 1.00 0.00 ? 5  DT A "H4'"  1 
ATOM 151  H "H3'"  . DT A 1 5  ? 7.148   -3.273  -13.802 1.00 0.00 ? 5  DT A "H3'"  1 
ATOM 152  H "H2'"  . DT A 1 5  ? 7.182   -1.335  -12.657 1.00 0.00 ? 5  DT A "H2'"  1 
ATOM 153  H "H2''" . DT A 1 5  ? 6.092   -0.815  -14.017 1.00 0.00 ? 5  DT A "H2''" 1 
ATOM 154  H "H1'"  . DT A 1 5  ? 4.276   -2.183  -12.552 1.00 0.00 ? 5  DT A "H1'"  1 
ATOM 155  H H3     . DT A 1 5  ? 2.654   2.197   -11.338 1.00 0.00 ? 5  DT A H3     1 
ATOM 156  H H71    . DT A 1 5  ? 7.938   2.021   -10.806 1.00 0.00 ? 5  DT A H71    1 
ATOM 157  H H72    . DT A 1 5  ? 7.289   1.850   -9.169  1.00 0.00 ? 5  DT A H72    1 
ATOM 158  H H73    . DT A 1 5  ? 6.984   3.340   -10.073 1.00 0.00 ? 5  DT A H73    1 
ATOM 159  H H6     . DT A 1 5  ? 6.788   -0.208  -11.207 1.00 0.00 ? 5  DT A H6     1 
ATOM 160  P P      . DT A 1 6  ? 4.573   -4.850  -14.287 1.00 0.00 ? 6  DT A P      1 
ATOM 161  O OP1    . DT A 1 6  ? 5.142   -5.742  -13.254 1.00 0.00 ? 6  DT A OP1    1 
ATOM 162  O OP2    . DT A 1 6  ? 4.881   -5.086  -15.716 1.00 0.00 ? 6  DT A OP2    1 
ATOM 163  O "O5'"  . DT A 1 6  ? 2.986   -4.813  -14.127 1.00 0.00 ? 6  DT A "O5'"  1 
ATOM 164  C "C5'"  . DT A 1 6  ? 2.250   -5.714  -13.314 1.00 0.00 ? 6  DT A "C5'"  1 
ATOM 165  C "C4'"  . DT A 1 6  ? 2.106   -5.251  -11.869 1.00 0.00 ? 6  DT A "C4'"  1 
ATOM 166  O "O4'"  . DT A 1 6  ? 3.301   -5.241  -11.141 1.00 0.00 ? 6  DT A "O4'"  1 
ATOM 167  C "C3'"  . DT A 1 6  ? 1.800   -3.832  -11.582 1.00 0.00 ? 6  DT A "C3'"  1 
ATOM 168  O "O3'"  . DT A 1 6  ? 0.409   -3.606  -11.529 1.00 0.00 ? 6  DT A "O3'"  1 
ATOM 169  C "C2'"  . DT A 1 6  ? 2.738   -3.683  -10.369 1.00 0.00 ? 6  DT A "C2'"  1 
ATOM 170  C "C1'"  . DT A 1 6  ? 2.988   -4.975  -9.737  1.00 0.00 ? 6  DT A "C1'"  1 
ATOM 171  N N1     . DT A 1 6  ? 3.988   -4.480  -8.829  1.00 0.00 ? 6  DT A N1     1 
ATOM 172  C C2     . DT A 1 6  ? 3.959   -3.504  -7.821  1.00 0.00 ? 6  DT A C2     1 
ATOM 173  O O2     . DT A 1 6  ? 2.895   -2.964  -7.522  1.00 0.00 ? 6  DT A O2     1 
ATOM 174  N N3     . DT A 1 6  ? 5.220   -3.211  -7.219  1.00 0.00 ? 6  DT A N3     1 
ATOM 175  C C4     . DT A 1 6  ? 6.403   -3.837  -7.608  1.00 0.00 ? 6  DT A C4     1 
ATOM 176  O O4     . DT A 1 6  ? 7.490   -3.638  -7.077  1.00 0.00 ? 6  DT A O4     1 
ATOM 177  C C5     . DT A 1 6  ? 6.164   -4.777  -8.671  1.00 0.00 ? 6  DT A C5     1 
ATOM 178  C C7     . DT A 1 6  ? 7.083   -5.475  -9.467  1.00 0.00 ? 6  DT A C7     1 
ATOM 179  C C6     . DT A 1 6  ? 5.045   -5.042  -9.179  1.00 0.00 ? 6  DT A C6     1 
ATOM 180  H "H5'"  . DT A 1 6  ? 2.692   -6.708  -13.326 1.00 0.00 ? 6  DT A "H5'"  1 
ATOM 181  H "H5''" . DT A 1 6  ? 1.257   -5.760  -13.761 1.00 0.00 ? 6  DT A "H5''" 1 
ATOM 182  H "H4'"  . DT A 1 6  ? 1.355   -5.900  -11.418 1.00 0.00 ? 6  DT A "H4'"  1 
ATOM 183  H "H3'"  . DT A 1 6  ? 2.336   -3.184  -12.245 1.00 0.00 ? 6  DT A "H3'"  1 
ATOM 184  H "H2'"  . DT A 1 6  ? 3.682   -3.787  -10.905 1.00 0.00 ? 6  DT A "H2'"  1 
ATOM 185  H "H2''" . DT A 1 6  ? 3.085   -2.805  -9.847  1.00 0.00 ? 6  DT A "H2''" 1 
ATOM 186  H "H1'"  . DT A 1 6  ? 2.284   -5.486  -9.140  1.00 0.00 ? 6  DT A "H1'"  1 
ATOM 187  H H3     . DT A 1 6  ? 5.330   -2.532  -6.475  1.00 0.00 ? 6  DT A H3     1 
ATOM 188  H H71    . DT A 1 6  ? 6.836   -6.505  -9.643  1.00 0.00 ? 6  DT A H71    1 
ATOM 189  H H72    . DT A 1 6  ? 6.591   -5.040  -10.350 1.00 0.00 ? 6  DT A H72    1 
ATOM 190  H H73    . DT A 1 6  ? 8.046   -5.016  -9.478  1.00 0.00 ? 6  DT A H73    1 
ATOM 191  H H6     . DT A 1 6  ? 4.880   -5.781  -9.954  1.00 0.00 ? 6  DT A H6     1 
ATOM 192  P P      . DG A 1 7  ? -0.329  -3.683  -12.968 1.00 0.00 ? 7  DG A P      1 
ATOM 193  O OP1    . DG A 1 7  ? -0.538  -5.098  -13.356 1.00 0.00 ? 7  DG A OP1    1 
ATOM 194  O OP2    . DG A 1 7  ? 0.291   -2.717  -13.900 1.00 0.00 ? 7  DG A OP2    1 
ATOM 195  O "O5'"  . DG A 1 7  ? -1.689  -3.127  -12.424 1.00 0.00 ? 7  DG A "O5'"  1 
ATOM 196  C "C5'"  . DG A 1 7  ? -1.620  -3.307  -11.037 1.00 0.00 ? 7  DG A "C5'"  1 
ATOM 197  C "C4'"  . DG A 1 7  ? -2.517  -2.360  -10.342 1.00 0.00 ? 7  DG A "C4'"  1 
ATOM 198  O "O4'"  . DG A 1 7  ? -2.001  -2.452  -9.020  1.00 0.00 ? 7  DG A "O4'"  1 
ATOM 199  C "C3'"  . DG A 1 7  ? -2.221  -0.937  -10.773 1.00 0.00 ? 7  DG A "C3'"  1 
ATOM 200  O "O3'"  . DG A 1 7  ? -3.016  -0.435  -11.825 1.00 0.00 ? 7  DG A "O3'"  1 
ATOM 201  C "C2'"  . DG A 1 7  ? -2.573  -0.280  -9.434  1.00 0.00 ? 7  DG A "C2'"  1 
ATOM 202  C "C1'"  . DG A 1 7  ? -2.138  -1.187  -8.366  1.00 0.00 ? 7  DG A "C1'"  1 
ATOM 203  N N9     . DG A 1 7  ? -1.027  -0.642  -7.679  1.00 0.00 ? 7  DG A N9     1 
ATOM 204  C C8     . DG A 1 7  ? 0.194   -1.101  -7.763  1.00 0.00 ? 7  DG A C8     1 
ATOM 205  N N7     . DG A 1 7  ? 1.056   -0.443  -7.039  1.00 0.00 ? 7  DG A N7     1 
ATOM 206  C C5     . DG A 1 7  ? 0.283   0.535   -6.427  1.00 0.00 ? 7  DG A C5     1 
ATOM 207  C C6     . DG A 1 7  ? 0.633   1.557   -5.520  1.00 0.00 ? 7  DG A C6     1 
ATOM 208  O O6     . DG A 1 7  ? 1.731   1.833   -5.062  1.00 0.00 ? 7  DG A O6     1 
ATOM 209  N N1     . DG A 1 7  ? -0.453  2.319   -5.154  1.00 0.00 ? 7  DG A N1     1 
ATOM 210  C C2     . DG A 1 7  ? -1.740  2.149   -5.593  1.00 0.00 ? 7  DG A C2     1 
ATOM 211  N N2     . DG A 1 7  ? -2.646  3.024   -5.129  1.00 0.00 ? 7  DG A N2     1 
ATOM 212  N N3     . DG A 1 7  ? -2.067  1.177   -6.453  1.00 0.00 ? 7  DG A N3     1 
ATOM 213  C C4     . DG A 1 7  ? -1.012  0.418   -6.823  1.00 0.00 ? 7  DG A C4     1 
ATOM 214  H "H5'"  . DG A 1 7  ? -0.592  -3.084  -10.752 1.00 0.00 ? 7  DG A "H5'"  1 
ATOM 215  H "H5''" . DG A 1 7  ? -1.830  -4.343  -10.774 1.00 0.00 ? 7  DG A "H5''" 1 
ATOM 216  H "H4'"  . DG A 1 7  ? -3.576  -2.619  -10.407 1.00 0.00 ? 7  DG A "H4'"  1 
ATOM 217  H "H3'"  . DG A 1 7  ? -1.252  -0.770  -11.250 1.00 0.00 ? 7  DG A "H3'"  1 
ATOM 218  H "H2'"  . DG A 1 7  ? -2.454  0.746   -9.144  1.00 0.00 ? 7  DG A "H2'"  1 
ATOM 219  H "H2''" . DG A 1 7  ? -3.551  -0.533  -9.370  1.00 0.00 ? 7  DG A "H2''" 1 
ATOM 220  H "H1'"  . DG A 1 7  ? -2.792  -1.310  -7.509  1.00 0.00 ? 7  DG A "H1'"  1 
ATOM 221  H H8     . DG A 1 7  ? 0.162   -1.968  -8.424  1.00 0.00 ? 7  DG A H8     1 
ATOM 222  H H1     . DG A 1 7  ? -0.286  3.060   -4.481  1.00 0.00 ? 7  DG A H1     1 
ATOM 223  H H21    . DG A 1 7  ? -2.433  3.682   -4.380  1.00 0.00 ? 7  DG A H21    1 
ATOM 224  H H22    . DG A 1 7  ? -3.571  3.029   -5.551  1.00 0.00 ? 7  DG A H22    1 
ATOM 225  P P      . DG A 1 8  ? -2.171  0.043   -13.093 1.00 0.00 ? 8  DG A P      1 
ATOM 226  O OP1    . DG A 1 8  ? -1.990  -1.073  -14.044 1.00 0.00 ? 8  DG A OP1    1 
ATOM 227  O OP2    . DG A 1 8  ? -1.003  0.824   -12.618 1.00 0.00 ? 8  DG A OP2    1 
ATOM 228  O "O5'"  . DG A 1 8  ? -3.182  1.047   -13.780 1.00 0.00 ? 8  DG A "O5'"  1 
ATOM 229  C "C5'"  . DG A 1 8  ? -3.117  2.398   -13.394 1.00 0.00 ? 8  DG A "C5'"  1 
ATOM 230  C "C4'"  . DG A 1 8  ? -4.165  2.752   -12.348 1.00 0.00 ? 8  DG A "C4'"  1 
ATOM 231  O "O4'"  . DG A 1 8  ? -3.902  2.304   -11.002 1.00 0.00 ? 8  DG A "O4'"  1 
ATOM 232  C "C3'"  . DG A 1 8  ? -4.214  4.220   -12.130 1.00 0.00 ? 8  DG A "C3'"  1 
ATOM 233  O "O3'"  . DG A 1 8  ? -5.397  4.736   -11.508 1.00 0.00 ? 8  DG A "O3'"  1 
ATOM 234  C "C2'"  . DG A 1 8  ? -3.046  4.355   -11.249 1.00 0.00 ? 8  DG A "C2'"  1 
ATOM 235  C "C1'"  . DG A 1 8  ? -3.526  3.469   -10.207 1.00 0.00 ? 8  DG A "C1'"  1 
ATOM 236  N N9     . DG A 1 8  ? -2.258  3.446   -9.500  1.00 0.00 ? 8  DG A N9     1 
ATOM 237  C C8     . DG A 1 8  ? -1.266  2.646   -9.792  1.00 0.00 ? 8  DG A C8     1 
ATOM 238  N N7     . DG A 1 8  ? -0.170  2.781   -9.060  1.00 0.00 ? 8  DG A N7     1 
ATOM 239  C C5     . DG A 1 8  ? -0.549  3.830   -8.203  1.00 0.00 ? 8  DG A C5     1 
ATOM 240  C C6     . DG A 1 8  ? 0.167   4.490   -7.155  1.00 0.00 ? 8  DG A C6     1 
ATOM 241  O O6     . DG A 1 8  ? 1.316   4.242   -6.776  1.00 0.00 ? 8  DG A O6     1 
ATOM 242  N N1     . DG A 1 8  ? -0.617  5.503   -6.558  1.00 0.00 ? 8  DG A N1     1 
ATOM 243  C C2     . DG A 1 8  ? -1.927  5.815   -6.943  1.00 0.00 ? 8  DG A C2     1 
ATOM 244  N N2     . DG A 1 8  ? -2.632  6.794   -6.378  1.00 0.00 ? 8  DG A N2     1 
ATOM 245  N N3     . DG A 1 8  ? -2.567  5.181   -7.914  1.00 0.00 ? 8  DG A N3     1 
ATOM 246  C C4     . DG A 1 8  ? -1.833  4.225   -8.486  1.00 0.00 ? 8  DG A C4     1 
ATOM 247  H "H5'"  . DG A 1 8  ? -3.291  2.992   -14.288 1.00 0.00 ? 8  DG A "H5'"  1 
ATOM 248  H "H5''" . DG A 1 8  ? -2.108  2.592   -13.032 1.00 0.00 ? 8  DG A "H5''" 1 
ATOM 249  H "H4'"  . DG A 1 8  ? -5.133  2.374   -12.678 1.00 0.00 ? 8  DG A "H4'"  1 
ATOM 250  H "H3'"  . DG A 1 8  ? -3.810  4.656   -13.012 1.00 0.00 ? 8  DG A "H3'"  1 
ATOM 251  H "H2'"  . DG A 1 8  ? -2.100  4.109   -11.719 1.00 0.00 ? 8  DG A "H2'"  1 
ATOM 252  H "H2''" . DG A 1 8  ? -2.902  5.203   -10.643 1.00 0.00 ? 8  DG A "H2''" 1 
ATOM 253  H "H1'"  . DG A 1 8  ? -4.278  4.078   -9.702  1.00 0.00 ? 8  DG A "H1'"  1 
ATOM 254  H H8     . DG A 1 8  ? -1.717  2.138   -10.652 1.00 0.00 ? 8  DG A H8     1 
ATOM 255  H H1     . DG A 1 8  ? -0.173  6.050   -5.815  1.00 0.00 ? 8  DG A H1     1 
ATOM 256  H H21    . DG A 1 8  ? -2.327  7.329   -5.588  1.00 0.00 ? 8  DG A H21    1 
ATOM 257  H H22    . DG A 1 8  ? -3.538  7.029   -6.766  1.00 0.00 ? 8  DG A H22    1 
ATOM 258  P P      . DA A 1 9  ? -5.730  6.297   -11.517 1.00 0.00 ? 9  DA A P      1 
ATOM 259  O OP1    . DA A 1 9  ? -7.191  6.463   -11.336 1.00 0.00 ? 9  DA A OP1    1 
ATOM 260  O OP2    . DA A 1 9  ? -5.071  6.887   -12.703 1.00 0.00 ? 9  DA A OP2    1 
ATOM 261  O "O5'"  . DA A 1 9  ? -4.995  6.902   -10.239 1.00 0.00 ? 9  DA A "O5'"  1 
ATOM 262  C "C5'"  . DA A 1 9  ? -4.328  8.116   -10.536 1.00 0.00 ? 9  DA A "C5'"  1 
ATOM 263  C "C4'"  . DA A 1 9  ? -4.078  8.981   -9.324  1.00 0.00 ? 9  DA A "C4'"  1 
ATOM 264  O "O4'"  . DA A 1 9  ? -3.232  8.364   -8.335  1.00 0.00 ? 9  DA A "O4'"  1 
ATOM 265  C "C3'"  . DA A 1 9  ? -3.435  10.298  -9.688  1.00 0.00 ? 9  DA A "C3'"  1 
ATOM 266  O "O3'"  . DA A 1 9  ? -3.889  11.534  -9.090  1.00 0.00 ? 9  DA A "O3'"  1 
ATOM 267  C "C2'"  . DA A 1 9  ? -2.056  10.058  -9.276  1.00 0.00 ? 9  DA A "C2'"  1 
ATOM 268  C "C1'"  . DA A 1 9  ? -1.913  8.947   -8.331  1.00 0.00 ? 9  DA A "C1'"  1 
ATOM 269  N N9     . DA A 1 9  ? -0.818  8.086   -8.682  1.00 0.00 ? 9  DA A N9     1 
ATOM 270  C C8     . DA A 1 9  ? -0.776  7.163   -9.637  1.00 0.00 ? 9  DA A C8     1 
ATOM 271  N N7     . DA A 1 9  ? 0.357   6.504   -9.713  1.00 0.00 ? 9  DA A N7     1 
ATOM 272  C C5     . DA A 1 9  ? 1.110   7.090   -8.697  1.00 0.00 ? 9  DA A C5     1 
ATOM 273  C C6     . DA A 1 9  ? 2.407   6.880   -8.226  1.00 0.00 ? 9  DA A C6     1 
ATOM 274  N N6     . DA A 1 9  ? 3.226   5.981   -8.772  1.00 0.00 ? 9  DA A N6     1 
ATOM 275  N N1     . DA A 1 9  ? 2.808   7.653   -7.200  1.00 0.00 ? 9  DA A N1     1 
ATOM 276  C C2     . DA A 1 9  ? 1.989   8.569   -6.679  1.00 0.00 ? 9  DA A C2     1 
ATOM 277  N N3     . DA A 1 9  ? 0.755   8.849   -7.043  1.00 0.00 ? 9  DA A N3     1 
ATOM 278  C C4     . DA A 1 9  ? 0.384   8.059   -8.067  1.00 0.00 ? 9  DA A C4     1 
ATOM 279  H "H5'"  . DA A 1 9  ? -4.965  8.673   -11.219 1.00 0.00 ? 9  DA A "H5'"  1 
ATOM 280  H "H5''" . DA A 1 9  ? -3.405  7.878   -11.058 1.00 0.00 ? 9  DA A "H5''" 1 
ATOM 281  H "H4'"  . DA A 1 9  ? -5.046  9.180   -8.863  1.00 0.00 ? 9  DA A "H4'"  1 
ATOM 282  H "H3'"  . DA A 1 9  ? -3.171  10.339  -10.748 1.00 0.00 ? 9  DA A "H3'"  1 
ATOM 283  H "H2'"  . DA A 1 9  ? -1.311  10.645  -9.687  1.00 0.00 ? 9  DA A "H2'"  1 
ATOM 284  H "H2''" . DA A 1 9  ? -1.951  10.777  -8.551  1.00 0.00 ? 9  DA A "H2''" 1 
ATOM 285  H "H1'"  . DA A 1 9  ? -1.497  9.283   -7.384  1.00 0.00 ? 9  DA A "H1'"  1 
ATOM 286  H H8     . DA A 1 9  ? -1.701  7.188   -10.190 1.00 0.00 ? 9  DA A H8     1 
ATOM 287  H H61    . DA A 1 9  ? 4.095   5.737   -8.314  1.00 0.00 ? 9  DA A H61    1 
ATOM 288  H H62    . DA A 1 9  ? 2.972   5.559   -9.656  1.00 0.00 ? 9  DA A H62    1 
ATOM 289  H H2     . DA A 1 9  ? 2.340   9.200   -5.857  1.00 0.00 ? 9  DA A H2     1 
ATOM 290  P P      . DT A 1 10 ? -4.081  11.859  -7.504  1.00 0.00 ? 10 DT A P      1 
ATOM 291  O OP1    . DT A 1 10 ? -3.736  10.654  -6.725  1.00 0.00 ? 10 DT A OP1    1 
ATOM 292  O OP2    . DT A 1 10 ? -5.394  12.515  -7.319  1.00 0.00 ? 10 DT A OP2    1 
ATOM 293  O "O5'"  . DT A 1 10 ? -2.932  12.966  -7.221  1.00 0.00 ? 10 DT A "O5'"  1 
ATOM 294  C "C5'"  . DT A 1 10 ? -1.610  12.629  -6.780  1.00 0.00 ? 10 DT A "C5'"  1 
ATOM 295  C "C4'"  . DT A 1 10 ? -0.546  13.192  -7.722  1.00 0.00 ? 10 DT A "C4'"  1 
ATOM 296  O "O4'"  . DT A 1 10 ? 0.824   12.906  -7.357  1.00 0.00 ? 10 DT A "O4'"  1 
ATOM 297  C "C3'"  . DT A 1 10 ? -0.500  12.712  -9.079  1.00 0.00 ? 10 DT A "C3'"  1 
ATOM 298  O "O3'"  . DT A 1 10 ? -1.689  12.945  -9.835  1.00 0.00 ? 10 DT A "O3'"  1 
ATOM 299  C "C2'"  . DT A 1 10 ? 0.798   13.326  -9.634  1.00 0.00 ? 10 DT A "C2'"  1 
ATOM 300  C "C1'"  . DT A 1 10 ? 1.707   12.859  -8.517  1.00 0.00 ? 10 DT A "C1'"  1 
ATOM 301  N N1     . DT A 1 10 ? 2.358   11.608  -8.921  1.00 0.00 ? 10 DT A N1     1 
ATOM 302  C C2     . DT A 1 10 ? 3.587   11.194  -8.428  1.00 0.00 ? 10 DT A C2     1 
ATOM 303  O O2     . DT A 1 10 ? 4.215   11.850  -7.597  1.00 0.00 ? 10 DT A O2     1 
ATOM 304  N N3     . DT A 1 10 ? 4.045   9.973   -8.957  1.00 0.00 ? 10 DT A N3     1 
ATOM 305  C C4     . DT A 1 10 ? 3.373   9.178   -9.896  1.00 0.00 ? 10 DT A C4     1 
ATOM 306  O O4     . DT A 1 10 ? 3.835   8.124   -10.336 1.00 0.00 ? 10 DT A O4     1 
ATOM 307  C C5     . DT A 1 10 ? 2.116   9.774   -10.273 1.00 0.00 ? 10 DT A C5     1 
ATOM 308  C C7     . DT A 1 10 ? 1.019   9.299   -11.146 1.00 0.00 ? 10 DT A C7     1 
ATOM 309  C C6     . DT A 1 10 ? 1.703   10.878  -9.814  1.00 0.00 ? 10 DT A C6     1 
ATOM 310  H "H5'"  . DT A 1 10 ? -1.540  11.548  -6.678  1.00 0.00 ? 10 DT A "H5'"  1 
ATOM 311  H "H5''" . DT A 1 10 ? -1.459  13.086  -5.803  1.00 0.00 ? 10 DT A "H5''" 1 
ATOM 312  H "H4'"  . DT A 1 10 ? -0.871  14.124  -8.043  1.00 0.00 ? 10 DT A "H4'"  1 
ATOM 313  H "H3'"  . DT A 1 10 ? -0.382  11.762  -8.590  1.00 0.00 ? 10 DT A "H3'"  1 
ATOM 314  H "HO3'" . DT A 1 10 ? -2.445  12.620  -9.335  1.00 0.00 ? 10 DT A "HO3'" 1 
ATOM 315  H "H2'"  . DT A 1 10 ? 1.073   13.057  -10.644 1.00 0.00 ? 10 DT A "H2'"  1 
ATOM 316  H "H2''" . DT A 1 10 ? 0.850   14.371  -9.752  1.00 0.00 ? 10 DT A "H2''" 1 
ATOM 317  H "H1'"  . DT A 1 10 ? 2.563   13.486  -8.399  1.00 0.00 ? 10 DT A "H1'"  1 
ATOM 318  H H3     . DT A 1 10 ? 4.948   9.629   -8.632  1.00 0.00 ? 10 DT A H3     1 
ATOM 319  H H71    . DT A 1 10 ? 0.168   9.406   -10.448 1.00 0.00 ? 10 DT A H71    1 
ATOM 320  H H72    . DT A 1 10 ? 0.864   10.049  -11.919 1.00 0.00 ? 10 DT A H72    1 
ATOM 321  H H73    . DT A 1 10 ? 1.124   8.287   -11.464 1.00 0.00 ? 10 DT A H73    1 
ATOM 322  H H6     . DT A 1 10 ? 0.783   11.113  -10.322 1.00 0.00 ? 10 DT A H6     1 
ATOM 323  O "O5'"  . DG B 1 1  ? -3.376  -2.443  -6.226  1.00 0.00 ? 1  DG B "O5'"  1 
ATOM 324  C "C5'"  . DG B 1 1  ? -4.655  -2.441  -6.846  1.00 0.00 ? 1  DG B "C5'"  1 
ATOM 325  C "C4'"  . DG B 1 1  ? -5.649  -2.091  -5.818  1.00 0.00 ? 1  DG B "C4'"  1 
ATOM 326  O "O4'"  . DG B 1 1  ? -5.783  -3.087  -4.822  1.00 0.00 ? 1  DG B "O4'"  1 
ATOM 327  C "C3'"  . DG B 1 1  ? -5.373  -0.787  -5.076  1.00 0.00 ? 1  DG B "C3'"  1 
ATOM 328  O "O3'"  . DG B 1 1  ? -5.820  0.124   -6.106  1.00 0.00 ? 1  DG B "O3'"  1 
ATOM 329  C "C2'"  . DG B 1 1  ? -6.664  -1.040  -4.260  1.00 0.00 ? 1  DG B "C2'"  1 
ATOM 330  C "C1'"  . DG B 1 1  ? -6.366  -2.416  -3.704  1.00 0.00 ? 1  DG B "C1'"  1 
ATOM 331  N N9     . DG B 1 1  ? -5.341  -2.253  -2.690  1.00 0.00 ? 1  DG B N9     1 
ATOM 332  C C8     . DG B 1 1  ? -4.182  -2.958  -2.550  1.00 0.00 ? 1  DG B C8     1 
ATOM 333  N N7     . DG B 1 1  ? -3.436  -2.543  -1.569  1.00 0.00 ? 1  DG B N7     1 
ATOM 334  C C5     . DG B 1 1  ? -4.161  -1.493  -1.029  1.00 0.00 ? 1  DG B C5     1 
ATOM 335  C C6     . DG B 1 1  ? -3.836  -0.674  0.054   1.00 0.00 ? 1  DG B C6     1 
ATOM 336  O O6     . DG B 1 1  ? -2.841  -0.774  0.752   1.00 0.00 ? 1  DG B O6     1 
ATOM 337  N N1     . DG B 1 1  ? -4.802  0.284   0.311   1.00 0.00 ? 1  DG B N1     1 
ATOM 338  C C2     . DG B 1 1  ? -5.983  0.445   -0.396  1.00 0.00 ? 1  DG B C2     1 
ATOM 339  N N2     . DG B 1 1  ? -6.799  1.427   0.030   1.00 0.00 ? 1  DG B N2     1 
ATOM 340  N N3     . DG B 1 1  ? -6.294  -0.355  -1.441  1.00 0.00 ? 1  DG B N3     1 
ATOM 341  C C4     . DG B 1 1  ? -5.336  -1.296  -1.700  1.00 0.00 ? 1  DG B C4     1 
ATOM 342  H "H5'"  . DG B 1 1  ? -4.901  -3.398  -7.297  1.00 0.00 ? 1  DG B "H5'"  1 
ATOM 343  H "H5''" . DG B 1 1  ? -4.707  -1.672  -7.617  1.00 0.00 ? 1  DG B "H5''" 1 
ATOM 344  H "H4'"  . DG B 1 1  ? -6.596  -2.006  -6.350  1.00 0.00 ? 1  DG B "H4'"  1 
ATOM 345  H "H3'"  . DG B 1 1  ? -4.350  -0.662  -4.503  1.00 0.00 ? 1  DG B "H3'"  1 
ATOM 346  H "H2'"  . DG B 1 1  ? -6.877  -0.324  -3.468  1.00 0.00 ? 1  DG B "H2'"  1 
ATOM 347  H "H2''" . DG B 1 1  ? -7.522  -1.088  -4.932  1.00 0.00 ? 1  DG B "H2''" 1 
ATOM 348  H "H1'"  . DG B 1 1  ? -7.261  -2.915  -3.335  1.00 0.00 ? 1  DG B "H1'"  1 
ATOM 349  H H8     . DG B 1 1  ? -3.913  -3.787  -3.209  1.00 0.00 ? 1  DG B H8     1 
ATOM 350  H H1     . DG B 1 1  ? -4.602  0.927   1.076   1.00 0.00 ? 1  DG B H1     1 
ATOM 351  H H21    . DG B 1 1  ? -6.499  2.026   0.796   1.00 0.00 ? 1  DG B H21    1 
ATOM 352  H H22    . DG B 1 1  ? -7.707  1.602   -0.384  1.00 0.00 ? 1  DG B H22    1 
ATOM 353  H "HO5'" . DG B 1 1  ? -2.771  -2.814  -6.879  1.00 0.00 ? 1  DG B "HO5'" 1 
ATOM 354  P P      . DC B 1 2  ? -5.775  1.693   -6.438  1.00 0.00 ? 2  DC B P      1 
ATOM 355  O OP1    . DC B 1 2  ? -6.893  1.991   -7.360  1.00 0.00 ? 2  DC B OP1    1 
ATOM 356  O OP2    . DC B 1 2  ? -4.416  2.157   -6.747  1.00 0.00 ? 2  DC B OP2    1 
ATOM 357  O "O5'"  . DC B 1 2  ? -6.175  2.276   -5.036  1.00 0.00 ? 2  DC B "O5'"  1 
ATOM 358  C "C5'"  . DC B 1 2  ? -7.538  2.149   -4.676  1.00 0.00 ? 2  DC B "C5'"  1 
ATOM 359  C "C4'"  . DC B 1 2  ? -7.724  2.668   -3.285  1.00 0.00 ? 2  DC B "C4'"  1 
ATOM 360  O "O4'"  . DC B 1 2  ? -6.677  2.075   -2.513  1.00 0.00 ? 2  DC B "O4'"  1 
ATOM 361  C "C3'"  . DC B 1 2  ? -7.467  4.132   -3.089  1.00 0.00 ? 2  DC B "C3'"  1 
ATOM 362  O "O3'"  . DC B 1 2  ? -7.910  4.732   -1.884  1.00 0.00 ? 2  DC B "O3'"  1 
ATOM 363  C "C2'"  . DC B 1 2  ? -5.958  4.155   -3.142  1.00 0.00 ? 2  DC B "C2'"  1 
ATOM 364  C "C1'"  . DC B 1 2  ? -5.637  3.027   -2.209  1.00 0.00 ? 2  DC B "C1'"  1 
ATOM 365  N N1     . DC B 1 2  ? -4.287  2.398   -2.197  1.00 0.00 ? 2  DC B N1     1 
ATOM 366  C C2     . DC B 1 2  ? -3.381  2.869   -1.279  1.00 0.00 ? 2  DC B C2     1 
ATOM 367  O O2     . DC B 1 2  ? -3.647  3.826   -0.557  1.00 0.00 ? 2  DC B O2     1 
ATOM 368  N N3     . DC B 1 2  ? -2.163  2.271   -1.204  1.00 0.00 ? 2  DC B N3     1 
ATOM 369  C C4     . DC B 1 2  ? -1.803  1.239   -1.983  1.00 0.00 ? 2  DC B C4     1 
ATOM 370  N N4     . DC B 1 2  ? -0.571  0.683   -1.829  1.00 0.00 ? 2  DC B N4     1 
ATOM 371  C C5     . DC B 1 2  ? -2.752  0.750   -2.956  1.00 0.00 ? 2  DC B C5     1 
ATOM 372  C C6     . DC B 1 2  ? -3.968  1.361   -3.014  1.00 0.00 ? 2  DC B C6     1 
ATOM 373  H "H5'"  . DC B 1 2  ? -7.831  1.103   -4.733  1.00 0.00 ? 2  DC B "H5'"  1 
ATOM 374  H "H5''" . DC B 1 2  ? -8.147  2.716   -5.380  1.00 0.00 ? 2  DC B "H5''" 1 
ATOM 375  H "H4'"  . DC B 1 2  ? -8.701  2.373   -2.898  1.00 0.00 ? 2  DC B "H4'"  1 
ATOM 376  H "H3'"  . DC B 1 2  ? -7.932  4.702   -3.895  1.00 0.00 ? 2  DC B "H3'"  1 
ATOM 377  H "H2'"  . DC B 1 2  ? -5.603  4.005   -4.163  1.00 0.00 ? 2  DC B "H2'"  1 
ATOM 378  H "H2''" . DC B 1 2  ? -5.621  5.044   -2.636  1.00 0.00 ? 2  DC B "H2''" 1 
ATOM 379  H "H1'"  . DC B 1 2  ? -5.694  3.451   -1.217  1.00 0.00 ? 2  DC B "H1'"  1 
ATOM 380  H H41    . DC B 1 2  ? 0.107   1.043   -1.129  1.00 0.00 ? 2  DC B H41    1 
ATOM 381  H H42    . DC B 1 2  ? -0.306  -0.105  -2.410  1.00 0.00 ? 2  DC B H42    1 
ATOM 382  H H5     . DC B 1 2  ? -2.511  -0.079  -3.623  1.00 0.00 ? 2  DC B H5     1 
ATOM 383  H H6     . DC B 1 2  ? -4.731  1.063   -3.719  1.00 0.00 ? 2  DC B H6     1 
ATOM 384  P P      . DG B 1 3  ? -8.885  5.939   -2.263  1.00 0.00 ? 3  DG B P      1 
ATOM 385  O OP1    . DG B 1 3  ? -10.199 5.333   -2.576  1.00 0.00 ? 3  DG B OP1    1 
ATOM 386  O OP2    . DG B 1 3  ? -8.211  6.742   -3.307  1.00 0.00 ? 3  DG B OP2    1 
ATOM 387  O "O5'"  . DG B 1 3  ? -9.093  6.846   -0.969  1.00 0.00 ? 3  DG B "O5'"  1 
ATOM 388  C "C5'"  . DG B 1 3  ? -8.091  7.107   0.004   1.00 0.00 ? 3  DG B "C5'"  1 
ATOM 389  C "C4'"  . DG B 1 3  ? -6.856  7.823   -0.494  1.00 0.00 ? 3  DG B "C4'"  1 
ATOM 390  O "O4'"  . DG B 1 3  ? -5.974  6.975   -1.206  1.00 0.00 ? 3  DG B "O4'"  1 
ATOM 391  C "C3'"  . DG B 1 3  ? -7.085  8.989   -1.429  1.00 0.00 ? 3  DG B "C3'"  1 
ATOM 392  O "O3'"  . DG B 1 3  ? -6.993  10.273  -0.815  1.00 0.00 ? 3  DG B "O3'"  1 
ATOM 393  C "C2'"  . DG B 1 3  ? -6.009  8.705   -2.515  1.00 0.00 ? 3  DG B "C2'"  1 
ATOM 394  C "C1'"  . DG B 1 3  ? -5.003  7.901   -1.720  1.00 0.00 ? 3  DG B "C1'"  1 
ATOM 395  N N9     . DG B 1 3  ? -4.000  7.074   -2.425  1.00 0.00 ? 3  DG B N9     1 
ATOM 396  C C8     . DG B 1 3  ? -4.174  6.371   -3.584  1.00 0.00 ? 3  DG B C8     1 
ATOM 397  N N7     . DG B 1 3  ? -3.154  5.654   -3.942  1.00 0.00 ? 3  DG B N7     1 
ATOM 398  C C5     . DG B 1 3  ? -2.231  5.900   -2.954  1.00 0.00 ? 3  DG B C5     1 
ATOM 399  C C6     . DG B 1 3  ? -0.943  5.383   -2.841  1.00 0.00 ? 3  DG B C6     1 
ATOM 400  O O6     . DG B 1 3  ? -0.382  4.603   -3.595  1.00 0.00 ? 3  DG B O6     1 
ATOM 401  N N1     . DG B 1 3  ? -0.303  5.846   -1.732  1.00 0.00 ? 3  DG B N1     1 
ATOM 402  C C2     . DG B 1 3  ? -0.819  6.723   -0.805  1.00 0.00 ? 3  DG B C2     1 
ATOM 403  N N2     . DG B 1 3  ? -0.023  7.043   0.219   1.00 0.00 ? 3  DG B N2     1 
ATOM 404  N N3     . DG B 1 3  ? -2.059  7.228   -0.899  1.00 0.00 ? 3  DG B N3     1 
ATOM 405  C C4     . DG B 1 3  ? -2.714  6.771   -2.007  1.00 0.00 ? 3  DG B C4     1 
ATOM 406  H "H5'"  . DG B 1 3  ? -7.762  6.145   0.376   1.00 0.00 ? 3  DG B "H5'"  1 
ATOM 407  H "H5''" . DG B 1 3  ? -8.560  7.706   0.784   1.00 0.00 ? 3  DG B "H5''" 1 
ATOM 408  H "H4'"  . DG B 1 3  ? -6.325  8.199   0.380   1.00 0.00 ? 3  DG B "H4'"  1 
ATOM 409  H "H3'"  . DG B 1 3  ? -8.051  8.893   -1.925  1.00 0.00 ? 3  DG B "H3'"  1 
ATOM 410  H "H2'"  . DG B 1 3  ? -6.452  8.079   -3.289  1.00 0.00 ? 3  DG B "H2'"  1 
ATOM 411  H "H2''" . DG B 1 3  ? -5.569  9.599   -2.953  1.00 0.00 ? 3  DG B "H2''" 1 
ATOM 412  H "H1'"  . DG B 1 3  ? -4.547  8.494   -0.927  1.00 0.00 ? 3  DG B "H1'"  1 
ATOM 413  H H8     . DG B 1 3  ? -5.088  6.399   -4.172  1.00 0.00 ? 3  DG B H8     1 
ATOM 414  H H1     . DG B 1 3  ? 0.634   5.476   -1.624  1.00 0.00 ? 3  DG B H1     1 
ATOM 415  H H21    . DG B 1 3  ? 0.975   6.854   0.223   1.00 0.00 ? 3  DG B H21    1 
ATOM 416  H H22    . DG B 1 3  ? -0.415  7.483   1.040   1.00 0.00 ? 3  DG B H22    1 
ATOM 417  P P      . DG B 1 4  ? -7.470  11.507  -1.696  1.00 0.00 ? 4  DG B P      1 
ATOM 418  O OP1    . DG B 1 4  ? -7.320  12.752  -0.906  1.00 0.00 ? 4  DG B OP1    1 
ATOM 419  O OP2    . DG B 1 4  ? -8.765  11.175  -2.333  1.00 0.00 ? 4  DG B OP2    1 
ATOM 420  O "O5'"  . DG B 1 4  ? -6.325  11.455  -2.792  1.00 0.00 ? 4  DG B "O5'"  1 
ATOM 421  C "C5'"  . DG B 1 4  ? -5.232  12.312  -2.563  1.00 0.00 ? 4  DG B "C5'"  1 
ATOM 422  C "C4'"  . DG B 1 4  ? -3.989  11.826  -3.258  1.00 0.00 ? 4  DG B "C4'"  1 
ATOM 423  O "O4'"  . DG B 1 4  ? -3.420  10.719  -2.515  1.00 0.00 ? 4  DG B "O4'"  1 
ATOM 424  C "C3'"  . DG B 1 4  ? -2.918  12.848  -3.165  1.00 0.00 ? 4  DG B "C3'"  1 
ATOM 425  O "O3'"  . DG B 1 4  ? -2.702  13.362  -1.863  1.00 0.00 ? 4  DG B "O3'"  1 
ATOM 426  C "C2'"  . DG B 1 4  ? -1.823  11.917  -3.553  1.00 0.00 ? 4  DG B "C2'"  1 
ATOM 427  C "C1'"  . DG B 1 4  ? -1.975  10.832  -2.500  1.00 0.00 ? 4  DG B "C1'"  1 
ATOM 428  N N9     . DG B 1 4  ? -1.284  9.664   -3.091  1.00 0.00 ? 4  DG B N9     1 
ATOM 429  C C8     . DG B 1 4  ? -1.792  8.907   -4.104  1.00 0.00 ? 4  DG B C8     1 
ATOM 430  N N7     . DG B 1 4  ? -0.986  7.983   -4.520  1.00 0.00 ? 4  DG B N7     1 
ATOM 431  C C5     . DG B 1 4  ? 0.134   8.110   -3.745  1.00 0.00 ? 4  DG B C5     1 
ATOM 432  C C6     . DG B 1 4  ? 1.305   7.333   -3.806  1.00 0.00 ? 4  DG B C6     1 
ATOM 433  O O6     . DG B 1 4  ? 1.497   6.397   -4.585  1.00 0.00 ? 4  DG B O6     1 
ATOM 434  N N1     . DG B 1 4  ? 2.242   7.743   -2.868  1.00 0.00 ? 4  DG B N1     1 
ATOM 435  C C2     . DG B 1 4  ? 2.054   8.795   -1.970  1.00 0.00 ? 4  DG B C2     1 
ATOM 436  N N2     . DG B 1 4  ? 3.056   9.081   -1.120  1.00 0.00 ? 4  DG B N2     1 
ATOM 437  N N3     . DG B 1 4  ? 0.919   9.528   -1.929  1.00 0.00 ? 4  DG B N3     1 
ATOM 438  C C4     . DG B 1 4  ? -0.006  9.135   -2.845  1.00 0.00 ? 4  DG B C4     1 
ATOM 439  H "H5'"  . DG B 1 4  ? -5.056  12.409  -1.492  1.00 0.00 ? 4  DG B "H5'"  1 
ATOM 440  H "H5''" . DG B 1 4  ? -5.503  13.284  -2.970  1.00 0.00 ? 4  DG B "H5''" 1 
ATOM 441  H "H4'"  . DG B 1 4  ? -4.184  11.552  -4.295  1.00 0.00 ? 4  DG B "H4'"  1 
ATOM 442  H "H3'"  . DG B 1 4  ? -3.065  13.667  -3.868  1.00 0.00 ? 4  DG B "H3'"  1 
ATOM 443  H "H2'"  . DG B 1 4  ? -2.088  11.486  -4.516  1.00 0.00 ? 4  DG B "H2'"  1 
ATOM 444  H "H2''" . DG B 1 4  ? -0.863  12.403  -3.616  1.00 0.00 ? 4  DG B "H2''" 1 
ATOM 445  H "H1'"  . DG B 1 4  ? -1.571  11.144  -1.536  1.00 0.00 ? 4  DG B "H1'"  1 
ATOM 446  H H8     . DG B 1 4  ? -2.787  9.067   -4.518  1.00 0.00 ? 4  DG B H8     1 
ATOM 447  H H1     . DG B 1 4  ? 3.106   7.203   -2.884  1.00 0.00 ? 4  DG B H1     1 
ATOM 448  H H21    . DG B 1 4  ? 3.927   8.562   -1.122  1.00 0.00 ? 4  DG B H21    1 
ATOM 449  H H22    . DG B 1 4  ? 2.960   9.836   -0.448  1.00 0.00 ? 4  DG B H22    1 
ATOM 450  P P      . DT B 1 5  ? -2.432  14.930  -1.765  1.00 0.00 ? 5  DT B P      1 
ATOM 451  O OP1    . DT B 1 5  ? -3.435  15.532  -0.859  1.00 0.00 ? 5  DT B OP1    1 
ATOM 452  O OP2    . DT B 1 5  ? -2.236  15.463  -3.131  1.00 0.00 ? 5  DT B OP2    1 
ATOM 453  O "O5'"  . DT B 1 5  ? -1.034  14.896  -1.012  1.00 0.00 ? 5  DT B "O5'"  1 
ATOM 454  C "C5'"  . DT B 1 5  ? -1.180  14.429  0.315   1.00 0.00 ? 5  DT B "C5'"  1 
ATOM 455  C "C4'"  . DT B 1 5  ? 0.105   13.871  0.845   1.00 0.00 ? 5  DT B "C4'"  1 
ATOM 456  O "O4'"  . DT B 1 5  ? 0.556   12.828  -0.038  1.00 0.00 ? 5  DT B "O4'"  1 
ATOM 457  C "C3'"  . DT B 1 5  ? 1.291   14.804  0.978   1.00 0.00 ? 5  DT B "C3'"  1 
ATOM 458  O "O3'"  . DT B 1 5  ? 2.105   14.499  2.104   1.00 0.00 ? 5  DT B "O3'"  1 
ATOM 459  C "C2'"  . DT B 1 5  ? 2.005   14.540  -0.344  1.00 0.00 ? 5  DT B "C2'"  1 
ATOM 460  C "C1'"  . DT B 1 5  ? 1.955   13.023  -0.287  1.00 0.00 ? 5  DT B "C1'"  1 
ATOM 461  N N1     . DT B 1 5  ? 2.427   12.354  -1.536  1.00 0.00 ? 5  DT B N1     1 
ATOM 462  C C2     . DT B 1 5  ? 3.728   11.869  -1.573  1.00 0.00 ? 5  DT B C2     1 
ATOM 463  O O2     . DT B 1 5  ? 4.502   11.968  -0.622  1.00 0.00 ? 5  DT B O2     1 
ATOM 464  N N3     . DT B 1 5  ? 4.117   11.249  -2.758  1.00 0.00 ? 5  DT B N3     1 
ATOM 465  C C4     . DT B 1 5  ? 3.329   11.074  -3.891  1.00 0.00 ? 5  DT B C4     1 
ATOM 466  O O4     . DT B 1 5  ? 3.763   10.491  -4.886  1.00 0.00 ? 5  DT B O4     1 
ATOM 467  C C5     . DT B 1 5  ? 1.995   11.607  -3.767  1.00 0.00 ? 5  DT B C5     1 
ATOM 468  C C7     . DT B 1 5  ? 1.048   11.458  -4.978  1.00 0.00 ? 5  DT B C7     1 
ATOM 469  C C6     . DT B 1 5  ? 1.595   12.218  -2.617  1.00 0.00 ? 5  DT B C6     1 
ATOM 470  H "H5'"  . DT B 1 5  ? -1.940  13.648  0.306   1.00 0.00 ? 5  DT B "H5'"  1 
ATOM 471  H "H5''" . DT B 1 5  ? -1.526  15.252  0.941   1.00 0.00 ? 5  DT B "H5''" 1 
ATOM 472  H "H4'"  . DT B 1 5  ? -0.090  13.437  1.825   1.00 0.00 ? 5  DT B "H4'"  1 
ATOM 473  H "H3'"  . DT B 1 5  ? 0.961   15.834  1.104   1.00 0.00 ? 5  DT B "H3'"  1 
ATOM 474  H "H2'"  . DT B 1 5  ? 1.410   14.927  -1.172  1.00 0.00 ? 5  DT B "H2'"  1 
ATOM 475  H "H2''" . DT B 1 5  ? 3.029   14.909  -0.379  1.00 0.00 ? 5  DT B "H2''" 1 
ATOM 476  H "H1'"  . DT B 1 5  ? 2.489   12.667  0.595   1.00 0.00 ? 5  DT B "H1'"  1 
ATOM 477  H H3     . DT B 1 5  ? 5.065   10.897  -2.796  1.00 0.00 ? 5  DT B H3     1 
ATOM 478  H H71    . DT B 1 5  ? 0.528   12.395  -5.170  1.00 0.00 ? 5  DT B H71    1 
ATOM 479  H H72    . DT B 1 5  ? 0.295   10.677  -4.871  1.00 0.00 ? 5  DT B H72    1 
ATOM 480  H H73    . DT B 1 5  ? 1.609   11.209  -5.883  1.00 0.00 ? 5  DT B H73    1 
ATOM 481  H H6     . DT B 1 5  ? 0.599   12.627  -2.505  1.00 0.00 ? 5  DT B H6     1 
ATOM 482  P P      . DT B 1 6  ? 1.797   15.400  3.402   1.00 0.00 ? 6  DT B P      1 
ATOM 483  O OP1    . DT B 1 6  ? 0.371   15.246  3.770   1.00 0.00 ? 6  DT B OP1    1 
ATOM 484  O OP2    . DT B 1 6  ? 2.324   16.755  3.126   1.00 0.00 ? 6  DT B OP2    1 
ATOM 485  O "O5'"  . DT B 1 6  ? 2.695   14.779  4.571   1.00 0.00 ? 6  DT B "O5'"  1 
ATOM 486  C "C5'"  . DT B 1 6  ? 2.237   13.807  5.503   1.00 0.00 ? 6  DT B "C5'"  1 
ATOM 487  C "C4'"  . DT B 1 6  ? 1.866   12.486  4.854   1.00 0.00 ? 6  DT B "C4'"  1 
ATOM 488  O "O4'"  . DT B 1 6  ? 0.739   12.521  4.000   1.00 0.00 ? 6  DT B "O4'"  1 
ATOM 489  C "C3'"  . DT B 1 6  ? 2.766   11.949  3.796   1.00 0.00 ? 6  DT B "C3'"  1 
ATOM 490  O "O3'"  . DT B 1 6  ? 4.018   11.362  4.122   1.00 0.00 ? 6  DT B "O3'"  1 
ATOM 491  C "C2'"  . DT B 1 6  ? 1.856   10.967  3.101   1.00 0.00 ? 6  DT B "C2'"  1 
ATOM 492  C "C1'"  . DT B 1 6  ? 0.556   11.102  3.810   1.00 0.00 ? 6  DT B "C1'"  1 
ATOM 493  N N1     . DT B 1 6  ? -0.487  10.721  2.835   1.00 0.00 ? 6  DT B N1     1 
ATOM 494  C C2     . DT B 1 6  ? -0.344  9.699   1.890   1.00 0.00 ? 6  DT B C2     1 
ATOM 495  O O2     . DT B 1 6  ? 0.679   9.018   1.792   1.00 0.00 ? 6  DT B O2     1 
ATOM 496  N N3     . DT B 1 6  ? -1.455  9.493   1.061   1.00 0.00 ? 6  DT B N3     1 
ATOM 497  C C4     . DT B 1 6  ? -2.646  10.206  1.111   1.00 0.00 ? 6  DT B C4     1 
ATOM 498  O O4     . DT B 1 6  ? -3.582  9.948   0.359   1.00 0.00 ? 6  DT B O4     1 
ATOM 499  C C5     . DT B 1 6  ? -2.660  11.236  2.124   1.00 0.00 ? 6  DT B C5     1 
ATOM 500  C C7     . DT B 1 6  ? -3.906  12.088  2.277   1.00 0.00 ? 6  DT B C7     1 
ATOM 501  C C6     . DT B 1 6  ? -1.594  11.440  2.920   1.00 0.00 ? 6  DT B C6     1 
ATOM 502  H "H5'"  . DT B 1 6  ? 1.396   14.192  6.078   1.00 0.00 ? 6  DT B "H5'"  1 
ATOM 503  H "H5''" . DT B 1 6  ? 3.070   13.626  6.180   1.00 0.00 ? 6  DT B "H5''" 1 
ATOM 504  H "H4'"  . DT B 1 6  ? 1.728   11.756  5.651   1.00 0.00 ? 6  DT B "H4'"  1 
ATOM 505  H "H3'"  . DT B 1 6  ? 2.795   12.712  3.030   1.00 0.00 ? 6  DT B "H3'"  1 
ATOM 506  H "H2'"  . DT B 1 6  ? 1.512   11.471  2.197   1.00 0.00 ? 6  DT B "H2'"  1 
ATOM 507  H "H2''" . DT B 1 6  ? 2.210   9.957   2.915   1.00 0.00 ? 6  DT B "H2''" 1 
ATOM 508  H "H1'"  . DT B 1 6  ? 0.503   10.513  4.726   1.00 0.00 ? 6  DT B "H1'"  1 
ATOM 509  H H3     . DT B 1 6  ? -1.420  8.769   0.350   1.00 0.00 ? 6  DT B H3     1 
ATOM 510  H H71    . DT B 1 6  ? -4.683  11.695  1.618   1.00 0.00 ? 6  DT B H71    1 
ATOM 511  H H72    . DT B 1 6  ? -3.690  13.117  2.015   1.00 0.00 ? 6  DT B H72    1 
ATOM 512  H H73    . DT B 1 6  ? -4.254  12.067  3.306   1.00 0.00 ? 6  DT B H73    1 
ATOM 513  H H6     . DT B 1 6  ? -1.409  12.186  3.679   1.00 0.00 ? 6  DT B H6     1 
ATOM 514  P P      . DG B 1 7  ? 5.272   12.232  4.617   1.00 0.00 ? 7  DG B P      1 
ATOM 515  O OP1    . DG B 1 7  ? 5.004   12.747  5.979   1.00 0.00 ? 7  DG B OP1    1 
ATOM 516  O OP2    . DG B 1 7  ? 5.711   13.135  3.532   1.00 0.00 ? 7  DG B OP2    1 
ATOM 517  O "O5'"  . DG B 1 7  ? 6.273   11.004  4.744   1.00 0.00 ? 7  DG B "O5'"  1 
ATOM 518  C "C5'"  . DG B 1 7  ? 5.553   9.797   4.918   1.00 0.00 ? 7  DG B "C5'"  1 
ATOM 519  C "C4'"  . DG B 1 7  ? 6.345   8.571   4.534   1.00 0.00 ? 7  DG B "C4'"  1 
ATOM 520  O "O4'"  . DG B 1 7  ? 5.356   7.541   4.473   1.00 0.00 ? 7  DG B "O4'"  1 
ATOM 521  C "C3'"  . DG B 1 7  ? 6.932   8.539   3.132   1.00 0.00 ? 7  DG B "C3'"  1 
ATOM 522  O "O3'"  . DG B 1 7  ? 8.205   9.154   2.954   1.00 0.00 ? 7  DG B "O3'"  1 
ATOM 523  C "C2'"  . DG B 1 7  ? 7.102   7.039   3.022   1.00 0.00 ? 7  DG B "C2'"  1 
ATOM 524  C "C1'"  . DG B 1 7  ? 5.686   6.666   3.383   1.00 0.00 ? 7  DG B "C1'"  1 
ATOM 525  N N9     . DG B 1 7  ? 4.687   6.614   2.298   1.00 0.00 ? 7  DG B N9     1 
ATOM 526  C C8     . DG B 1 7  ? 3.541   7.357   2.115   1.00 0.00 ? 7  DG B C8     1 
ATOM 527  N N7     . DG B 1 7  ? 2.855   7.003   1.057   1.00 0.00 ? 7  DG B N7     1 
ATOM 528  C C5     . DG B 1 7  ? 3.596   5.967   0.507   1.00 0.00 ? 7  DG B C5     1 
ATOM 529  C C6     . DG B 1 7  ? 3.343   5.197   -0.647  1.00 0.00 ? 7  DG B C6     1 
ATOM 530  O O6     . DG B 1 7  ? 2.396   5.303   -1.418  1.00 0.00 ? 7  DG B O6     1 
ATOM 531  N N1     . DG B 1 7  ? 4.321   4.244   -0.875  1.00 0.00 ? 7  DG B N1     1 
ATOM 532  C C2     . DG B 1 7  ? 5.442   4.037   -0.090  1.00 0.00 ? 7  DG B C2     1 
ATOM 533  N N2     . DG B 1 7  ? 6.324   3.083   -0.465  1.00 0.00 ? 7  DG B N2     1 
ATOM 534  N N3     . DG B 1 7  ? 5.669   4.779   1.010   1.00 0.00 ? 7  DG B N3     1 
ATOM 535  C C4     . DG B 1 7  ? 4.718   5.719   1.250   1.00 0.00 ? 7  DG B C4     1 
ATOM 536  H "H5'"  . DG B 1 7  ? 4.667   9.872   4.285   1.00 0.00 ? 7  DG B "H5'"  1 
ATOM 537  H "H5''" . DG B 1 7  ? 5.225   9.723   5.954   1.00 0.00 ? 7  DG B "H5''" 1 
ATOM 538  H "H4'"  . DG B 1 7  ? 7.106   8.331   5.279   1.00 0.00 ? 7  DG B "H4'"  1 
ATOM 539  H "H3'"  . DG B 1 7  ? 6.216   8.886   2.389   1.00 0.00 ? 7  DG B "H3'"  1 
ATOM 540  H "H2'"  . DG B 1 7  ? 7.368   6.654   2.040   1.00 0.00 ? 7  DG B "H2'"  1 
ATOM 541  H "H2''" . DG B 1 7  ? 7.803   6.704   3.788   1.00 0.00 ? 7  DG B "H2''" 1 
ATOM 542  H "H1'"  . DG B 1 7  ? 5.707   5.653   3.764   1.00 0.00 ? 7  DG B "H1'"  1 
ATOM 543  H H8     . DG B 1 7  ? 3.244   8.172   2.784   1.00 0.00 ? 7  DG B H8     1 
ATOM 544  H H1     . DG B 1 7  ? 4.168   3.663   -1.697  1.00 0.00 ? 7  DG B H1     1 
ATOM 545  H H21    . DG B 1 7  ? 6.213   2.462   -1.266  1.00 0.00 ? 7  DG B H21    1 
ATOM 546  H H22    . DG B 1 7  ? 7.165   2.995   0.101   1.00 0.00 ? 7  DG B H22    1 
ATOM 547  P P      . DG B 1 8  ? 8.389   10.388  1.951   1.00 0.00 ? 8  DG B P      1 
ATOM 548  O OP1    . DG B 1 8  ? 8.102   11.634  2.692   1.00 0.00 ? 8  DG B OP1    1 
ATOM 549  O OP2    . DG B 1 8  ? 7.676   10.108  0.684   1.00 0.00 ? 8  DG B OP2    1 
ATOM 550  O "O5'"  . DG B 1 8  ? 9.970   10.398  1.650   1.00 0.00 ? 8  DG B "O5'"  1 
ATOM 551  C "C5'"  . DG B 1 8  ? 10.534  9.677   0.559   1.00 0.00 ? 8  DG B "C5'"  1 
ATOM 552  C "C4'"  . DG B 1 8  ? 10.650  8.194   0.865   1.00 0.00 ? 8  DG B "C4'"  1 
ATOM 553  O "O4'"  . DG B 1 8  ? 9.323   7.682   1.014   1.00 0.00 ? 8  DG B "O4'"  1 
ATOM 554  C "C3'"  . DG B 1 8  ? 11.278  7.295   -0.197  1.00 0.00 ? 8  DG B "C3'"  1 
ATOM 555  O "O3'"  . DG B 1 8  ? 11.600  5.961   0.187   1.00 0.00 ? 8  DG B "O3'"  1 
ATOM 556  C "C2'"  . DG B 1 8  ? 10.084  7.219   -1.118  1.00 0.00 ? 8  DG B "C2'"  1 
ATOM 557  C "C1'"  . DG B 1 8  ? 9.063   6.791   -0.076  1.00 0.00 ? 8  DG B "C1'"  1 
ATOM 558  N N9     . DG B 1 8  ? 7.720   6.891   -0.684  1.00 0.00 ? 8  DG B N9     1 
ATOM 559  C C8     . DG B 1 8  ? 6.654   7.736   -0.484  1.00 0.00 ? 8  DG B C8     1 
ATOM 560  N N7     . DG B 1 8  ? 5.637   7.497   -1.281  1.00 0.00 ? 8  DG B N7     1 
ATOM 561  C C5     . DG B 1 8  ? 6.069   6.422   -2.049  1.00 0.00 ? 8  DG B C5     1 
ATOM 562  C C6     . DG B 1 8  ? 5.408   5.716   -3.083  1.00 0.00 ? 8  DG B C6     1 
ATOM 563  O O6     . DG B 1 8  ? 4.272   5.930   -3.515  1.00 0.00 ? 8  DG B O6     1 
ATOM 564  N N1     . DG B 1 8  ? 6.212   4.690   -3.597  1.00 0.00 ? 8  DG B N1     1 
ATOM 565  C C2     . DG B 1 8  ? 7.502   4.391   -3.155  1.00 0.00 ? 8  DG B C2     1 
ATOM 566  N N2     . DG B 1 8  ? 8.203   3.395   -3.707  1.00 0.00 ? 8  DG B N2     1 
ATOM 567  N N3     . DG B 1 8  ? 8.099   5.069   -2.183  1.00 0.00 ? 8  DG B N3     1 
ATOM 568  C C4     . DG B 1 8  ? 7.335   6.058   -1.682  1.00 0.00 ? 8  DG B C4     1 
ATOM 569  H "H5'"  . DG B 1 8  ? 11.522  10.081  0.347   1.00 0.00 ? 8  DG B "H5'"  1 
ATOM 570  H "H5''" . DG B 1 8  ? 9.880   9.833   -0.297  1.00 0.00 ? 8  DG B "H5''" 1 
ATOM 571  H "H4'"  . DG B 1 8  ? 11.182  8.068   1.808   1.00 0.00 ? 8  DG B "H4'"  1 
ATOM 572  H "H3'"  . DG B 1 8  ? 12.157  7.752   -0.652  1.00 0.00 ? 8  DG B "H3'"  1 
ATOM 573  H "H2'"  . DG B 1 8  ? 9.846   8.195   -1.536  1.00 0.00 ? 8  DG B "H2'"  1 
ATOM 574  H "H2''" . DG B 1 8  ? 10.182  6.468   -1.903  1.00 0.00 ? 8  DG B "H2''" 1 
ATOM 575  H "H1'"  . DG B 1 8  ? 9.261   5.760   0.217   1.00 0.00 ? 8  DG B "H1'"  1 
ATOM 576  H H8     . DG B 1 8  ? 6.658   8.530   0.265   1.00 0.00 ? 8  DG B H8     1 
ATOM 577  H H1     . DG B 1 8  ? 5.781   4.150   -4.343  1.00 0.00 ? 8  DG B H1     1 
ATOM 578  H H21    . DG B 1 8  ? 7.821   2.802   -4.424  1.00 0.00 ? 8  DG B H21    1 
ATOM 579  H H22    . DG B 1 8  ? 9.156   3.221   -3.404  1.00 0.00 ? 8  DG B H22    1 
ATOM 580  P P      . DA B 1 9  ? 12.781  5.199   -0.595  1.00 0.00 ? 9  DA B P      1 
ATOM 581  O OP1    . DA B 1 9  ? 13.177  4.015   0.198   1.00 0.00 ? 9  DA B OP1    1 
ATOM 582  O OP2    . DA B 1 9  ? 13.807  6.203   -0.963  1.00 0.00 ? 9  DA B OP2    1 
ATOM 583  O "O5'"  . DA B 1 9  ? 12.122  4.682   -1.963  1.00 0.00 ? 9  DA B "O5'"  1 
ATOM 584  C "C5'"  . DA B 1 9  ? 12.702  5.142   -3.180  1.00 0.00 ? 9  DA B "C5'"  1 
ATOM 585  C "C4'"  . DA B 1 9  ? 12.299  4.258   -4.352  1.00 0.00 ? 9  DA B "C4'"  1 
ATOM 586  O "O4'"  . DA B 1 9  ? 10.875  4.280   -4.470  1.00 0.00 ? 9  DA B "O4'"  1 
ATOM 587  C "C3'"  . DA B 1 9  ? 12.768  4.667   -5.748  1.00 0.00 ? 9  DA B "C3'"  1 
ATOM 588  O "O3'"  . DA B 1 9  ? 12.473  3.775   -6.816  1.00 0.00 ? 9  DA B "O3'"  1 
ATOM 589  C "C2'"  . DA B 1 9  ? 11.793  5.806   -5.968  1.00 0.00 ? 9  DA B "C2'"  1 
ATOM 590  C "C1'"  . DA B 1 9  ? 10.544  4.980   -5.677  1.00 0.00 ? 9  DA B "C1'"  1 
ATOM 591  N N9     . DA B 1 9  ? 9.344   5.805   -5.484  1.00 0.00 ? 9  DA B N9     1 
ATOM 592  C C8     . DA B 1 9  ? 9.154   6.848   -4.612  1.00 0.00 ? 9  DA B C8     1 
ATOM 593  N N7     . DA B 1 9  ? 7.974   7.394   -4.690  1.00 0.00 ? 9  DA B N7     1 
ATOM 594  C C5     . DA B 1 9  ? 7.345   6.663   -5.681  1.00 0.00 ? 9  DA B C5     1 
ATOM 595  C C6     . DA B 1 9  ? 6.074   6.760   -6.223  1.00 0.00 ? 9  DA B C6     1 
ATOM 596  N N6     . DA B 1 9  ? 5.229   7.689   -5.799  1.00 0.00 ? 9  DA B N6     1 
ATOM 597  N N1     . DA B 1 9  ? 5.741   5.892   -7.192  1.00 0.00 ? 9  DA B N1     1 
ATOM 598  C C2     . DA B 1 9  ? 6.628   4.986   -7.590  1.00 0.00 ? 9  DA B C2     1 
ATOM 599  N N3     . DA B 1 9  ? 7.866   4.797   -7.150  1.00 0.00 ? 9  DA B N3     1 
ATOM 600  C C4     . DA B 1 9  ? 8.163   5.689   -6.176  1.00 0.00 ? 9  DA B C4     1 
ATOM 601  H "H5'"  . DA B 1 9  ? 13.788  5.137   -3.072  1.00 0.00 ? 9  DA B "H5'"  1 
ATOM 602  H "H5''" . DA B 1 9  ? 12.372  6.170   -3.317  1.00 0.00 ? 9  DA B "H5''" 1 
ATOM 603  H "H4'"  . DA B 1 9  ? 12.617  3.241   -4.126  1.00 0.00 ? 9  DA B "H4'"  1 
ATOM 604  H "H3'"  . DA B 1 9  ? 13.819  4.949   -5.764  1.00 0.00 ? 9  DA B "H3'"  1 
ATOM 605  H "H2'"  . DA B 1 9  ? 11.946  6.603   -5.243  1.00 0.00 ? 9  DA B "H2'"  1 
ATOM 606  H "H2''" . DA B 1 9  ? 11.787  6.198   -6.985  1.00 0.00 ? 9  DA B "H2''" 1 
ATOM 607  H "H1'"  . DA B 1 9  ? 10.393  4.275   -6.492  1.00 0.00 ? 9  DA B "H1'"  1 
ATOM 608  H H8     . DA B 1 9  ? 9.922   7.182   -3.919  1.00 0.00 ? 9  DA B H8     1 
ATOM 609  H H61    . DA B 1 9  ? 4.305   7.726   -6.189  1.00 0.00 ? 9  DA B H61    1 
ATOM 610  H H62    . DA B 1 9  ? 5.516   8.350   -5.093  1.00 0.00 ? 9  DA B H62    1 
ATOM 611  H H2     . DA B 1 9  ? 6.283   4.318   -8.379  1.00 0.00 ? 9  DA B H2     1 
ATOM 612  P P      . DT B 1 10 ? 12.687  2.190   -6.716  1.00 0.00 ? 10 DT B P      1 
ATOM 613  O OP1    . DT B 1 10 ? 11.557  1.604   -5.966  1.00 0.00 ? 10 DT B OP1    1 
ATOM 614  O OP2    . DT B 1 10 ? 14.089  1.912   -6.332  1.00 0.00 ? 10 DT B OP2    1 
ATOM 615  O "O5'"  . DT B 1 10 ? 12.487  1.881   -8.268  1.00 0.00 ? 10 DT B "O5'"  1 
ATOM 616  C "C5'"  . DT B 1 10 ? 11.160  2.112   -8.712  1.00 0.00 ? 10 DT B "C5'"  1 
ATOM 617  C "C4'"  . DT B 1 10 ? 11.023  3.152   -9.799  1.00 0.00 ? 10 DT B "C4'"  1 
ATOM 618  O "O4'"  . DT B 1 10 ? 9.638   3.499   -9.897  1.00 0.00 ? 10 DT B "O4'"  1 
ATOM 619  C "C3'"  . DT B 1 10 ? 11.518  4.544   -9.565  1.00 0.00 ? 10 DT B "C3'"  1 
ATOM 620  O "O3'"  . DT B 1 10 ? 12.932  4.629   -9.398  1.00 0.00 ? 10 DT B "O3'"  1 
ATOM 621  C "C2'"  . DT B 1 10 ? 10.973  5.107   -10.882 1.00 0.00 ? 10 DT B "C2'"  1 
ATOM 622  C "C1'"  . DT B 1 10 ? 9.504   4.662   -10.743 1.00 0.00 ? 10 DT B "C1'"  1 
ATOM 623  N N1     . DT B 1 10 ? 8.613   5.749   -10.228 1.00 0.00 ? 10 DT B N1     1 
ATOM 624  C C2     . DT B 1 10 ? 7.295   5.804   -10.682 1.00 0.00 ? 10 DT B C2     1 
ATOM 625  O O2     . DT B 1 10 ? 6.854   4.986   -11.491 1.00 0.00 ? 10 DT B O2     1 
ATOM 626  N N3     . DT B 1 10 ? 6.512   6.845   -10.169 1.00 0.00 ? 10 DT B N3     1 
ATOM 627  C C4     . DT B 1 10 ? 6.936   7.813   -9.260  1.00 0.00 ? 10 DT B C4     1 
ATOM 628  O O4     . DT B 1 10 ? 6.196   8.702   -8.844  1.00 0.00 ? 10 DT B O4     1 
ATOM 629  C C5     . DT B 1 10 ? 8.307   7.666   -8.860  1.00 0.00 ? 10 DT B C5     1 
ATOM 630  C C7     . DT B 1 10 ? 8.889   8.668   -7.872  1.00 0.00 ? 10 DT B C7     1 
ATOM 631  C C6     . DT B 1 10 ? 9.084   6.679   -9.332  1.00 0.00 ? 10 DT B C6     1 
ATOM 632  H "H5'"  . DT B 1 10 ? 10.565  2.393   -7.842  1.00 0.00 ? 10 DT B "H5'"  1 
ATOM 633  H "H5''" . DT B 1 10 ? 10.810  1.181   -9.133  1.00 0.00 ? 10 DT B "H5''" 1 
ATOM 634  H "H4'"  . DT B 1 10 ? 11.391  2.754   -10.745 1.00 0.00 ? 10 DT B "H4'"  1 
ATOM 635  H "H3'"  . DT B 1 10 ? 10.996  4.879   -8.667  1.00 0.00 ? 10 DT B "H3'"  1 
ATOM 636  H "HO3'" . DT B 1 10 ? 13.146  4.034   -8.671  1.00 0.00 ? 10 DT B "HO3'" 1 
ATOM 637  H "H2'"  . DT B 1 10 ? 11.097  6.183   -11.027 1.00 0.00 ? 10 DT B "H2'"  1 
ATOM 638  H "H2''" . DT B 1 10 ? 11.460  4.562   -11.688 1.00 0.00 ? 10 DT B "H2''" 1 
ATOM 639  H "H1'"  . DT B 1 10 ? 9.087   4.226   -11.667 1.00 0.00 ? 10 DT B "H1'"  1 
ATOM 640  H H3     . DT B 1 10 ? 5.549   6.907   -10.481 1.00 0.00 ? 10 DT B H3     1 
ATOM 641  H H71    . DT B 1 10 ? 8.110   9.364   -7.557  1.00 0.00 ? 10 DT B H71    1 
ATOM 642  H H72    . DT B 1 10 ? 9.695   9.225   -8.350  1.00 0.00 ? 10 DT B H72    1 
ATOM 643  H H73    . DT B 1 10 ? 9.278   8.140   -7.003  1.00 0.00 ? 10 DT B H73    1 
ATOM 644  H H6     . DT B 1 10 ? 10.110  6.643   -8.981  1.00 0.00 ? 10 DT B H6     1 
ATOM 645  O "O5'"  . DG C 1 1  ? -3.516  -4.384  -4.966  1.00 0.00 ? 1  DG C "O5'"  1 
ATOM 646  C "C5'"  . DG C 1 1  ? -3.237  -5.227  -6.079  1.00 0.00 ? 1  DG C "C5'"  1 
ATOM 647  C "C4'"  . DG C 1 1  ? -1.782  -5.105  -6.438  1.00 0.00 ? 1  DG C "C4'"  1 
ATOM 648  O "O4'"  . DG C 1 1  ? -1.331  -3.846  -6.865  1.00 0.00 ? 1  DG C "O4'"  1 
ATOM 649  C "C3'"  . DG C 1 1  ? -0.894  -5.430  -5.257  1.00 0.00 ? 1  DG C "C3'"  1 
ATOM 650  O "O3'"  . DG C 1 1  ? -1.113  -6.847  -5.098  1.00 0.00 ? 1  DG C "O3'"  1 
ATOM 651  C "C2'"  . DG C 1 1  ? 0.350   -5.271  -6.132  1.00 0.00 ? 1  DG C "C2'"  1 
ATOM 652  C "C1'"  . DG C 1 1  ? 0.069   -3.868  -6.595  1.00 0.00 ? 1  DG C "C1'"  1 
ATOM 653  N N9     . DG C 1 1  ? 0.191   -3.020  -5.444  1.00 0.00 ? 1  DG C N9     1 
ATOM 654  C C8     . DG C 1 1  ? -0.768  -2.207  -4.899  1.00 0.00 ? 1  DG C C8     1 
ATOM 655  N N7     . DG C 1 1  ? -0.382  -1.626  -3.814  1.00 0.00 ? 1  DG C N7     1 
ATOM 656  C C5     . DG C 1 1  ? 0.907   -2.093  -3.652  1.00 0.00 ? 1  DG C C5     1 
ATOM 657  C C6     . DG C 1 1  ? 1.782   -1.791  -2.649  1.00 0.00 ? 1  DG C C6     1 
ATOM 658  O O6     . DG C 1 1  ? 1.473   -1.073  -1.728  1.00 0.00 ? 1  DG C O6     1 
ATOM 659  N N1     . DG C 1 1  ? 3.010   -2.412  -2.758  1.00 0.00 ? 1  DG C N1     1 
ATOM 660  C C2     . DG C 1 1  ? 3.364   -3.277  -3.778  1.00 0.00 ? 1  DG C C2     1 
ATOM 661  N N2     . DG C 1 1  ? 4.602   -3.796  -3.711  1.00 0.00 ? 1  DG C N2     1 
ATOM 662  N N3     . DG C 1 1  ? 2.495   -3.578  -4.771  1.00 0.00 ? 1  DG C N3     1 
ATOM 663  C C4     . DG C 1 1  ? 1.290   -2.945  -4.634  1.00 0.00 ? 1  DG C C4     1 
ATOM 664  H "H5'"  . DG C 1 1  ? -3.847  -4.991  -6.945  1.00 0.00 ? 1  DG C "H5'"  1 
ATOM 665  H "H5''" . DG C 1 1  ? -3.427  -6.259  -5.790  1.00 0.00 ? 1  DG C "H5''" 1 
ATOM 666  H "H4'"  . DG C 1 1  ? -1.530  -5.654  -7.343  1.00 0.00 ? 1  DG C "H4'"  1 
ATOM 667  H "H3'"  . DG C 1 1  ? -1.038  -4.671  -4.404  1.00 0.00 ? 1  DG C "H3'"  1 
ATOM 668  H "H2'"  . DG C 1 1  ? 1.304   -5.319  -5.612  1.00 0.00 ? 1  DG C "H2'"  1 
ATOM 669  H "H2''" . DG C 1 1  ? 0.329   -5.985  -6.955  1.00 0.00 ? 1  DG C "H2''" 1 
ATOM 670  H "H1'"  . DG C 1 1  ? 0.715   -3.586  -7.424  1.00 0.00 ? 1  DG C "H1'"  1 
ATOM 671  H H8     . DG C 1 1  ? -1.762  -2.060  -5.324  1.00 0.00 ? 1  DG C H8     1 
ATOM 672  H H1     . DG C 1 1  ? 3.687   -2.205  -2.029  1.00 0.00 ? 1  DG C H1     1 
ATOM 673  H H21    . DG C 1 1  ? 5.238   -3.474  -2.985  1.00 0.00 ? 1  DG C H21    1 
ATOM 674  H H22    . DG C 1 1  ? 4.928   -4.504  -4.355  1.00 0.00 ? 1  DG C H22    1 
ATOM 675  H "HO5'" . DG C 1 1  ? -3.505  -3.478  -5.318  1.00 0.00 ? 1  DG C "HO5'" 1 
ATOM 676  P P      . DC C 1 2  ? -0.781  -7.966  -3.992  1.00 0.00 ? 2  DC C P      1 
ATOM 677  O OP1    . DC C 1 2  ? -0.925  -9.286  -4.644  1.00 0.00 ? 2  DC C OP1    1 
ATOM 678  O OP2    . DC C 1 2  ? -1.483  -7.686  -2.734  1.00 0.00 ? 2  DC C OP2    1 
ATOM 679  O "O5'"  . DC C 1 2  ? 0.746   -7.751  -3.694  1.00 0.00 ? 2  DC C "O5'"  1 
ATOM 680  C "C5'"  . DC C 1 2  ? 1.718   -7.954  -4.695  1.00 0.00 ? 2  DC C "C5'"  1 
ATOM 681  C "C4'"  . DC C 1 2  ? 2.962   -7.262  -4.224  1.00 0.00 ? 2  DC C "C4'"  1 
ATOM 682  O "O4'"  . DC C 1 2  ? 2.486   -5.997  -3.743  1.00 0.00 ? 2  DC C "O4'"  1 
ATOM 683  C "C3'"  . DC C 1 2  ? 3.639   -7.832  -2.998  1.00 0.00 ? 2  DC C "C3'"  1 
ATOM 684  O "O3'"  . DC C 1 2  ? 4.948   -7.386  -2.665  1.00 0.00 ? 2  DC C "O3'"  1 
ATOM 685  C "C2'"  . DC C 1 2  ? 2.705   -7.334  -1.920  1.00 0.00 ? 2  DC C "C2'"  1 
ATOM 686  C "C1'"  . DC C 1 2  ? 2.655   -5.892  -2.319  1.00 0.00 ? 2  DC C "C1'"  1 
ATOM 687  N N1     . DC C 1 2  ? 1.640   -5.004  -1.664  1.00 0.00 ? 2  DC C N1     1 
ATOM 688  C C2     . DC C 1 2  ? 2.062   -4.280  -0.582  1.00 0.00 ? 2  DC C C2     1 
ATOM 689  O O2     . DC C 1 2  ? 3.207   -4.394  -0.164  1.00 0.00 ? 2  DC C O2     1 
ATOM 690  N N3     . DC C 1 2  ? 1.191   -3.427  0.024   1.00 0.00 ? 2  DC C N3     1 
ATOM 691  C C4     . DC C 1 2  ? -0.069  -3.247  -0.385  1.00 0.00 ? 2  DC C C4     1 
ATOM 692  N N4     . DC C 1 2  ? -0.880  -2.354  0.245   1.00 0.00 ? 2  DC C N4     1 
ATOM 693  C C5     . DC C 1 2  ? -0.525  -4.011  -1.525  1.00 0.00 ? 2  DC C C5     1 
ATOM 694  C C6     . DC C 1 2  ? 0.358   -4.862  -2.118  1.00 0.00 ? 2  DC C C6     1 
ATOM 695  H "H5'"  . DC C 1 2  ? 1.355   -7.525  -5.625  1.00 0.00 ? 2  DC C "H5'"  1 
ATOM 696  H "H5''" . DC C 1 2  ? 1.891   -9.020  -4.838  1.00 0.00 ? 2  DC C "H5''" 1 
ATOM 697  H "H4'"  . DC C 1 2  ? 3.668   -7.133  -5.046  1.00 0.00 ? 2  DC C "H4'"  1 
ATOM 698  H "H3'"  . DC C 1 2  ? 3.687   -8.919  -3.050  1.00 0.00 ? 2  DC C "H3'"  1 
ATOM 699  H "H2'"  . DC C 1 2  ? 1.734   -7.831  -1.949  1.00 0.00 ? 2  DC C "H2'"  1 
ATOM 700  H "H2''" . DC C 1 2  ? 3.229   -7.374  -0.984  1.00 0.00 ? 2  DC C "H2''" 1 
ATOM 701  H "H1'"  . DC C 1 2  ? 3.649   -5.496  -2.108  1.00 0.00 ? 2  DC C "H1'"  1 
ATOM 702  H H41    . DC C 1 2  ? -0.578  -1.692  1.011   1.00 0.00 ? 2  DC C H41    1 
ATOM 703  H H42    . DC C 1 2  ? -1.839  -2.338  -0.069  1.00 0.00 ? 2  DC C H42    1 
ATOM 704  H H5     . DC C 1 2  ? -1.542  -3.913  -1.910  1.00 0.00 ? 2  DC C H5     1 
ATOM 705  H H6     . DC C 1 2  ? 0.053   -5.464  -2.964  1.00 0.00 ? 2  DC C H6     1 
ATOM 706  P P      . DG C 1 3  ? 5.876   -8.644  -2.307  1.00 0.00 ? 3  DG C P      1 
ATOM 707  O OP1    . DG C 1 3  ? 6.096   -9.357  -3.587  1.00 0.00 ? 3  DG C OP1    1 
ATOM 708  O OP2    . DG C 1 3  ? 5.234   -9.384  -1.200  1.00 0.00 ? 3  DG C OP2    1 
ATOM 709  O "O5'"  . DG C 1 3  ? 7.315   -8.119  -1.835  1.00 0.00 ? 3  DG C "O5'"  1 
ATOM 710  C "C5'"  . DG C 1 3  ? 7.606   -7.160  -0.819  1.00 0.00 ? 3  DG C "C5'"  1 
ATOM 711  C "C4'"  . DG C 1 3  ? 6.898   -7.361  0.514   1.00 0.00 ? 3  DG C "C4'"  1 
ATOM 712  O "O4'"  . DG C 1 3  ? 5.505   -7.134  0.364   1.00 0.00 ? 3  DG C "O4'"  1 
ATOM 713  C "C3'"  . DG C 1 3  ? 6.947   -8.742  1.160   1.00 0.00 ? 3  DG C "C3'"  1 
ATOM 714  O "O3'"  . DG C 1 3  ? 8.001   -9.052  2.077   1.00 0.00 ? 3  DG C "O3'"  1 
ATOM 715  C "C2'"  . DG C 1 3  ? 5.566   -8.807  1.842   1.00 0.00 ? 3  DG C "C2'"  1 
ATOM 716  C "C1'"  . DG C 1 3  ? 5.056   -7.388  1.703   1.00 0.00 ? 3  DG C "C1'"  1 
ATOM 717  N N9     . DG C 1 3  ? 3.600   -7.191  1.750   1.00 0.00 ? 3  DG C N9     1 
ATOM 718  C C8     . DG C 1 3  ? 2.631   -7.866  1.061   1.00 0.00 ? 3  DG C C8     1 
ATOM 719  N N7     . DG C 1 3  ? 1.424   -7.415  1.238   1.00 0.00 ? 3  DG C N7     1 
ATOM 720  C C5     . DG C 1 3  ? 1.613   -6.368  2.118   1.00 0.00 ? 3  DG C C5     1 
ATOM 721  C C6     . DG C 1 3  ? 0.652   -5.519  2.659   1.00 0.00 ? 3  DG C C6     1 
ATOM 722  O O6     . DG C 1 3  ? -0.557  -5.529  2.445   1.00 0.00 ? 3  DG C O6     1 
ATOM 723  N N1     . DG C 1 3  ? 1.218   -4.596  3.500   1.00 0.00 ? 3  DG C N1     1 
ATOM 724  C C2     . DG C 1 3  ? 2.560   -4.473  3.814   1.00 0.00 ? 3  DG C C2     1 
ATOM 725  N N2     . DG C 1 3  ? 2.904   -3.510  4.679   1.00 0.00 ? 3  DG C N2     1 
ATOM 726  N N3     . DG C 1 3  ? 3.488   -5.288  3.292   1.00 0.00 ? 3  DG C N3     1 
ATOM 727  C C4     . DG C 1 3  ? 2.937   -6.213  2.450   1.00 0.00 ? 3  DG C C4     1 
ATOM 728  H "H5'"  . DG C 1 3  ? 7.345   -6.175  -1.202  1.00 0.00 ? 3  DG C "H5'"  1 
ATOM 729  H "H5''" . DG C 1 3  ? 8.679   -7.224  -0.641  1.00 0.00 ? 3  DG C "H5''" 1 
ATOM 730  H "H4'"  . DG C 1 3  ? 7.305   -6.632  1.215   1.00 0.00 ? 3  DG C "H4'"  1 
ATOM 731  H "H3'"  . DG C 1 3  ? 6.912   -9.510  0.387   1.00 0.00 ? 3  DG C "H3'"  1 
ATOM 732  H "H2'"  . DG C 1 3  ? 4.950   -9.479  1.244   1.00 0.00 ? 3  DG C "H2'"  1 
ATOM 733  H "H2''" . DG C 1 3  ? 5.597   -9.144  2.872   1.00 0.00 ? 3  DG C "H2''" 1 
ATOM 734  H "H1'"  . DG C 1 3  ? 5.501   -6.650  2.373   1.00 0.00 ? 3  DG C "H1'"  1 
ATOM 735  H H8     . DG C 1 3  ? 2.863   -8.717  0.421   1.00 0.00 ? 3  DG C H8     1 
ATOM 736  H H1     . DG C 1 3  ? 0.551   -3.954  3.916   1.00 0.00 ? 3  DG C H1     1 
ATOM 737  H H21    . DG C 1 3  ? 2.222   -2.870  5.068   1.00 0.00 ? 3  DG C H21    1 
ATOM 738  H H22    . DG C 1 3  ? 3.865   -3.387  4.985   1.00 0.00 ? 3  DG C H22    1 
ATOM 739  P P      . DG C 1 4  ? 8.123   -10.562 2.607   1.00 0.00 ? 4  DG C P      1 
ATOM 740  O OP1    . DG C 1 4  ? 9.202   -10.611 3.621   1.00 0.00 ? 4  DG C OP1    1 
ATOM 741  O OP2    . DG C 1 4  ? 8.177   -11.468 1.436   1.00 0.00 ? 4  DG C OP2    1 
ATOM 742  O "O5'"  . DG C 1 4  ? 6.727   -10.792 3.359   1.00 0.00 ? 4  DG C "O5'"  1 
ATOM 743  C "C5'"  . DG C 1 4  ? 6.711   -10.725 4.775   1.00 0.00 ? 4  DG C "C5'"  1 
ATOM 744  C "C4'"  . DG C 1 4  ? 5.331   -10.416 5.329   1.00 0.00 ? 4  DG C "C4'"  1 
ATOM 745  O "O4'"  . DG C 1 4  ? 4.995   -9.043  5.046   1.00 0.00 ? 4  DG C "O4'"  1 
ATOM 746  C "C3'"  . DG C 1 4  ? 5.315   -10.416 6.823   1.00 0.00 ? 4  DG C "C3'"  1 
ATOM 747  O "O3'"  . DG C 1 4  ? 6.340   -9.636  7.410   1.00 0.00 ? 4  DG C "O3'"  1 
ATOM 748  C "C2'"  . DG C 1 4  ? 3.992   -9.725  6.984   1.00 0.00 ? 4  DG C "C2'"  1 
ATOM 749  C "C1'"  . DG C 1 4  ? 4.238   -8.486  6.142   1.00 0.00 ? 4  DG C "C1'"  1 
ATOM 750  N N9     . DG C 1 4  ? 2.899   -8.024  5.712   1.00 0.00 ? 4  DG C N9     1 
ATOM 751  C C8     . DG C 1 4  ? 2.142   -8.585  4.720   1.00 0.00 ? 4  DG C C8     1 
ATOM 752  N N7     . DG C 1 4  ? 0.980   -8.026  4.576   1.00 0.00 ? 4  DG C N7     1 
ATOM 753  C C5     . DG C 1 4  ? 0.946   -7.027  5.521   1.00 0.00 ? 4  DG C C5     1 
ATOM 754  C C6     . DG C 1 4  ? -0.097  -6.114  5.790   1.00 0.00 ? 4  DG C C6     1 
ATOM 755  O O6     . DG C 1 4  ? -1.182  -6.053  5.211   1.00 0.00 ? 4  DG C O6     1 
ATOM 756  N N1     . DG C 1 4  ? 0.238   -5.246  6.821   1.00 0.00 ? 4  DG C N1     1 
ATOM 757  C C2     . DG C 1 4  ? 1.443   -5.255  7.516   1.00 0.00 ? 4  DG C C2     1 
ATOM 758  N N2     . DG C 1 4  ? 1.613   -4.341  8.488   1.00 0.00 ? 4  DG C N2     1 
ATOM 759  N N3     . DG C 1 4  ? 2.430   -6.136  7.249   1.00 0.00 ? 4  DG C N3     1 
ATOM 760  C C4     . DG C 1 4  ? 2.116   -6.995  6.237   1.00 0.00 ? 4  DG C C4     1 
ATOM 761  H "H5'"  . DG C 1 4  ? 7.411   -9.953  5.095   1.00 0.00 ? 4  DG C "H5'"  1 
ATOM 762  H "H5''" . DG C 1 4  ? 7.046   -11.688 5.157   1.00 0.00 ? 4  DG C "H5''" 1 
ATOM 763  H "H4'"  . DG C 1 4  ? 4.573   -11.095 4.937   1.00 0.00 ? 4  DG C "H4'"  1 
ATOM 764  H "H3'"  . DG C 1 4  ? 5.335   -11.423 7.239   1.00 0.00 ? 4  DG C "H3'"  1 
ATOM 765  H "H2'"  . DG C 1 4  ? 3.235   -10.330 6.490   1.00 0.00 ? 4  DG C "H2'"  1 
ATOM 766  H "H2''" . DG C 1 4  ? 3.719   -9.512  8.011   1.00 0.00 ? 4  DG C "H2''" 1 
ATOM 767  H "H1'"  . DG C 1 4  ? 4.793   -7.729  6.695   1.00 0.00 ? 4  DG C "H1'"  1 
ATOM 768  H H8     . DG C 1 4  ? 2.486   -9.422  4.111   1.00 0.00 ? 4  DG C H8     1 
ATOM 769  H H1     . DG C 1 4  ? -0.495  -4.574  7.044   1.00 0.00 ? 4  DG C H1     1 
ATOM 770  H H21    . DG C 1 4  ? 0.888   -3.667  8.720   1.00 0.00 ? 4  DG C H21    1 
ATOM 771  H H22    . DG C 1 4  ? 2.483   -4.309  9.009   1.00 0.00 ? 4  DG C H22    1 
ATOM 772  P P      . DT C 1 5  ? 7.020   -10.267 8.702   1.00 0.00 ? 5  DT C P      1 
ATOM 773  O OP1    . DT C 1 5  ? 8.479   -10.352 8.474   1.00 0.00 ? 5  DT C OP1    1 
ATOM 774  O OP2    . DT C 1 5  ? 6.256   -11.472 9.097   1.00 0.00 ? 5  DT C OP2    1 
ATOM 775  O "O5'"  . DT C 1 5  ? 6.751   -9.115  9.761   1.00 0.00 ? 5  DT C "O5'"  1 
ATOM 776  C "C5'"  . DT C 1 5  ? 7.552   -7.981  9.493   1.00 0.00 ? 5  DT C "C5'"  1 
ATOM 777  C "C4'"  . DT C 1 5  ? 7.015   -6.737  10.135  1.00 0.00 ? 5  DT C "C4'"  1 
ATOM 778  O "O4'"  . DT C 1 5  ? 5.681   -6.481  9.665   1.00 0.00 ? 5  DT C "O4'"  1 
ATOM 779  C "C3'"  . DT C 1 5  ? 6.883   -6.708  11.649  1.00 0.00 ? 5  DT C "C3'"  1 
ATOM 780  O "O3'"  . DT C 1 5  ? 6.872   -5.401  12.205  1.00 0.00 ? 5  DT C "O3'"  1 
ATOM 781  C "C2'"  . DT C 1 5  ? 5.481   -7.251  11.791  1.00 0.00 ? 5  DT C "C2'"  1 
ATOM 782  C "C1'"  . DT C 1 5  ? 4.868   -6.250  10.825  1.00 0.00 ? 5  DT C "C1'"  1 
ATOM 783  N N1     . DT C 1 5  ? 3.422   -6.492  10.603  1.00 0.00 ? 5  DT C N1     1 
ATOM 784  C C2     . DT C 1 5  ? 2.510   -5.559  11.081  1.00 0.00 ? 5  DT C C2     1 
ATOM 785  O O2     . DT C 1 5  ? 2.848   -4.534  11.671  1.00 0.00 ? 5  DT C O2     1 
ATOM 786  N N3     . DT C 1 5  ? 1.166   -5.844  10.849  1.00 0.00 ? 5  DT C N3     1 
ATOM 787  C C4     . DT C 1 5  ? 0.670   -6.965  10.192  1.00 0.00 ? 5  DT C C4     1 
ATOM 788  O O4     . DT C 1 5  ? -0.540  -7.122  10.022  1.00 0.00 ? 5  DT C O4     1 
ATOM 789  C C5     . DT C 1 5  ? 1.698   -7.869  9.737   1.00 0.00 ? 5  DT C C5     1 
ATOM 790  C C7     . DT C 1 5  ? 1.281   -9.134  9.009   1.00 0.00 ? 5  DT C C7     1 
ATOM 791  C C6     . DT C 1 5  ? 3.006   -7.616  9.948   1.00 0.00 ? 5  DT C C6     1 
ATOM 792  H "H5'"  . DT C 1 5  ? 7.581   -7.848  8.412   1.00 0.00 ? 5  DT C "H5'"  1 
ATOM 793  H "H5''" . DT C 1 5  ? 8.561   -8.182  9.849   1.00 0.00 ? 5  DT C "H5''" 1 
ATOM 794  H "H4'"  . DT C 1 5  ? 7.670   -5.925  9.831   1.00 0.00 ? 5  DT C "H4'"  1 
ATOM 795  H "H3'"  . DT C 1 5  ? 7.663   -7.293  12.138  1.00 0.00 ? 5  DT C "H3'"  1 
ATOM 796  H "H2'"  . DT C 1 5  ? 5.409   -8.273  11.416  1.00 0.00 ? 5  DT C "H2'"  1 
ATOM 797  H "H2''" . DT C 1 5  ? 5.073   -7.149  12.797  1.00 0.00 ? 5  DT C "H2''" 1 
ATOM 798  H "H1'"  . DT C 1 5  ? 5.064   -5.230  11.161  1.00 0.00 ? 5  DT C "H1'"  1 
ATOM 799  H H3     . DT C 1 5  ? 0.496   -5.173  11.197  1.00 0.00 ? 5  DT C H3     1 
ATOM 800  H H71    . DT C 1 5  ? 1.732   -9.994  9.504   1.00 0.00 ? 5  DT C H71    1 
ATOM 801  H H72    . DT C 1 5  ? 1.601   -9.094  7.970   1.00 0.00 ? 5  DT C H72    1 
ATOM 802  H H73    . DT C 1 5  ? 0.197   -9.224  9.051   1.00 0.00 ? 5  DT C H73    1 
ATOM 803  H H6     . DT C 1 5  ? 3.762   -8.313  9.597   1.00 0.00 ? 5  DT C H6     1 
ATOM 804  P P      . DT C 1 6  ? 8.273   -4.779  12.660  1.00 0.00 ? 6  DT C P      1 
ATOM 805  O OP1    . DT C 1 6  ? 9.320   -5.219  11.711  1.00 0.00 ? 6  DT C OP1    1 
ATOM 806  O OP2    . DT C 1 6  ? 8.445   -5.048  14.106  1.00 0.00 ? 6  DT C OP2    1 
ATOM 807  O "O5'"  . DT C 1 6  ? 8.071   -3.211  12.481  1.00 0.00 ? 6  DT C "O5'"  1 
ATOM 808  C "C5'"  . DT C 1 6  ? 8.834   -2.535  11.496  1.00 0.00 ? 6  DT C "C5'"  1 
ATOM 809  C "C4'"  . DT C 1 6  ? 8.112   -2.449  10.166  1.00 0.00 ? 6  DT C "C4'"  1 
ATOM 810  O "O4'"  . DT C 1 6  ? 7.786   -3.698  9.563   1.00 0.00 ? 6  DT C "O4'"  1 
ATOM 811  C "C3'"  . DT C 1 6  ? 6.694   -1.965  10.170  1.00 0.00 ? 6  DT C "C3'"  1 
ATOM 812  O "O3'"  . DT C 1 6  ? 6.336   -0.694  10.689  1.00 0.00 ? 6  DT C "O3'"  1 
ATOM 813  C "C2'"  . DT C 1 6  ? 6.114   -2.307  8.785   1.00 0.00 ? 6  DT C "C2'"  1 
ATOM 814  C "C1'"  . DT C 1 6  ? 7.198   -3.179  8.354   1.00 0.00 ? 6  DT C "C1'"  1 
ATOM 815  N N1     . DT C 1 6  ? 6.813   -4.099  7.246   1.00 0.00 ? 6  DT C N1     1 
ATOM 816  C C2     . DT C 1 6  ? 5.583   -4.201  6.572   1.00 0.00 ? 6  DT C C2     1 
ATOM 817  O O2     . DT C 1 6  ? 4.599   -3.510  6.838   1.00 0.00 ? 6  DT C O2     1 
ATOM 818  N N3     . DT C 1 6  ? 5.554   -5.159  5.542   1.00 0.00 ? 6  DT C N3     1 
ATOM 819  C C4     . DT C 1 6  ? 6.620   -5.975  5.167   1.00 0.00 ? 6  DT C C4     1 
ATOM 820  O O4     . DT C 1 6  ? 6.526   -6.782  4.246   1.00 0.00 ? 6  DT C O4     1 
ATOM 821  C C5     . DT C 1 6  ? 7.810   -5.758  5.948   1.00 0.00 ? 6  DT C C5     1 
ATOM 822  C C7     . DT C 1 6  ? 9.055   -6.575  5.664   1.00 0.00 ? 6  DT C C7     1 
ATOM 823  C C6     . DT C 1 6  ? 7.823   -4.843  6.927   1.00 0.00 ? 6  DT C C6     1 
ATOM 824  H "H5'"  . DT C 1 6  ? 9.788   -3.049  11.368  1.00 0.00 ? 6  DT C "H5'"  1 
ATOM 825  H "H5''" . DT C 1 6  ? 9.015   -1.526  11.867  1.00 0.00 ? 6  DT C "H5''" 1 
ATOM 826  H "H4'"  . DT C 1 6  ? 8.732   -1.812  9.538   1.00 0.00 ? 6  DT C "H4'"  1 
ATOM 827  H "H3'"  . DT C 1 6  ? 6.223   -2.712  10.802  1.00 0.00 ? 6  DT C "H3'"  1 
ATOM 828  H "H2'"  . DT C 1 6  ? 5.185   -2.869  8.886   1.00 0.00 ? 6  DT C "H2'"  1 
ATOM 829  H "H2''" . DT C 1 6  ? 6.262   -1.852  7.816   1.00 0.00 ? 6  DT C "H2''" 1 
ATOM 830  H "H1'"  . DT C 1 6  ? 8.033   -2.545  7.982   1.00 0.00 ? 6  DT C "H1'"  1 
ATOM 831  H H3     . DT C 1 6  ? 4.699   -5.292  5.009   1.00 0.00 ? 6  DT C H3     1 
ATOM 832  H H71    . DT C 1 6  ? 9.248   -7.265  6.481   1.00 0.00 ? 6  DT C H71    1 
ATOM 833  H H72    . DT C 1 6  ? 8.917   -7.132  4.736   1.00 0.00 ? 6  DT C H72    1 
ATOM 834  H H73    . DT C 1 6  ? 9.908   -5.909  5.582   1.00 0.00 ? 6  DT C H73    1 
ATOM 835  H H6     . DT C 1 6  ? 8.517   -4.459  7.647   1.00 0.00 ? 6  DT C H6     1 
ATOM 836  P P      . DG C 1 7  ? 6.178   -0.515  12.285  1.00 0.00 ? 7  DG C P      1 
ATOM 837  O OP1    . DG C 1 7  ? 7.416   0.087   12.833  1.00 0.00 ? 7  DG C OP1    1 
ATOM 838  O OP2    . DG C 1 7  ? 5.597   -1.741  12.874  1.00 0.00 ? 7  DG C OP2    1 
ATOM 839  O "O5'"  . DG C 1 7  ? 5.060   0.611   12.209  1.00 0.00 ? 7  DG C "O5'"  1 
ATOM 840  C "C5'"  . DG C 1 7  ? 4.853   0.981   10.857  1.00 0.00 ? 7  DG C "C5'"  1 
ATOM 841  C "C4'"  . DG C 1 7  ? 3.507   1.606   10.609  1.00 0.00 ? 7  DG C "C4'"  1 
ATOM 842  O "O4'"  . DG C 1 7  ? 3.412   1.630   9.182   1.00 0.00 ? 7  DG C "O4'"  1 
ATOM 843  C "C3'"  . DG C 1 7  ? 2.297   0.779   11.024  1.00 0.00 ? 7  DG C "C3'"  1 
ATOM 844  O "O3'"  . DG C 1 7  ? 1.865   0.918   12.377  1.00 0.00 ? 7  DG C "O3'"  1 
ATOM 845  C "C2'"  . DG C 1 7  ? 1.288   1.455   10.124  1.00 0.00 ? 7  DG C "C2'"  1 
ATOM 846  C "C1'"  . DG C 1 7  ? 2.055   1.328   8.838   1.00 0.00 ? 7  DG C "C1'"  1 
ATOM 847  N N9     . DG C 1 7  ? 1.870   0.165   7.964   1.00 0.00 ? 7  DG C N9     1 
ATOM 848  C C8     . DG C 1 7  ? 2.717   -0.860  7.628   1.00 0.00 ? 7  DG C C8     1 
ATOM 849  N N7     . DG C 1 7  ? 2.200   -1.701  6.769   1.00 0.00 ? 7  DG C N7     1 
ATOM 850  C C5     . DG C 1 7  ? 0.932   -1.193  6.531   1.00 0.00 ? 7  DG C C5     1 
ATOM 851  C C6     . DG C 1 7  ? -0.089  -1.673  5.694   1.00 0.00 ? 7  DG C C6     1 
ATOM 852  O O6     . DG C 1 7  ? -0.081  -2.667  4.984   1.00 0.00 ? 7  DG C O6     1 
ATOM 853  N N1     . DG C 1 7  ? -1.211  -0.878  5.732   1.00 0.00 ? 7  DG C N1     1 
ATOM 854  C C2     . DG C 1 7  ? -1.370  0.263   6.487   1.00 0.00 ? 7  DG C C2     1 
ATOM 855  N N2     . DG C 1 7  ? -2.552  0.903   6.410   1.00 0.00 ? 7  DG C N2     1 
ATOM 856  N N3     . DG C 1 7  ? -0.391  0.716   7.284   1.00 0.00 ? 7  DG C N3     1 
ATOM 857  C C4     . DG C 1 7  ? 0.723   -0.056  7.256   1.00 0.00 ? 7  DG C C4     1 
ATOM 858  H "H5'"  . DG C 1 7  ? 4.939   0.068   10.270  1.00 0.00 ? 7  DG C "H5'"  1 
ATOM 859  H "H5''" . DG C 1 7  ? 5.645   1.665   10.556  1.00 0.00 ? 7  DG C "H5''" 1 
ATOM 860  H "H4'"  . DG C 1 7  ? 3.445   2.618   11.010  1.00 0.00 ? 7  DG C "H4'"  1 
ATOM 861  H "H3'"  . DG C 1 7  ? 2.396   -0.269  10.743  1.00 0.00 ? 7  DG C "H3'"  1 
ATOM 862  H "H2'"  . DG C 1 7  ? 0.314   0.986   10.027  1.00 0.00 ? 7  DG C "H2'"  1 
ATOM 863  H "H2''" . DG C 1 7  ? 1.197   2.498   10.423  1.00 0.00 ? 7  DG C "H2''" 1 
ATOM 864  H "H1'"  . DG C 1 7  ? 1.645   2.097   8.196   1.00 0.00 ? 7  DG C "H1'"  1 
ATOM 865  H H8     . DG C 1 7  ? 3.722   -0.960  8.038   1.00 0.00 ? 7  DG C H8     1 
ATOM 866  H H1     . DG C 1 7  ? -1.975  -1.192  5.138   1.00 0.00 ? 7  DG C H1     1 
ATOM 867  H H21    . DG C 1 7  ? -3.322  0.621   5.811   1.00 0.00 ? 7  DG C H21    1 
ATOM 868  H H22    . DG C 1 7  ? -2.677  1.722   7.000   1.00 0.00 ? 7  DG C H22    1 
ATOM 869  P P      . DG C 1 8  ? 1.672   -0.360  13.324  1.00 0.00 ? 8  DG C P      1 
ATOM 870  O OP1    . DG C 1 8  ? 2.952   -0.611  14.022  1.00 0.00 ? 8  DG C OP1    1 
ATOM 871  O OP2    . DG C 1 8  ? 1.029   -1.451  12.555  1.00 0.00 ? 8  DG C OP2    1 
ATOM 872  O "O5'"  . DG C 1 8  ? 0.629   0.152   14.442  1.00 0.00 ? 8  DG C "O5'"  1 
ATOM 873  C "C5'"  . DG C 1 8  ? -0.782  -0.008  14.297  1.00 0.00 ? 8  DG C "C5'"  1 
ATOM 874  C "C4'"  . DG C 1 8  ? -1.380  1.036   13.367  1.00 0.00 ? 8  DG C "C4'"  1 
ATOM 875  O "O4'"  . DG C 1 8  ? -0.806  0.794   12.082  1.00 0.00 ? 8  DG C "O4'"  1 
ATOM 876  C "C3'"  . DG C 1 8  ? -2.889  1.012   13.105  1.00 0.00 ? 8  DG C "C3'"  1 
ATOM 877  O "O3'"  . DG C 1 8  ? -3.443  2.109   12.376  1.00 0.00 ? 8  DG C "O3'"  1 
ATOM 878  C "C2'"  . DG C 1 8  ? -2.902  -0.174  12.172  1.00 0.00 ? 8  DG C "C2'"  1 
ATOM 879  C "C1'"  . DG C 1 8  ? -1.844  0.337   11.208  1.00 0.00 ? 8  DG C "C1'"  1 
ATOM 880  N N9     . DG C 1 8  ? -1.500  -0.754  10.271  1.00 0.00 ? 8  DG C N9     1 
ATOM 881  C C8     . DG C 1 8  ? -0.399  -1.562  10.109  1.00 0.00 ? 8  DG C C8     1 
ATOM 882  N N7     . DG C 1 8  ? -0.531  -2.452  9.149   1.00 0.00 ? 8  DG C N7     1 
ATOM 883  C C5     . DG C 1 8  ? -1.806  -2.204  8.653   1.00 0.00 ? 8  DG C C5     1 
ATOM 884  C C6     . DG C 1 8  ? -2.525  -2.838  7.604   1.00 0.00 ? 8  DG C C6     1 
ATOM 885  O O6     . DG C 1 8  ? -2.140  -3.772  6.902   1.00 0.00 ? 8  DG C O6     1 
ATOM 886  N N1     . DG C 1 8  ? -3.793  -2.266  7.432   1.00 0.00 ? 8  DG C N1     1 
ATOM 887  C C2     . DG C 1 8  ? -4.297  -1.207  8.188   1.00 0.00 ? 8  DG C C2     1 
ATOM 888  N N2     . DG C 1 8  ? -5.519  -0.719  7.960   1.00 0.00 ? 8  DG C N2     1 
ATOM 889  N N3     . DG C 1 8  ? -3.603  -0.631  9.163   1.00 0.00 ? 8  DG C N3     1 
ATOM 890  C C4     . DG C 1 8  ? -2.386  -1.173  9.337   1.00 0.00 ? 8  DG C C4     1 
ATOM 891  H "H5'"  . DG C 1 8  ? -1.250  0.064   15.277  1.00 0.00 ? 8  DG C "H5'"  1 
ATOM 892  H "H5''" . DG C 1 8  ? -0.939  -1.003  13.886  1.00 0.00 ? 8  DG C "H5''" 1 
ATOM 893  H "H4'"  . DG C 1 8  ? -1.088  2.029   13.711  1.00 0.00 ? 8  DG C "H4'"  1 
ATOM 894  H "H3'"  . DG C 1 8  ? -3.466  0.863   14.017  1.00 0.00 ? 8  DG C "H3'"  1 
ATOM 895  H "H2'"  . DG C 1 8  ? -2.584  -1.082  12.682  1.00 0.00 ? 8  DG C "H2'"  1 
ATOM 896  H "H2''" . DG C 1 8  ? -3.853  -0.318  11.661  1.00 0.00 ? 8  DG C "H2''" 1 
ATOM 897  H "H1'"  . DG C 1 8  ? -2.255  1.178   10.649  1.00 0.00 ? 8  DG C "H1'"  1 
ATOM 898  H H8     . DG C 1 8  ? 0.501   -1.477  10.719  1.00 0.00 ? 8  DG C H8     1 
ATOM 899  H H1     . DG C 1 8  ? -4.355  -2.680  6.695   1.00 0.00 ? 8  DG C H1     1 
ATOM 900  H H21    . DG C 1 8  ? -6.108  -1.070  7.226   1.00 0.00 ? 8  DG C H21    1 
ATOM 901  H H22    . DG C 1 8  ? -5.877  0.032   8.541   1.00 0.00 ? 8  DG C H22    1 
ATOM 902  P P      . DA C 1 9  ? -4.993  2.517   12.569  1.00 0.00 ? 9  DA C P      1 
ATOM 903  O OP1    . DA C 1 9  ? -5.167  3.904   12.083  1.00 0.00 ? 9  DA C OP1    1 
ATOM 904  O OP2    . DA C 1 9  ? -5.380  2.185   13.961  1.00 0.00 ? 9  DA C OP2    1 
ATOM 905  O "O5'"  . DA C 1 9  ? -5.847  1.553   11.612  1.00 0.00 ? 9  DA C "O5'"  1 
ATOM 906  C "C5'"  . DA C 1 9  ? -6.817  0.720   12.240  1.00 0.00 ? 9  DA C "C5'"  1 
ATOM 907  C "C4'"  . DA C 1 9  ? -7.735  0.057   11.219  1.00 0.00 ? 9  DA C "C4'"  1 
ATOM 908  O "O4'"  . DA C 1 9  ? -6.914  -0.685  10.317  1.00 0.00 ? 9  DA C "O4'"  1 
ATOM 909  C "C3'"  . DA C 1 9  ? -8.732  -0.992  11.725  1.00 0.00 ? 9  DA C "C3'"  1 
ATOM 910  O "O3'"  . DA C 1 9  ? -9.644  -1.553  10.781  1.00 0.00 ? 9  DA C "O3'"  1 
ATOM 911  C "C2'"  . DA C 1 9  ? -7.740  -2.120  11.945  1.00 0.00 ? 9  DA C "C2'"  1 
ATOM 912  C "C1'"  . DA C 1 9  ? -7.193  -2.074  10.525  1.00 0.00 ? 9  DA C "C1'"  1 
ATOM 913  N N9     . DA C 1 9  ? -6.015  -2.930  10.296  1.00 0.00 ? 9  DA C N9     1 
ATOM 914  C C8     . DA C 1 9  ? -4.813  -2.970  10.960  1.00 0.00 ? 9  DA C C8     1 
ATOM 915  N N7     . DA C 1 9  ? -3.986  -3.873  10.505  1.00 0.00 ? 9  DA C N7     1 
ATOM 916  C C5     . DA C 1 9  ? -4.690  -4.467  9.471   1.00 0.00 ? 9  DA C C5     1 
ATOM 917  C C6     . DA C 1 9  ? -4.364  -5.497  8.590   1.00 0.00 ? 9  DA C C6     1 
ATOM 918  N N6     . DA C 1 9  ? -3.193  -6.131  8.643   1.00 0.00 ? 9  DA C N6     1 
ATOM 919  N N1     . DA C 1 9  ? -5.297  -5.839  7.687   1.00 0.00 ? 9  DA C N1     1 
ATOM 920  C C2     . DA C 1 9  ? -6.466  -5.207  7.658   1.00 0.00 ? 9  DA C C2     1 
ATOM 921  N N3     . DA C 1 9  ? -6.882  -4.224  8.436   1.00 0.00 ? 9  DA C N3     1 
ATOM 922  C C4     . DA C 1 9  ? -5.927  -3.901  9.335   1.00 0.00 ? 9  DA C C4     1 
ATOM 923  H "H5'"  . DA C 1 9  ? -7.404  1.323   12.935  1.00 0.00 ? 9  DA C "H5'"  1 
ATOM 924  H "H5''" . DA C 1 9  ? -6.254  -0.015  12.811  1.00 0.00 ? 9  DA C "H5''" 1 
ATOM 925  H "H4'"  . DA C 1 9  ? -8.260  0.841   10.674  1.00 0.00 ? 9  DA C "H4'"  1 
ATOM 926  H "H3'"  . DA C 1 9  ? -9.260  -0.661  12.618  1.00 0.00 ? 9  DA C "H3'"  1 
ATOM 927  H "H2'"  . DA C 1 9  ? -6.990  -1.866  12.691  1.00 0.00 ? 9  DA C "H2'"  1 
ATOM 928  H "H2''" . DA C 1 9  ? -8.201  -3.081  12.162  1.00 0.00 ? 9  DA C "H2''" 1 
ATOM 929  H "H1'"  . DA C 1 9  ? -7.996  -2.381  9.854   1.00 0.00 ? 9  DA C "H1'"  1 
ATOM 930  H H8     . DA C 1 9  ? -4.577  -2.305  11.789  1.00 0.00 ? 9  DA C H8     1 
ATOM 931  H H61    . DA C 1 9  ? -2.990  -6.860  7.974   1.00 0.00 ? 9  DA C H61    1 
ATOM 932  H H62    . DA C 1 9  ? -2.509  -5.891  9.348   1.00 0.00 ? 9  DA C H62    1 
ATOM 933  H H2     . DA C 1 9  ? -7.177  -5.531  6.900   1.00 0.00 ? 9  DA C H2     1 
ATOM 934  P P      . DT C 1 10 ? -10.551 -0.669  9.796   1.00 0.00 ? 10 DT C P      1 
ATOM 935  O OP1    . DT C 1 10 ? -9.789  -0.419  8.557   1.00 0.00 ? 10 DT C OP1    1 
ATOM 936  O OP2    . DT C 1 10 ? -11.145 0.445   10.567  1.00 0.00 ? 10 DT C OP2    1 
ATOM 937  O "O5'"  . DT C 1 10 ? -11.685 -1.756  9.487   1.00 0.00 ? 10 DT C "O5'"  1 
ATOM 938  C "C5'"  . DT C 1 10 ? -11.229 -2.935  8.833   1.00 0.00 ? 10 DT C "C5'"  1 
ATOM 939  C "C4'"  . DT C 1 10 ? -11.436 -4.201  9.642   1.00 0.00 ? 10 DT C "C4'"  1 
ATOM 940  O "O4'"  . DT C 1 10 ? -10.749 -5.257  8.967   1.00 0.00 ? 10 DT C "O4'"  1 
ATOM 941  C "C3'"  . DT C 1 10 ? -10.794 -4.312  11.007  1.00 0.00 ? 10 DT C "C3'"  1 
ATOM 942  O "O3'"  . DT C 1 10 ? -11.367 -3.428  11.969  1.00 0.00 ? 10 DT C "O3'"  1 
ATOM 943  C "C2'"  . DT C 1 10 ? -11.101 -5.789  11.211  1.00 0.00 ? 10 DT C "C2'"  1 
ATOM 944  C "C1'"  . DT C 1 10 ? -10.484 -6.320  9.907   1.00 0.00 ? 10 DT C "C1'"  1 
ATOM 945  N N1     . DT C 1 10 ? -9.051  -6.734  9.955   1.00 0.00 ? 10 DT C N1     1 
ATOM 946  C C2     . DT C 1 10 ? -8.576  -7.591  8.961   1.00 0.00 ? 10 DT C C2     1 
ATOM 947  O O2     . DT C 1 10 ? -9.300  -7.999  8.050   1.00 0.00 ? 10 DT C O2     1 
ATOM 948  N N3     . DT C 1 10 ? -7.231  -7.960  9.063   1.00 0.00 ? 10 DT C N3     1 
ATOM 949  C C4     . DT C 1 10 ? -6.345  -7.550  10.055  1.00 0.00 ? 10 DT C C4     1 
ATOM 950  O O4     . DT C 1 10 ? -5.169  -7.919  10.085  1.00 0.00 ? 10 DT C O4     1 
ATOM 951  C C5     . DT C 1 10 ? -6.939  -6.669  11.024  1.00 0.00 ? 10 DT C C5     1 
ATOM 952  C C7     . DT C 1 10 ? -6.081  -6.147  12.162  1.00 0.00 ? 10 DT C C7     1 
ATOM 953  C C6     . DT C 1 10 ? -8.225  -6.297  10.955  1.00 0.00 ? 10 DT C C6     1 
ATOM 954  H "H5'"  . DT C 1 10 ? -10.167 -2.802  8.627   1.00 0.00 ? 10 DT C "H5'"  1 
ATOM 955  H "H5''" . DT C 1 10 ? -11.778 -3.046  7.900   1.00 0.00 ? 10 DT C "H5''" 1 
ATOM 956  H "H4'"  . DT C 1 10 ? -12.499 -4.435  9.704   1.00 0.00 ? 10 DT C "H4'"  1 
ATOM 957  H "H3'"  . DT C 1 10 ? -9.726  -4.123  10.915  1.00 0.00 ? 10 DT C "H3'"  1 
ATOM 958  H "HO3'" . DT C 1 10 ? -11.262 -2.543  11.605  1.00 0.00 ? 10 DT C "HO3'" 1 
ATOM 959  H "H2'"  . DT C 1 10 ? -10.687 -6.247  12.112  1.00 0.00 ? 10 DT C "H2'"  1 
ATOM 960  H "H2''" . DT C 1 10 ? -12.185 -5.907  11.190  1.00 0.00 ? 10 DT C "H2''" 1 
ATOM 961  H "H1'"  . DT C 1 10 ? -11.067 -7.187  9.592   1.00 0.00 ? 10 DT C "H1'"  1 
ATOM 962  H H3     . DT C 1 10 ? -6.857  -8.584  8.353   1.00 0.00 ? 10 DT C H3     1 
ATOM 963  H H71    . DT C 1 10 ? -6.450  -6.547  13.106  1.00 0.00 ? 10 DT C H71    1 
ATOM 964  H H72    . DT C 1 10 ? -6.126  -5.059  12.178  1.00 0.00 ? 10 DT C H72    1 
ATOM 965  H H73    . DT C 1 10 ? -5.052  -6.468  12.003  1.00 0.00 ? 10 DT C H73    1 
ATOM 966  H H6     . DT C 1 10 ? -8.596  -5.631  11.730  1.00 0.00 ? 10 DT C H6     1 
ATOM 967  O "O5'"  . DG D 1 1  ? 2.808   2.902   6.618   1.00 0.00 ? 1  DG D "O5'"  1 
ATOM 968  C "C5'"  . DG D 1 1  ? 2.576   4.101   7.360   1.00 0.00 ? 1  DG D "C5'"  1 
ATOM 969  C "C4'"  . DG D 1 1  ? 1.705   5.003   6.559   1.00 0.00 ? 1  DG D "C4'"  1 
ATOM 970  O "O4'"  . DG D 1 1  ? 2.385   5.404   5.388   1.00 0.00 ? 1  DG D "O4'"  1 
ATOM 971  C "C3'"  . DG D 1 1  ? 0.339   4.496   6.089   1.00 0.00 ? 1  DG D "C3'"  1 
ATOM 972  O "O3'"  . DG D 1 1  ? -0.434  4.667   7.296   1.00 0.00 ? 1  DG D "O3'"  1 
ATOM 973  C "C2'"  . DG D 1 1  ? 0.118   5.788   5.300   1.00 0.00 ? 1  DG D "C2'"  1 
ATOM 974  C "C1'"  . DG D 1 1  ? 1.396   5.866   4.475   1.00 0.00 ? 1  DG D "C1'"  1 
ATOM 975  N N9     . DG D 1 1  ? 1.384   5.037   3.267   1.00 0.00 ? 1  DG D N9     1 
ATOM 976  C C8     . DG D 1 1  ? 2.370   4.232   2.754   1.00 0.00 ? 1  DG D C8     1 
ATOM 977  N N7     . DG D 1 1  ? 2.040   3.613   1.647   1.00 0.00 ? 1  DG D N7     1 
ATOM 978  C C5     . DG D 1 1  ? 0.744   4.059   1.434   1.00 0.00 ? 1  DG D C5     1 
ATOM 979  C C6     . DG D 1 1  ? -0.116  3.734   0.397   1.00 0.00 ? 1  DG D C6     1 
ATOM 980  O O6     . DG D 1 1  ? 0.177   3.017   -0.546  1.00 0.00 ? 1  DG D O6     1 
ATOM 981  N N1     . DG D 1 1  ? -1.350  4.364   0.510   1.00 0.00 ? 1  DG D N1     1 
ATOM 982  C C2     . DG D 1 1  ? -1.718  5.235   1.522   1.00 0.00 ? 1  DG D C2     1 
ATOM 983  N N2     . DG D 1 1  ? -2.952  5.760   1.459   1.00 0.00 ? 1  DG D N2     1 
ATOM 984  N N3     . DG D 1 1  ? -0.874  5.549   2.520   1.00 0.00 ? 1  DG D N3     1 
ATOM 985  C C4     . DG D 1 1  ? 0.331   4.922   2.410   1.00 0.00 ? 1  DG D C4     1 
ATOM 986  H "H5'"  . DG D 1 1  ? 3.506   4.618   7.579   1.00 0.00 ? 1  DG D "H5'"  1 
ATOM 987  H "H5''" . DG D 1 1  ? 2.075   3.923   8.309   1.00 0.00 ? 1  DG D "H5''" 1 
ATOM 988  H "H4'"  . DG D 1 1  ? 1.548   5.887   7.175   1.00 0.00 ? 1  DG D "H4'"  1 
ATOM 989  H "H3'"  . DG D 1 1  ? 0.267   3.541   5.454   1.00 0.00 ? 1  DG D "H3'"  1 
ATOM 990  H "H2'"  . DG D 1 1  ? -0.773  5.810   4.674   1.00 0.00 ? 1  DG D "H2'"  1 
ATOM 991  H "H2''" . DG D 1 1  ? 0.089   6.615   6.009   1.00 0.00 ? 1  DG D "H2''" 1 
ATOM 992  H "H1'"  . DG D 1 1  ? 1.589   6.906   4.214   1.00 0.00 ? 1  DG D "H1'"  1 
ATOM 993  H H8     . DG D 1 1  ? 3.339   4.134   3.247   1.00 0.00 ? 1  DG D H8     1 
ATOM 994  H H1     . DG D 1 1  ? -2.037  4.147   -0.207  1.00 0.00 ? 1  DG D H1     1 
ATOM 995  H H21    . DG D 1 1  ? -3.589  5.502   0.712   1.00 0.00 ? 1  DG D H21    1 
ATOM 996  H H22    . DG D 1 1  ? -3.277  6.422   2.153   1.00 0.00 ? 1  DG D H22    1 
ATOM 997  H "HO5'" . DG D 1 1  ? 3.396   2.347   7.145   1.00 0.00 ? 1  DG D "HO5'" 1 
ATOM 998  P P      . DC D 1 2  ? -1.880  4.207   7.802   1.00 0.00 ? 2  DC D P      1 
ATOM 999  O OP1    . DC D 1 2  ? -2.280  5.111   8.903   1.00 0.00 ? 2  DC D OP1    1 
ATOM 1000 O OP2    . DC D 1 2  ? -1.946  2.749   7.983   1.00 0.00 ? 2  DC D OP2    1 
ATOM 1001 O "O5'"  . DC D 1 2  ? -2.747  4.597   6.541   1.00 0.00 ? 2  DC D "O5'"  1 
ATOM 1002 C "C5'"  . DC D 1 2  ? -3.018  5.981   6.390   1.00 0.00 ? 2  DC D "C5'"  1 
ATOM 1003 C "C4'"  . DC D 1 2  ? -3.880  6.213   5.179   1.00 0.00 ? 2  DC D "C4'"  1 
ATOM 1004 O "O4'"  . DC D 1 2  ? -3.275  5.534   4.074   1.00 0.00 ? 2  DC D "O4'"  1 
ATOM 1005 C "C3'"  . DC D 1 2  ? -5.248  5.593   5.218   1.00 0.00 ? 2  DC D "C3'"  1 
ATOM 1006 O "O3'"  . DC D 1 2  ? -6.198  6.025   4.259   1.00 0.00 ? 2  DC D "O3'"  1 
ATOM 1007 C "C2'"  . DC D 1 2  ? -4.879  4.153   4.925   1.00 0.00 ? 2  DC D "C2'"  1 
ATOM 1008 C "C1'"  . DC D 1 2  ? -4.044  4.368   3.699   1.00 0.00 ? 2  DC D "C1'"  1 
ATOM 1009 N N1     . DC D 1 2  ? -3.123  3.282   3.222   1.00 0.00 ? 2  DC D N1     1 
ATOM 1010 C C2     . DC D 1 2  ? -3.530  2.461   2.180   1.00 0.00 ? 2  DC D C2     1 
ATOM 1011 O O2     . DC D 1 2  ? -4.659  2.534   1.694   1.00 0.00 ? 2  DC D O2     1 
ATOM 1012 N N3     . DC D 1 2  ? -2.642  1.531   1.710   1.00 0.00 ? 2  DC D N3     1 
ATOM 1013 C C4     . DC D 1 2  ? -1.399  1.365   2.207   1.00 0.00 ? 2  DC D C4     1 
ATOM 1014 N N4     . DC D 1 2  ? -0.540  0.446   1.674   1.00 0.00 ? 2  DC D N4     1 
ATOM 1015 C C5     . DC D 1 2  ? -0.989  2.215   3.303   1.00 0.00 ? 2  DC D C5     1 
ATOM 1016 C C6     . DC D 1 2  ? -1.876  3.140   3.763   1.00 0.00 ? 2  DC D C6     1 
ATOM 1017 H "H5'"  . DC D 1 2  ? -2.082  6.526   6.306   1.00 0.00 ? 2  DC D "H5'"  1 
ATOM 1018 H "H5''" . DC D 1 2  ? -3.530  6.327   7.289   1.00 0.00 ? 2  DC D "H5''" 1 
ATOM 1019 H "H4'"  . DC D 1 2  ? -3.942  7.283   4.982   1.00 0.00 ? 2  DC D "H4'"  1 
ATOM 1020 H "H3'"  . DC D 1 2  ? -5.703  5.733   6.198   1.00 0.00 ? 2  DC D "H3'"  1 
ATOM 1021 H "H2'"  . DC D 1 2  ? -4.333  3.714   5.760   1.00 0.00 ? 2  DC D "H2'"  1 
ATOM 1022 H "H2''" . DC D 1 2  ? -5.760  3.619   4.612   1.00 0.00 ? 2  DC D "H2''" 1 
ATOM 1023 H "H1'"  . DC D 1 2  ? -4.737  4.629   2.899   1.00 0.00 ? 2  DC D "H1'"  1 
ATOM 1024 H H41    . DC D 1 2  ? -0.808  -0.196  0.870   1.00 0.00 ? 2  DC D H41    1 
ATOM 1025 H H42    . DC D 1 2  ? 0.388   0.380   2.073   1.00 0.00 ? 2  DC D H42    1 
ATOM 1026 H H5     . DC D 1 2  ? -0.002  2.126   3.751   1.00 0.00 ? 2  DC D H5     1 
ATOM 1027 H H6     . DC D 1 2  ? -1.607  3.794   4.586   1.00 0.00 ? 2  DC D H6     1 
ATOM 1028 P P      . DG D 1 3  ? -7.584  6.367   4.976   1.00 0.00 ? 3  DG D P      1 
ATOM 1029 O OP1    . DG D 1 3  ? -7.425  7.709   5.580   1.00 0.00 ? 3  DG D OP1    1 
ATOM 1030 O OP2    . DG D 1 3  ? -7.923  5.231   5.860   1.00 0.00 ? 3  DG D OP2    1 
ATOM 1031 O "O5'"  . DG D 1 3  ? -8.694  6.498   3.840   1.00 0.00 ? 3  DG D "O5'"  1 
ATOM 1032 C "C5'"  . DG D 1 3  ? -8.791  5.651   2.701   1.00 0.00 ? 3  DG D "C5'"  1 
ATOM 1033 C "C4'"  . DG D 1 3  ? -9.054  4.189   2.994   1.00 0.00 ? 3  DG D "C4'"  1 
ATOM 1034 O "O4'"  . DG D 1 3  ? -7.887  3.500   3.407   1.00 0.00 ? 3  DG D "O4'"  1 
ATOM 1035 C "C3'"  . DG D 1 3  ? -10.065 3.901   4.084   1.00 0.00 ? 3  DG D "C3'"  1 
ATOM 1036 O "O3'"  . DG D 1 3  ? -11.358 3.489   3.653   1.00 0.00 ? 3  DG D "O3'"  1 
ATOM 1037 C "C2'"  . DG D 1 3  ? -9.311  2.829   4.910   1.00 0.00 ? 3  DG D "C2'"  1 
ATOM 1038 C "C1'"  . DG D 1 3  ? -8.401  2.237   3.859   1.00 0.00 ? 3  DG D "C1'"  1 
ATOM 1039 N N9     . DG D 1 3  ? -7.230  1.450   4.302   1.00 0.00 ? 3  DG D N9     1 
ATOM 1040 C C8     . DG D 1 3  ? -6.456  1.681   5.407   1.00 0.00 ? 3  DG D C8     1 
ATOM 1041 N N7     . DG D 1 3  ? -5.437  0.884   5.531   1.00 0.00 ? 3  DG D N7     1 
ATOM 1042 C C5     . DG D 1 3  ? -5.544  0.060   4.429   1.00 0.00 ? 3  DG D C5     1 
ATOM 1043 C C6     . DG D 1 3  ? -4.701  -0.992  4.063   1.00 0.00 ? 3  DG D C6     1 
ATOM 1044 O O6     . DG D 1 3  ? -3.700  -1.384  4.648   1.00 0.00 ? 3  DG D O6     1 
ATOM 1045 N N1     . DG D 1 3  ? -5.114  -1.597  2.907   1.00 0.00 ? 3  DG D N1     1 
ATOM 1046 C C2     . DG D 1 3  ? -6.218  -1.250  2.159   1.00 0.00 ? 3  DG D C2     1 
ATOM 1047 N N2     . DG D 1 3  ? -6.439  -1.980  1.057   1.00 0.00 ? 3  DG D N2     1 
ATOM 1048 N N3     . DG D 1 3  ? -7.037  -0.238  2.499   1.00 0.00 ? 3  DG D N3     1 
ATOM 1049 C C4     . DG D 1 3  ? -6.636  0.378   3.656   1.00 0.00 ? 3  DG D C4     1 
ATOM 1050 H "H5'"  . DG D 1 3  ? -7.838  5.702   2.186   1.00 0.00 ? 3  DG D "H5'"  1 
ATOM 1051 H "H5''" . DG D 1 3  ? -9.602  6.043   2.088   1.00 0.00 ? 3  DG D "H5''" 1 
ATOM 1052 H "H4'"  . DG D 1 3  ? -9.410  3.723   2.074   1.00 0.00 ? 3  DG D "H4'"  1 
ATOM 1053 H "H3'"  . DG D 1 3  ? -10.164 4.771   4.732   1.00 0.00 ? 3  DG D "H3'"  1 
ATOM 1054 H "H2'"  . DG D 1 3  ? -8.721  3.338   5.672   1.00 0.00 ? 3  DG D "H2'"  1 
ATOM 1055 H "H2''" . DG D 1 3  ? -9.960  2.082   5.365   1.00 0.00 ? 3  DG D "H2''" 1 
ATOM 1056 H "H1'"  . DG D 1 3  ? -8.967  1.722   3.080   1.00 0.00 ? 3  DG D "H1'"  1 
ATOM 1057 H H8     . DG D 1 3  ? -6.685  2.471   6.122   1.00 0.00 ? 3  DG D H8     1 
ATOM 1058 H H1     . DG D 1 3  ? -4.527  -2.369  2.598   1.00 0.00 ? 3  DG D H1     1 
ATOM 1059 H H21    . DG D 1 3  ? -5.928  -2.834  0.840   1.00 0.00 ? 3  DG D H21    1 
ATOM 1060 H H22    . DG D 1 3  ? -7.138  -1.686  0.389   1.00 0.00 ? 3  DG D H22    1 
ATOM 1061 P P      . DG D 1 4  ? -12.477 3.460   4.786   1.00 0.00 ? 4  DG D P      1 
ATOM 1062 O OP1    . DG D 1 4  ? -13.770 3.092   4.166   1.00 0.00 ? 4  DG D OP1    1 
ATOM 1063 O OP2    . DG D 1 4  ? -12.364 4.693   5.597   1.00 0.00 ? 4  DG D OP2    1 
ATOM 1064 O "O5'"  . DG D 1 4  ? -11.956 2.226   5.649   1.00 0.00 ? 4  DG D "O5'"  1 
ATOM 1065 C "C5'"  . DG D 1 4  ? -12.521 0.978   5.304   1.00 0.00 ? 4  DG D "C5'"  1 
ATOM 1066 C "C4'"  . DG D 1 4  ? -11.647 -0.186  5.704   1.00 0.00 ? 4  DG D "C4'"  1 
ATOM 1067 O "O4'"  . DG D 1 4  ? -10.510 -0.229  4.820   1.00 0.00 ? 4  DG D "O4'"  1 
ATOM 1068 C "C3'"  . DG D 1 4  ? -12.324 -1.486  5.408   1.00 0.00 ? 4  DG D "C3'"  1 
ATOM 1069 O "O3'"  . DG D 1 4  ? -12.910 -1.565  4.122   1.00 0.00 ? 4  DG D "O3'"  1 
ATOM 1070 C "C2'"  . DG D 1 4  ? -11.099 -2.342  5.453   1.00 0.00 ? 4  DG D "C2'"  1 
ATOM 1071 C "C1'"  . DG D 1 4  ? -10.237 -1.602  4.457   1.00 0.00 ? 4  DG D "C1'"  1 
ATOM 1072 N N9     . DG D 1 4  ? -8.857  -2.005  4.788   1.00 0.00 ? 4  DG D N9     1 
ATOM 1073 C C8     . DG D 1 4  ? -8.085  -1.470  5.779   1.00 0.00 ? 4  DG D C8     1 
ATOM 1074 N N7     . DG D 1 4  ? -6.924  -2.039  5.899   1.00 0.00 ? 4  DG D N7     1 
ATOM 1075 C C5     . DG D 1 4  ? -6.908  -3.014  4.929   1.00 0.00 ? 4  DG D C5     1 
ATOM 1076 C C6     . DG D 1 4  ? -5.874  -3.925  4.628   1.00 0.00 ? 4  DG D C6     1 
ATOM 1077 O O6     . DG D 1 4  ? -4.781  -4.002  5.191   1.00 0.00 ? 4  DG D O6     1 
ATOM 1078 N N1     . DG D 1 4  ? -6.222  -4.762  3.580   1.00 0.00 ? 4  DG D N1     1 
ATOM 1079 C C2     . DG D 1 4  ? -7.429  -4.729  2.893   1.00 0.00 ? 4  DG D C2     1 
ATOM 1080 N N2     . DG D 1 4  ? -7.602  -5.615  1.896   1.00 0.00 ? 4  DG D N2     1 
ATOM 1081 N N3     . DG D 1 4  ? -8.410  -3.851  3.193   1.00 0.00 ? 4  DG D N3     1 
ATOM 1082 C C4     . DG D 1 4  ? -8.083  -3.020  4.223   1.00 0.00 ? 4  DG D C4     1 
ATOM 1083 H "H5'"  . DG D 1 4  ? -12.685 0.961   4.227   1.00 0.00 ? 4  DG D "H5'"  1 
ATOM 1084 H "H5''" . DG D 1 4  ? -13.480 0.901   5.813   1.00 0.00 ? 4  DG D "H5''" 1 
ATOM 1085 H "H4'"  . DG D 1 4  ? -11.335 -0.134  6.748   1.00 0.00 ? 4  DG D "H4'"  1 
ATOM 1086 H "H3'"  . DG D 1 4  ? -13.067 -1.742  6.161   1.00 0.00 ? 4  DG D "H3'"  1 
ATOM 1087 H "H2'"  . DG D 1 4  ? -10.637 -2.247  6.433   1.00 0.00 ? 4  DG D "H2'"  1 
ATOM 1088 H "H2''" . DG D 1 4  ? -11.273 -3.379  5.188   1.00 0.00 ? 4  DG D "H2''" 1 
ATOM 1089 H "H1'"  . DG D 1 4  ? -10.520 -1.835  3.431   1.00 0.00 ? 4  DG D "H1'"  1 
ATOM 1090 H H8     . DG D 1 4  ? -8.414  -0.641  6.407   1.00 0.00 ? 4  DG D H8     1 
ATOM 1091 H H1     . DG D 1 4  ? -5.495  -5.434  3.338   1.00 0.00 ? 4  DG D H1     1 
ATOM 1092 H H21    . DG D 1 4  ? -6.885  -6.290  1.652   1.00 0.00 ? 4  DG D H21    1 
ATOM 1093 H H22    . DG D 1 4  ? -8.465  -5.622  1.362   1.00 0.00 ? 4  DG D H22    1 
ATOM 1094 P P      . DT D 1 5  ? -14.379 -2.179  4.103   1.00 0.00 ? 5  DT D P      1 
ATOM 1095 O OP1    . DT D 1 5  ? -15.292 -1.199  3.474   1.00 0.00 ? 5  DT D OP1    1 
ATOM 1096 O OP2    . DT D 1 5  ? -14.678 -2.727  5.443   1.00 0.00 ? 5  DT D OP2    1 
ATOM 1097 O "O5'"  . DT D 1 5  ? -14.177 -3.383  3.084   1.00 0.00 ? 5  DT D "O5'"  1 
ATOM 1098 C "C5'"  . DT D 1 5  ? -14.003 -2.908  1.764   1.00 0.00 ? 5  DT D "C5'"  1 
ATOM 1099 C "C4'"  . DT D 1 5  ? -13.322 -3.908  0.879   1.00 0.00 ? 5  DT D "C4'"  1 
ATOM 1100 O "O4'"  . DT D 1 5  ? -12.040 -4.265  1.420   1.00 0.00 ? 5  DT D "O4'"  1 
ATOM 1101 C "C3'"  . DT D 1 5  ? -14.016 -5.234  0.648   1.00 0.00 ? 5  DT D "C3'"  1 
ATOM 1102 O "O3'"  . DT D 1 5  ? -13.721 -5.791  -0.625  1.00 0.00 ? 5  DT D "O3'"  1 
ATOM 1103 C "C2'"  . DT D 1 5  ? -13.389 -6.056  1.762   1.00 0.00 ? 5  DT D "C2'"  1 
ATOM 1104 C "C1'"  . DT D 1 5  ? -11.952 -5.698  1.436   1.00 0.00 ? 5  DT D "C1'"  1 
ATOM 1105 N N1     . DT D 1 5  ? -10.968 -6.201  2.428   1.00 0.00 ? 5  DT D N1     1 
ATOM 1106 C C2     . DT D 1 5  ? -10.109 -7.223  2.041   1.00 0.00 ? 5  DT D C2     1 
ATOM 1107 O O2     . DT D 1 5  ? -10.129 -7.718  0.915   1.00 0.00 ? 5  DT D O2     1 
ATOM 1108 N N3     . DT D 1 5  ? -9.205  -7.662  3.006   1.00 0.00 ? 5  DT D N3     1 
ATOM 1109 C C4     . DT D 1 5  ? -9.092  -7.172  4.302   1.00 0.00 ? 5  DT D C4     1 
ATOM 1110 O O4     . DT D 1 5  ? -8.246  -7.616  5.080   1.00 0.00 ? 5  DT D O4     1 
ATOM 1111 C C5     . DT D 1 5  ? -10.027 -6.117  4.607   1.00 0.00 ? 5  DT D C5     1 
ATOM 1112 C C7     . DT D 1 5  ? -9.992  -5.512  6.002   1.00 0.00 ? 5  DT D C7     1 
ATOM 1113 C C6     . DT D 1 5  ? -10.914 -5.672  3.689   1.00 0.00 ? 5  DT D C6     1 
ATOM 1114 H "H5'"  . DT D 1 5  ? -13.394 -2.008  1.826   1.00 0.00 ? 5  DT D "H5'"  1 
ATOM 1115 H "H5''" . DT D 1 5  ? -14.980 -2.648  1.357   1.00 0.00 ? 5  DT D "H5''" 1 
ATOM 1116 H "H4'"  . DT D 1 5  ? -13.174 -3.436  -0.090  1.00 0.00 ? 5  DT D "H4'"  1 
ATOM 1117 H "H3'"  . DT D 1 5  ? -15.098 -5.131  0.715   1.00 0.00 ? 5  DT D "H3'"  1 
ATOM 1118 H "H2'"  . DT D 1 5  ? -13.684 -5.664  2.736   1.00 0.00 ? 5  DT D "H2'"  1 
ATOM 1119 H "H2''" . DT D 1 5  ? -13.573 -7.128  1.681   1.00 0.00 ? 5  DT D "H2''" 1 
ATOM 1120 H "H1'"  . DT D 1 5  ? -11.711 -6.051  0.433   1.00 0.00 ? 5  DT D "H1'"  1 
ATOM 1121 H H3     . DT D 1 5  ? -8.579  -8.408  2.733   1.00 0.00 ? 5  DT D H3     1 
ATOM 1122 H H71    . DT D 1 5  ? -9.306  -6.091  6.617   1.00 0.00 ? 5  DT D H71    1 
ATOM 1123 H H72    . DT D 1 5  ? -9.644  -4.481  5.960   1.00 0.00 ? 5  DT D H72    1 
ATOM 1124 H H73    . DT D 1 5  ? -10.987 -5.553  6.442   1.00 0.00 ? 5  DT D H73    1 
ATOM 1125 H H6     . DT D 1 5  ? -11.612 -4.877  3.942   1.00 0.00 ? 5  DT D H6     1 
ATOM 1126 P P      . DT D 1 6  ? -14.778 -5.438  -1.782  1.00 0.00 ? 6  DT D P      1 
ATOM 1127 O OP1    . DT D 1 6  ? -14.995 -3.975  -1.811  1.00 0.00 ? 6  DT D OP1    1 
ATOM 1128 O OP2    . DT D 1 6  ? -15.942 -6.337  -1.604  1.00 0.00 ? 6  DT D OP2    1 
ATOM 1129 O "O5'"  . DT D 1 6  ? -14.051 -5.872  -3.133  1.00 0.00 ? 6  DT D "O5'"  1 
ATOM 1130 C "C5'"  . DT D 1 6  ? -13.339 -4.968  -3.970  1.00 0.00 ? 6  DT D "C5'"  1 
ATOM 1131 C "C4'"  . DT D 1 6  ? -12.080 -4.396  -3.329  1.00 0.00 ? 6  DT D "C4'"  1 
ATOM 1132 O "O4'"  . DT D 1 6  ? -12.270 -3.527  -2.229  1.00 0.00 ? 6  DT D "O4'"  1 
ATOM 1133 C "C3'"  . DT D 1 6  ? -11.190 -5.299  -2.554  1.00 0.00 ? 6  DT D "C3'"  1 
ATOM 1134 O "O3'"  . DT D 1 6  ? -10.383 -6.271  -3.200  1.00 0.00 ? 6  DT D "O3'"  1 
ATOM 1135 C "C2'"  . DT D 1 6  ? -10.350 -4.289  -1.801  1.00 0.00 ? 6  DT D "C2'"  1 
ATOM 1136 C "C1'"  . DT D 1 6  ? -10.942 -2.964  -2.152  1.00 0.00 ? 6  DT D "C1'"  1 
ATOM 1137 N N1     . DT D 1 6  ? -10.660 -2.078  -0.996  1.00 0.00 ? 6  DT D N1     1 
ATOM 1138 C C2     . DT D 1 6  ? -9.474  -2.098  -0.244  1.00 0.00 ? 6  DT D C2     1 
ATOM 1139 O O2     . DT D 1 6  ? -8.540  -2.865  -0.482  1.00 0.00 ? 6  DT D O2     1 
ATOM 1140 N N3     . DT D 1 6  ? -9.415  -1.172  0.808   1.00 0.00 ? 6  DT D N3     1 
ATOM 1141 C C4     . DT D 1 6  ? -10.419 -0.268  1.143   1.00 0.00 ? 6  DT D C4     1 
ATOM 1142 O O4     . DT D 1 6  ? -10.280 0.528   2.065   1.00 0.00 ? 6  DT D O4     1 
ATOM 1143 C C5     . DT D 1 6  ? -11.586 -0.358  0.299   1.00 0.00 ? 6  DT D C5     1 
ATOM 1144 C C7     . DT D 1 6  ? -12.758 0.564   0.569   1.00 0.00 ? 6  DT D C7     1 
ATOM 1145 C C6     . DT D 1 6  ? -11.648 -1.246  -0.709  1.00 0.00 ? 6  DT D C6     1 
ATOM 1146 H "H5'"  . DT D 1 6  ? -13.995 -4.161  -4.300  1.00 0.00 ? 6  DT D "H5'"  1 
ATOM 1147 H "H5''" . DT D 1 6  ? -13.034 -5.549  -4.839  1.00 0.00 ? 6  DT D "H5''" 1 
ATOM 1148 H "H4'"  . DT D 1 6  ? -11.522 -3.901  -4.123  1.00 0.00 ? 6  DT D "H4'"  1 
ATOM 1149 H "H3'"  . DT D 1 6  ? -11.807 -5.686  -1.753  1.00 0.00 ? 6  DT D "H3'"  1 
ATOM 1150 H "H2'"  . DT D 1 6  ? -10.739 -4.285  -0.782  1.00 0.00 ? 6  DT D "H2'"  1 
ATOM 1151 H "H2''" . DT D 1 6  ? -9.267  -4.372  -1.841  1.00 0.00 ? 6  DT D "H2''" 1 
ATOM 1152 H "H1'"  . DT D 1 6  ? -10.553 -2.555  -3.083  1.00 0.00 ? 6  DT D "H1'"  1 
ATOM 1153 H H3     . DT D 1 6  ? -8.586  -1.130  1.391   1.00 0.00 ? 6  DT D H3     1 
ATOM 1154 H H71    . DT D 1 6  ? -12.485 1.263   1.362   1.00 0.00 ? 6  DT D H71    1 
ATOM 1155 H H72    . DT D 1 6  ? -13.022 1.110   -0.332  1.00 0.00 ? 6  DT D H72    1 
ATOM 1156 H H73    . DT D 1 6  ? -13.623 -0.016  0.875   1.00 0.00 ? 6  DT D H73    1 
ATOM 1157 H H6     . DT D 1 6  ? -12.458 -1.469  -1.388  1.00 0.00 ? 6  DT D H6     1 
ATOM 1158 P P      . DG D 1 7  ? -10.996 -7.597  -3.863  1.00 0.00 ? 7  DG D P      1 
ATOM 1159 O OP1    . DG D 1 7  ? -11.758 -7.235  -5.081  1.00 0.00 ? 7  DG D OP1    1 
ATOM 1160 O OP2    . DG D 1 7  ? -11.597 -8.449  -2.815  1.00 0.00 ? 7  DG D OP2    1 
ATOM 1161 O "O5'"  . DG D 1 7  ? -9.596  -8.198  -4.320  1.00 0.00 ? 7  DG D "O5'"  1 
ATOM 1162 C "C5'"  . DG D 1 7  ? -8.645  -7.158  -4.474  1.00 0.00 ? 7  DG D "C5'"  1 
ATOM 1163 C "C4'"  . DG D 1 7  ? -7.217  -7.641  -4.411  1.00 0.00 ? 7  DG D "C4'"  1 
ATOM 1164 O "O4'"  . DG D 1 7  ? -6.458  -6.437  -4.298  1.00 0.00 ? 7  DG D "O4'"  1 
ATOM 1165 C "C3'"  . DG D 1 7  ? -6.794  -8.411  -3.171  1.00 0.00 ? 7  DG D "C3'"  1 
ATOM 1166 O "O3'"  . DG D 1 7  ? -7.055  -9.813  -3.185  1.00 0.00 ? 7  DG D "O3'"  1 
ATOM 1167 C "C2'"  . DG D 1 7  ? -5.298  -8.185  -3.299  1.00 0.00 ? 7  DG D "C2'"  1 
ATOM 1168 C "C1'"  . DG D 1 7  ? -5.346  -6.680  -3.423  1.00 0.00 ? 7  DG D "C1'"  1 
ATOM 1169 N N9     . DG D 1 7  ? -5.389  -5.893  -2.166  1.00 0.00 ? 7  DG D N9     1 
ATOM 1170 C C8     . DG D 1 7  ? -6.373  -5.068  -1.671  1.00 0.00 ? 7  DG D C8     1 
ATOM 1171 N N7     . DG D 1 7  ? -6.054  -4.476  -0.544  1.00 0.00 ? 7  DG D N7     1 
ATOM 1172 C C5     . DG D 1 7  ? -4.777  -4.945  -0.280  1.00 0.00 ? 7  DG D C5     1 
ATOM 1173 C C6     . DG D 1 7  ? -3.922  -4.656  0.799   1.00 0.00 ? 7  DG D C6     1 
ATOM 1174 O O6     . DG D 1 7  ? -4.149  -3.907  1.742   1.00 0.00 ? 7  DG D O6     1 
ATOM 1175 N N1     . DG D 1 7  ? -2.713  -5.327  0.710   1.00 0.00 ? 7  DG D N1     1 
ATOM 1176 C C2     . DG D 1 7  ? -2.347  -6.195  -0.305  1.00 0.00 ? 7  DG D C2     1 
ATOM 1177 N N2     . DG D 1 7  ? -1.139  -6.795  -0.255  1.00 0.00 ? 7  DG D N2     1 
ATOM 1178 N N3     . DG D 1 7  ? -3.177  -6.457  -1.324  1.00 0.00 ? 7  DG D N3     1 
ATOM 1179 C C4     . DG D 1 7  ? -4.362  -5.809  -1.255  1.00 0.00 ? 7  DG D C4     1 
ATOM 1180 H "H5'"  . DG D 1 7  ? -8.826  -6.449  -3.665  1.00 0.00 ? 7  DG D "H5'"  1 
ATOM 1181 H "H5''" . DG D 1 7  ? -8.826  -6.649  -5.419  1.00 0.00 ? 7  DG D "H5''" 1 
ATOM 1182 H "H4'"  . DG D 1 7  ? -6.934  -8.186  -5.313  1.00 0.00 ? 7  DG D "H4'"  1 
ATOM 1183 H "H3'"  . DG D 1 7  ? -7.163  -7.939  -2.264  1.00 0.00 ? 7  DG D "H3'"  1 
ATOM 1184 H "H2'"  . DG D 1 7  ? -4.690  -8.489  -2.449  1.00 0.00 ? 7  DG D "H2'"  1 
ATOM 1185 H "H2''" . DG D 1 7  ? -4.947  -8.642  -4.225  1.00 0.00 ? 7  DG D "H2''" 1 
ATOM 1186 H "H1'"  . DG D 1 7  ? -4.443  -6.360  -3.943  1.00 0.00 ? 7  DG D "H1'"  1 
ATOM 1187 H H8     . DG D 1 7  ? -7.329  -4.931  -2.177  1.00 0.00 ? 7  DG D H8     1 
ATOM 1188 H H1     . DG D 1 7  ? -2.062  -5.141  1.469   1.00 0.00 ? 7  DG D H1     1 
ATOM 1189 H H21    . DG D 1 7  ? -0.452  -6.667  0.486   1.00 0.00 ? 7  DG D H21    1 
ATOM 1190 H H22    . DG D 1 7  ? -0.901  -7.425  -1.015  1.00 0.00 ? 7  DG D H22    1 
ATOM 1191 P P      . DG D 1 8  ? -8.048  -10.501 -2.131  1.00 0.00 ? 8  DG D P      1 
ATOM 1192 O OP1    . DG D 1 8  ? -9.421  -10.439 -2.673  1.00 0.00 ? 8  DG D OP1    1 
ATOM 1193 O OP2    . DG D 1 8  ? -7.770  -9.979  -0.771  1.00 0.00 ? 8  DG D OP2    1 
ATOM 1194 O "O5'"  . DG D 1 8  ? -7.620  -12.054 -2.172  1.00 0.00 ? 8  DG D "O5'"  1 
ATOM 1195 C "C5'"  . DG D 1 8  ? -6.610  -12.586 -1.319  1.00 0.00 ? 8  DG D "C5'"  1 
ATOM 1196 C "C4'"  . DG D 1 8  ? -5.215  -12.230 -1.808  1.00 0.00 ? 8  DG D "C4'"  1 
ATOM 1197 O "O4'"  . DG D 1 8  ? -5.105  -10.807 -1.732  1.00 0.00 ? 8  DG D "O4'"  1 
ATOM 1198 C "C3'"  . DG D 1 8  ? -4.013  -12.732 -1.009  1.00 0.00 ? 8  DG D "C3'"  1 
ATOM 1199 O "O3'"  . DG D 1 8  ? -2.726  -12.547 -1.598  1.00 0.00 ? 8  DG D "O3'"  1 
ATOM 1200 C "C2'"  . DG D 1 8  ? -4.115  -11.746 0.128   1.00 0.00 ? 8  DG D "C2'"  1 
ATOM 1201 C "C1'"  . DG D 1 8  ? -4.148  -10.484 -0.721  1.00 0.00 ? 8  DG D "C1'"  1 
ATOM 1202 N N9     . DG D 1 8  ? -4.471  -9.337  0.154   1.00 0.00 ? 8  DG D N9     1 
ATOM 1203 C C8     . DG D 1 8  ? -5.576  -8.531  0.297   1.00 0.00 ? 8  DG D C8     1 
ATOM 1204 N N7     . DG D 1 8  ? -5.453  -7.629  1.247   1.00 0.00 ? 8  DG D N7     1 
ATOM 1205 C C5     . DG D 1 8  ? -4.179  -7.865  1.754   1.00 0.00 ? 8  DG D C5     1 
ATOM 1206 C C6     . DG D 1 8  ? -3.472  -7.213  2.798   1.00 0.00 ? 8  DG D C6     1 
ATOM 1207 O O6     . DG D 1 8  ? -3.862  -6.270  3.486   1.00 0.00 ? 8  DG D O6     1 
ATOM 1208 N N1     . DG D 1 8  ? -2.202  -7.773  2.987   1.00 0.00 ? 8  DG D N1     1 
ATOM 1209 C C2     . DG D 1 8  ? -1.688  -8.837  2.249   1.00 0.00 ? 8  DG D C2     1 
ATOM 1210 N N2     . DG D 1 8  ? -0.464  -9.309  2.502   1.00 0.00 ? 8  DG D N2     1 
ATOM 1211 N N3     . DG D 1 8  ? -2.369  -9.432  1.275   1.00 0.00 ? 8  DG D N3     1 
ATOM 1212 C C4     . DG D 1 8  ? -3.589  -8.900  1.088   1.00 0.00 ? 8  DG D C4     1 
ATOM 1213 H "H5'"  . DG D 1 8  ? -6.719  -13.669 -1.279  1.00 0.00 ? 8  DG D "H5'"  1 
ATOM 1214 H "H5''" . DG D 1 8  ? -6.781  -12.163 -0.331  1.00 0.00 ? 8  DG D "H5''" 1 
ATOM 1215 H "H4'"  . DG D 1 8  ? -5.117  -12.543 -2.847  1.00 0.00 ? 8  DG D "H4'"  1 
ATOM 1216 H "H3'"  . DG D 1 8  ? -4.122  -13.774 -0.705  1.00 0.00 ? 8  DG D "H3'"  1 
ATOM 1217 H "H2'"  . DG D 1 8  ? -5.038  -11.883 0.689   1.00 0.00 ? 8  DG D "H2'"  1 
ATOM 1218 H "H2''" . DG D 1 8  ? -3.248  -11.747 0.788   1.00 0.00 ? 8  DG D "H2''" 1 
ATOM 1219 H "H1'"  . DG D 1 8  ? -3.167  -10.337 -1.171  1.00 0.00 ? 8  DG D "H1'"  1 
ATOM 1220 H H8     . DG D 1 8  ? -6.471  -8.630  -0.318  1.00 0.00 ? 8  DG D H8     1 
ATOM 1221 H H1     . DG D 1 8  ? -1.649  -7.347  3.723   1.00 0.00 ? 8  DG D H1     1 
ATOM 1222 H H21    . DG D 1 8  ? 0.130   -8.900  3.201   1.00 0.00 ? 8  DG D H21    1 
ATOM 1223 H H22    . DG D 1 8  ? -0.112  -10.103 1.980   1.00 0.00 ? 8  DG D H22    1 
ATOM 1224 P P      . DA D 1 9  ? -1.510  -13.530 -1.210  1.00 0.00 ? 9  DA D P      1 
ATOM 1225 O OP1    . DA D 1 9  ? -0.455  -13.387 -2.237  1.00 0.00 ? 9  DA D OP1    1 
ATOM 1226 O OP2    . DA D 1 9  ? -2.080  -14.871 -0.939  1.00 0.00 ? 9  DA D OP2    1 
ATOM 1227 O "O5'"  . DA D 1 9  ? -0.920  -12.990 0.180   1.00 0.00 ? 9  DA D "O5'"  1 
ATOM 1228 C "C5'"  . DA D 1 9  ? -0.985  -13.869 1.299   1.00 0.00 ? 9  DA D "C5'"  1 
ATOM 1229 C "C4'"  . DA D 1 9  ? -0.158  -13.340 2.465   1.00 0.00 ? 9  DA D "C4'"  1 
ATOM 1230 O "O4'"  . DA D 1 9  ? -0.663  -12.047 2.799   1.00 0.00 ? 9  DA D "O4'"  1 
ATOM 1231 C "C3'"  . DA D 1 9  ? -0.225  -14.091 3.799   1.00 0.00 ? 9  DA D "C3'"  1 
ATOM 1232 O "O3'"  . DA D 1 9  ? 0.613   -13.625 4.857   1.00 0.00 ? 9  DA D "O3'"  1 
ATOM 1233 C "C2'"  . DA D 1 9  ? -1.603  -13.620 4.227   1.00 0.00 ? 9  DA D "C2'"  1 
ATOM 1234 C "C1'"  . DA D 1 9  ? -1.261  -12.142 4.098   1.00 0.00 ? 9  DA D "C1'"  1 
ATOM 1235 N N9     . DA D 1 9  ? -2.409  -11.231 4.268   1.00 0.00 ? 9  DA D N9     1 
ATOM 1236 C C8     . DA D 1 9  ? -3.617  -11.206 3.616   1.00 0.00 ? 9  DA D C8     1 
ATOM 1237 N N7     . DA D 1 9  ? -4.421  -10.263 4.030   1.00 0.00 ? 9  DA D N7     1 
ATOM 1238 C C5     . DA D 1 9  ? -3.693  -9.624  5.020   1.00 0.00 ? 9  DA D C5     1 
ATOM 1239 C C6     . DA D 1 9  ? -3.989  -8.541  5.846   1.00 0.00 ? 9  DA D C6     1 
ATOM 1240 N N6     . DA D 1 9  ? -5.161  -7.908  5.794   1.00 0.00 ? 9  DA D N6     1 
ATOM 1241 N N1     . DA D 1 9  ? -3.038  -8.168  6.717   1.00 0.00 ? 9  DA D N1     1 
ATOM 1242 C C2     . DA D 1 9  ? -1.881  -8.818  6.766   1.00 0.00 ? 9  DA D C2     1 
ATOM 1243 N N3     . DA D 1 9  ? -1.492  -9.851  6.038   1.00 0.00 ? 9  DA D N3     1 
ATOM 1244 C C4     . DA D 1 9  ? -2.465  -10.206 5.172   1.00 0.00 ? 9  DA D C4     1 
ATOM 1245 H "H5'"  . DA D 1 9  ? -0.623  -14.853 0.997   1.00 0.00 ? 9  DA D "H5'"  1 
ATOM 1246 H "H5''" . DA D 1 9  ? -2.038  -13.953 1.559   1.00 0.00 ? 9  DA D "H5''" 1 
ATOM 1247 H "H4'"  . DA D 1 9  ? 0.878   -13.256 2.136   1.00 0.00 ? 9  DA D "H4'"  1 
ATOM 1248 H "H3'"  . DA D 1 9  ? -0.123  -15.167 3.673   1.00 0.00 ? 9  DA D "H3'"  1 
ATOM 1249 H "H2'"  . DA D 1 9  ? -2.377  -13.935 3.531   1.00 0.00 ? 9  DA D "H2'"  1 
ATOM 1250 H "H2''" . DA D 1 9  ? -1.863  -13.880 5.252   1.00 0.00 ? 9  DA D "H2''" 1 
ATOM 1251 H "H1'"  . DA D 1 9  ? -0.509  -11.915 4.853   1.00 0.00 ? 9  DA D "H1'"  1 
ATOM 1252 H H8     . DA D 1 9  ? -3.875  -11.910 2.828   1.00 0.00 ? 9  DA D H8     1 
ATOM 1253 H H61    . DA D 1 9  ? -5.328  -7.118  6.400   1.00 0.00 ? 9  DA D H61    1 
ATOM 1254 H H62    . DA D 1 9  ? -5.883  -8.215  5.155   1.00 0.00 ? 9  DA D H62    1 
ATOM 1255 H H2     . DA D 1 9  ? -1.152  -8.464  7.495   1.00 0.00 ? 9  DA D H2     1 
ATOM 1256 P P      . DT D 1 10 ? 2.191   -13.380 4.696   1.00 0.00 ? 10 DT D P      1 
ATOM 1257 O OP1    . DT D 1 10 ? 2.412   -11.981 4.278   1.00 0.00 ? 10 DT D OP1    1 
ATOM 1258 O OP2    . DT D 1 10 ? 2.772   -14.508 3.933   1.00 0.00 ? 10 DT D OP2    1 
ATOM 1259 O "O5'"  . DT D 1 10 ? 2.598   -13.521 6.237   1.00 0.00 ? 10 DT D "O5'"  1 
ATOM 1260 C "C5'"  . DT D 1 10 ? 2.020   -12.550 7.101   1.00 0.00 ? 10 DT D "C5'"  1 
ATOM 1261 C "C4'"  . DT D 1 10 ? 1.128   -13.142 8.175   1.00 0.00 ? 10 DT D "C4'"  1 
ATOM 1262 O "O4'"  . DT D 1 10 ? 0.459   -12.057 8.820   1.00 0.00 ? 10 DT D "O4'"  1 
ATOM 1263 C "C3'"  . DT D 1 10 ? -0.071  -13.970 7.764   1.00 0.00 ? 10 DT D "C3'"  1 
ATOM 1264 O "O3'"  . DT D 1 10 ? 0.286   -15.217 7.171   1.00 0.00 ? 10 DT D "O3'"  1 
ATOM 1265 C "C2'"  . DT D 1 10 ? -0.689  -14.058 9.153   1.00 0.00 ? 10 DT D "C2'"  1 
ATOM 1266 C "C1'"  . DT D 1 10 ? -0.731  -12.553 9.469   1.00 0.00 ? 10 DT D "C1'"  1 
ATOM 1267 N N1     . DT D 1 10 ? -1.973  -11.817 9.090   1.00 0.00 ? 10 DT D N1     1 
ATOM 1268 C C2     . DT D 1 10 ? -2.229  -10.592 9.705   1.00 0.00 ? 10 DT D C2     1 
ATOM 1269 O O2     . DT D 1 10 ? -1.459  -10.103 10.534  1.00 0.00 ? 10 DT D O2     1 
ATOM 1270 N N3     . DT D 1 10 ? -3.414  -9.953  9.326   1.00 0.00 ? 10 DT D N3     1 
ATOM 1271 C C4     . DT D 1 10 ? -4.340  -10.430 8.402   1.00 0.00 ? 10 DT D C4     1 
ATOM 1272 O O4     . DT D 1 10 ? -5.370  -9.814  8.118   1.00 0.00 ? 10 DT D O4     1 
ATOM 1273 C C5     . DT D 1 10 ? -3.975  -11.698 7.829   1.00 0.00 ? 10 DT D C5     1 
ATOM 1274 C C7     . DT D 1 10 ? -4.898  -12.332 6.805   1.00 0.00 ? 10 DT D C7     1 
ATOM 1275 C C6     . DT D 1 10 ? -2.846  -12.335 8.172   1.00 0.00 ? 10 DT D C6     1 
ATOM 1276 H "H5'"  . DT D 1 10 ? 1.439   -11.868 6.479   1.00 0.00 ? 10 DT D "H5'"  1 
ATOM 1277 H "H5''" . DT D 1 10 ? 2.821   -12.007 7.595   1.00 0.00 ? 10 DT D "H5''" 1 
ATOM 1278 H "H4'"  . DT D 1 10 ? 1.731   -13.688 8.903   1.00 0.00 ? 10 DT D "H4'"  1 
ATOM 1279 H "H3'"  . DT D 1 10 ? -0.686  -13.391 7.079   1.00 0.00 ? 10 DT D "H3'"  1 
ATOM 1280 H "HO3'" . DT D 1 10 ? 0.845   -14.997 6.419   1.00 0.00 ? 10 DT D "HO3'" 1 
ATOM 1281 H "H2'"  . DT D 1 10 ? -1.663  -14.548 9.217   1.00 0.00 ? 10 DT D "H2'"  1 
ATOM 1282 H "H2''" . DT D 1 10 ? 0.028   -14.558 9.805   1.00 0.00 ? 10 DT D "H2''" 1 
ATOM 1283 H "H1'"  . DT D 1 10 ? -0.592  -12.434 10.542  1.00 0.00 ? 10 DT D "H1'"  1 
ATOM 1284 H H3     . DT D 1 10 ? -3.629  -9.057  9.757   1.00 0.00 ? 10 DT D H3     1 
ATOM 1285 H H71    . DT D 1 10 ? -4.335  -12.552 5.898   1.00 0.00 ? 10 DT D H71    1 
ATOM 1286 H H72    . DT D 1 10 ? -5.312  -13.252 7.215   1.00 0.00 ? 10 DT D H72    1 
ATOM 1287 H H73    . DT D 1 10 ? -5.703  -11.636 6.577   1.00 0.00 ? 10 DT D H73    1 
ATOM 1288 H H6     . DT D 1 10 ? -2.647  -13.291 7.692   1.00 0.00 ? 10 DT D H6     1 
# 
